data_1LIN
# 
_entry.id   1LIN 
# 
_audit_conform.dict_name       mmcif_pdbx.dic 
_audit_conform.dict_version    5.386 
_audit_conform.dict_location   http://mmcif.pdb.org/dictionaries/ascii/mmcif_pdbx.dic 
# 
loop_
_database_2.database_id 
_database_2.database_code 
_database_2.pdbx_database_accession 
_database_2.pdbx_DOI 
PDB   1LIN         pdb_00001lin 10.2210/pdb1lin/pdb 
WWPDB D_1000174737 ?            ?                   
# 
loop_
_pdbx_audit_revision_history.ordinal 
_pdbx_audit_revision_history.data_content_type 
_pdbx_audit_revision_history.major_revision 
_pdbx_audit_revision_history.minor_revision 
_pdbx_audit_revision_history.revision_date 
1 'Structure model' 1 0 1996-03-08 
2 'Structure model' 1 1 2008-03-24 
3 'Structure model' 1 2 2011-07-13 
4 'Structure model' 1 3 2018-04-18 
5 'Structure model' 1 4 2024-02-14 
# 
_pdbx_audit_revision_details.ordinal             1 
_pdbx_audit_revision_details.revision_ordinal    1 
_pdbx_audit_revision_details.data_content_type   'Structure model' 
_pdbx_audit_revision_details.provider            repository 
_pdbx_audit_revision_details.type                'Initial release' 
_pdbx_audit_revision_details.description         ? 
_pdbx_audit_revision_details.details             ? 
# 
loop_
_pdbx_audit_revision_group.ordinal 
_pdbx_audit_revision_group.revision_ordinal 
_pdbx_audit_revision_group.data_content_type 
_pdbx_audit_revision_group.group 
1 2 'Structure model' 'Version format compliance' 
2 3 'Structure model' 'Version format compliance' 
3 4 'Structure model' 'Data collection'           
4 4 'Structure model' Other                       
5 5 'Structure model' 'Data collection'           
6 5 'Structure model' 'Database references'       
7 5 'Structure model' 'Derived calculations'      
# 
loop_
_pdbx_audit_revision_category.ordinal 
_pdbx_audit_revision_category.revision_ordinal 
_pdbx_audit_revision_category.data_content_type 
_pdbx_audit_revision_category.category 
1 4 'Structure model' diffrn_detector        
2 4 'Structure model' diffrn_source          
3 4 'Structure model' pdbx_database_status   
4 5 'Structure model' chem_comp_atom         
5 5 'Structure model' chem_comp_bond         
6 5 'Structure model' database_2             
7 5 'Structure model' pdbx_struct_conn_angle 
8 5 'Structure model' struct_conn            
9 5 'Structure model' struct_site            
# 
loop_
_pdbx_audit_revision_item.ordinal 
_pdbx_audit_revision_item.revision_ordinal 
_pdbx_audit_revision_item.data_content_type 
_pdbx_audit_revision_item.item 
1  4 'Structure model' '_diffrn_detector.detector'                   
2  4 'Structure model' '_diffrn_source.pdbx_synchrotron_site'        
3  4 'Structure model' '_pdbx_database_status.process_site'          
4  5 'Structure model' '_database_2.pdbx_DOI'                        
5  5 'Structure model' '_database_2.pdbx_database_accession'         
6  5 'Structure model' '_pdbx_struct_conn_angle.ptnr1_auth_comp_id'  
7  5 'Structure model' '_pdbx_struct_conn_angle.ptnr1_auth_seq_id'   
8  5 'Structure model' '_pdbx_struct_conn_angle.ptnr1_label_asym_id' 
9  5 'Structure model' '_pdbx_struct_conn_angle.ptnr1_label_atom_id' 
10 5 'Structure model' '_pdbx_struct_conn_angle.ptnr1_label_comp_id' 
11 5 'Structure model' '_pdbx_struct_conn_angle.ptnr1_label_seq_id'  
12 5 'Structure model' '_pdbx_struct_conn_angle.ptnr3_auth_comp_id'  
13 5 'Structure model' '_pdbx_struct_conn_angle.ptnr3_auth_seq_id'   
14 5 'Structure model' '_pdbx_struct_conn_angle.ptnr3_label_asym_id' 
15 5 'Structure model' '_pdbx_struct_conn_angle.ptnr3_label_atom_id' 
16 5 'Structure model' '_pdbx_struct_conn_angle.ptnr3_label_comp_id' 
17 5 'Structure model' '_pdbx_struct_conn_angle.ptnr3_label_seq_id'  
18 5 'Structure model' '_pdbx_struct_conn_angle.value'               
19 5 'Structure model' '_struct_conn.pdbx_dist_value'                
20 5 'Structure model' '_struct_conn.ptnr1_auth_comp_id'             
21 5 'Structure model' '_struct_conn.ptnr1_auth_seq_id'              
22 5 'Structure model' '_struct_conn.ptnr1_label_asym_id'            
23 5 'Structure model' '_struct_conn.ptnr1_label_atom_id'            
24 5 'Structure model' '_struct_conn.ptnr1_label_comp_id'            
25 5 'Structure model' '_struct_conn.ptnr1_label_seq_id'             
26 5 'Structure model' '_struct_conn.ptnr2_auth_comp_id'             
27 5 'Structure model' '_struct_conn.ptnr2_auth_seq_id'              
28 5 'Structure model' '_struct_conn.ptnr2_label_asym_id'            
29 5 'Structure model' '_struct_conn.ptnr2_label_atom_id'            
30 5 'Structure model' '_struct_conn.ptnr2_label_comp_id'            
31 5 'Structure model' '_struct_conn.ptnr2_label_seq_id'             
32 5 'Structure model' '_struct_site.pdbx_auth_asym_id'              
33 5 'Structure model' '_struct_site.pdbx_auth_comp_id'              
34 5 'Structure model' '_struct_site.pdbx_auth_seq_id'               
# 
_pdbx_database_status.status_code                     REL 
_pdbx_database_status.entry_id                        1LIN 
_pdbx_database_status.recvd_initial_deposition_date   1995-10-11 
_pdbx_database_status.deposit_site                    ? 
_pdbx_database_status.process_site                    BNL 
_pdbx_database_status.SG_entry                        . 
_pdbx_database_status.status_code_sf                  ? 
_pdbx_database_status.status_code_mr                  ? 
_pdbx_database_status.pdb_format_compatible           Y 
_pdbx_database_status.status_code_cs                  ? 
_pdbx_database_status.methods_development_category    ? 
_pdbx_database_status.status_code_nmr_data            ? 
# 
loop_
_audit_author.name 
_audit_author.pdbx_ordinal 
'Vandonselaar, M.' 1 
'Hickie, R.A.'     2 
'Quail, J.W.'      3 
'Delbaere, L.T.J.' 4 
# 
loop_
_citation.id 
_citation.title 
_citation.journal_abbrev 
_citation.journal_volume 
_citation.page_first 
_citation.page_last 
_citation.year 
_citation.journal_id_ASTM 
_citation.country 
_citation.journal_id_ISSN 
_citation.journal_id_CSD 
_citation.book_publisher 
_citation.pdbx_database_id_PubMed 
_citation.pdbx_database_id_DOI 
primary 'Trifluoperazine-induced conformational change in Ca(2+)-calmodulin.'     Nat.Struct.Biol. 1   795 801 1994 NSBIEW US 
1072-8368 2024 ? 7634090 10.1038/nsb1194-795 
1       'Preliminary X-Ray Data for the Calmodulin(Slash)Trifluoperazine Complex' J.Mol.Biol.      177 559 ?   1984 JMOBAK UK 
0022-2836 0070 ? ?       ?                   
# 
loop_
_citation_author.citation_id 
_citation_author.name 
_citation_author.ordinal 
_citation_author.identifier_ORCID 
primary 'Vandonselaar, M.' 1 ? 
primary 'Hickie, R.A.'     2 ? 
primary 'Quail, J.W.'      3 ? 
primary 'Delbaere, L.T.'   4 ? 
1       'Gehrig, L.M.B.'   5 ? 
1       'Delbaere, L.T.J.' 6 ? 
1       'Hickie, R.A.'     7 ? 
# 
loop_
_entity.id 
_entity.type 
_entity.src_method 
_entity.pdbx_description 
_entity.formula_weight 
_entity.pdbx_number_of_molecules 
_entity.pdbx_ec 
_entity.pdbx_mutation 
_entity.pdbx_fragment 
_entity.details 
1 polymer     nat CALMODULIN                                                                    16721.350 1  ? ? ? ? 
2 non-polymer syn 'CALCIUM ION'                                                                 40.078    4  ? ? ? ? 
3 non-polymer syn '10-[3-(4-METHYL-PIPERAZIN-1-YL)-PROPYL]-2-TRIFLUOROMETHYL-10H-PHENOTHIAZINE' 407.496   4  ? ? ? ? 
4 water       nat water                                                                         18.015    66 ? ? ? ? 
# 
_entity_poly.entity_id                      1 
_entity_poly.type                           'polypeptide(L)' 
_entity_poly.nstd_linkage                   no 
_entity_poly.nstd_monomer                   no 
_entity_poly.pdbx_seq_one_letter_code       
;ADQLTEEQIAEFKEAFSLFDKDGDGTITTKELGTVMRSLGQNPTEAELQDMINEVDADGNGTIDFPEFLTMMARKMKDTD
SEEEIREAFRVFDKDGNGYISAAELRHVMTNLGEKLTDEEVDEMIREADIDGDGQVNYEEFVQMMTAK
;
_entity_poly.pdbx_seq_one_letter_code_can   
;ADQLTEEQIAEFKEAFSLFDKDGDGTITTKELGTVMRSLGQNPTEAELQDMINEVDADGNGTIDFPEFLTMMARKMKDTD
SEEEIREAFRVFDKDGNGYISAAELRHVMTNLGEKLTDEEVDEMIREADIDGDGQVNYEEFVQMMTAK
;
_entity_poly.pdbx_strand_id                 A 
_entity_poly.pdbx_target_identifier         ? 
# 
loop_
_pdbx_entity_nonpoly.entity_id 
_pdbx_entity_nonpoly.name 
_pdbx_entity_nonpoly.comp_id 
2 'CALCIUM ION'                                                                 CA  
3 '10-[3-(4-METHYL-PIPERAZIN-1-YL)-PROPYL]-2-TRIFLUOROMETHYL-10H-PHENOTHIAZINE' TFP 
4 water                                                                         HOH 
# 
loop_
_entity_poly_seq.entity_id 
_entity_poly_seq.num 
_entity_poly_seq.mon_id 
_entity_poly_seq.hetero 
1 1   ALA n 
1 2   ASP n 
1 3   GLN n 
1 4   LEU n 
1 5   THR n 
1 6   GLU n 
1 7   GLU n 
1 8   GLN n 
1 9   ILE n 
1 10  ALA n 
1 11  GLU n 
1 12  PHE n 
1 13  LYS n 
1 14  GLU n 
1 15  ALA n 
1 16  PHE n 
1 17  SER n 
1 18  LEU n 
1 19  PHE n 
1 20  ASP n 
1 21  LYS n 
1 22  ASP n 
1 23  GLY n 
1 24  ASP n 
1 25  GLY n 
1 26  THR n 
1 27  ILE n 
1 28  THR n 
1 29  THR n 
1 30  LYS n 
1 31  GLU n 
1 32  LEU n 
1 33  GLY n 
1 34  THR n 
1 35  VAL n 
1 36  MET n 
1 37  ARG n 
1 38  SER n 
1 39  LEU n 
1 40  GLY n 
1 41  GLN n 
1 42  ASN n 
1 43  PRO n 
1 44  THR n 
1 45  GLU n 
1 46  ALA n 
1 47  GLU n 
1 48  LEU n 
1 49  GLN n 
1 50  ASP n 
1 51  MET n 
1 52  ILE n 
1 53  ASN n 
1 54  GLU n 
1 55  VAL n 
1 56  ASP n 
1 57  ALA n 
1 58  ASP n 
1 59  GLY n 
1 60  ASN n 
1 61  GLY n 
1 62  THR n 
1 63  ILE n 
1 64  ASP n 
1 65  PHE n 
1 66  PRO n 
1 67  GLU n 
1 68  PHE n 
1 69  LEU n 
1 70  THR n 
1 71  MET n 
1 72  MET n 
1 73  ALA n 
1 74  ARG n 
1 75  LYS n 
1 76  MET n 
1 77  LYS n 
1 78  ASP n 
1 79  THR n 
1 80  ASP n 
1 81  SER n 
1 82  GLU n 
1 83  GLU n 
1 84  GLU n 
1 85  ILE n 
1 86  ARG n 
1 87  GLU n 
1 88  ALA n 
1 89  PHE n 
1 90  ARG n 
1 91  VAL n 
1 92  PHE n 
1 93  ASP n 
1 94  LYS n 
1 95  ASP n 
1 96  GLY n 
1 97  ASN n 
1 98  GLY n 
1 99  TYR n 
1 100 ILE n 
1 101 SER n 
1 102 ALA n 
1 103 ALA n 
1 104 GLU n 
1 105 LEU n 
1 106 ARG n 
1 107 HIS n 
1 108 VAL n 
1 109 MET n 
1 110 THR n 
1 111 ASN n 
1 112 LEU n 
1 113 GLY n 
1 114 GLU n 
1 115 LYS n 
1 116 LEU n 
1 117 THR n 
1 118 ASP n 
1 119 GLU n 
1 120 GLU n 
1 121 VAL n 
1 122 ASP n 
1 123 GLU n 
1 124 MET n 
1 125 ILE n 
1 126 ARG n 
1 127 GLU n 
1 128 ALA n 
1 129 ASP n 
1 130 ILE n 
1 131 ASP n 
1 132 GLY n 
1 133 ASP n 
1 134 GLY n 
1 135 GLN n 
1 136 VAL n 
1 137 ASN n 
1 138 TYR n 
1 139 GLU n 
1 140 GLU n 
1 141 PHE n 
1 142 VAL n 
1 143 GLN n 
1 144 MET n 
1 145 MET n 
1 146 THR n 
1 147 ALA n 
1 148 LYS n 
# 
_entity_src_nat.entity_id                  1 
_entity_src_nat.pdbx_src_id                1 
_entity_src_nat.pdbx_alt_source_flag       sample 
_entity_src_nat.pdbx_beg_seq_num           ? 
_entity_src_nat.pdbx_end_seq_num           ? 
_entity_src_nat.common_name                cattle 
_entity_src_nat.pdbx_organism_scientific   'Bos taurus' 
_entity_src_nat.pdbx_ncbi_taxonomy_id      9913 
_entity_src_nat.genus                      Bos 
_entity_src_nat.species                    ? 
_entity_src_nat.strain                     ? 
_entity_src_nat.tissue                     ? 
_entity_src_nat.tissue_fraction            ? 
_entity_src_nat.pdbx_secretion             ? 
_entity_src_nat.pdbx_fragment              ? 
_entity_src_nat.pdbx_variant               ? 
_entity_src_nat.pdbx_cell_line             ? 
_entity_src_nat.pdbx_atcc                  ? 
_entity_src_nat.pdbx_cellular_location     ? 
_entity_src_nat.pdbx_organ                 BRAIN 
_entity_src_nat.pdbx_organelle             ? 
_entity_src_nat.pdbx_cell                  ? 
_entity_src_nat.pdbx_plasmid_name          ? 
_entity_src_nat.pdbx_plasmid_details       ? 
_entity_src_nat.details                    ? 
# 
loop_
_chem_comp.id 
_chem_comp.type 
_chem_comp.mon_nstd_flag 
_chem_comp.name 
_chem_comp.pdbx_synonyms 
_chem_comp.formula 
_chem_comp.formula_weight 
ALA 'L-peptide linking' y ALANINE                                                                       ? 'C3 H7 N O2'      89.093 
ARG 'L-peptide linking' y ARGININE                                                                      ? 'C6 H15 N4 O2 1'  
175.209 
ASN 'L-peptide linking' y ASPARAGINE                                                                    ? 'C4 H8 N2 O3'     
132.118 
ASP 'L-peptide linking' y 'ASPARTIC ACID'                                                               ? 'C4 H7 N O4'      
133.103 
CA  non-polymer         . 'CALCIUM ION'                                                                 ? 'Ca 2'            40.078 
GLN 'L-peptide linking' y GLUTAMINE                                                                     ? 'C5 H10 N2 O3'    
146.144 
GLU 'L-peptide linking' y 'GLUTAMIC ACID'                                                               ? 'C5 H9 N O4'      
147.129 
GLY 'peptide linking'   y GLYCINE                                                                       ? 'C2 H5 N O2'      75.067 
HIS 'L-peptide linking' y HISTIDINE                                                                     ? 'C6 H10 N3 O2 1'  
156.162 
HOH non-polymer         . WATER                                                                         ? 'H2 O'            18.015 
ILE 'L-peptide linking' y ISOLEUCINE                                                                    ? 'C6 H13 N O2'     
131.173 
LEU 'L-peptide linking' y LEUCINE                                                                       ? 'C6 H13 N O2'     
131.173 
LYS 'L-peptide linking' y LYSINE                                                                        ? 'C6 H15 N2 O2 1'  
147.195 
MET 'L-peptide linking' y METHIONINE                                                                    ? 'C5 H11 N O2 S'   
149.211 
PHE 'L-peptide linking' y PHENYLALANINE                                                                 ? 'C9 H11 N O2'     
165.189 
PRO 'L-peptide linking' y PROLINE                                                                       ? 'C5 H9 N O2'      
115.130 
SER 'L-peptide linking' y SERINE                                                                        ? 'C3 H7 N O3'      
105.093 
TFP non-polymer         . '10-[3-(4-METHYL-PIPERAZIN-1-YL)-PROPYL]-2-TRIFLUOROMETHYL-10H-PHENOTHIAZINE' ? 'C21 H24 F3 N3 S' 
407.496 
THR 'L-peptide linking' y THREONINE                                                                     ? 'C4 H9 N O3'      
119.119 
TYR 'L-peptide linking' y TYROSINE                                                                      ? 'C9 H11 N O3'     
181.189 
VAL 'L-peptide linking' y VALINE                                                                        ? 'C5 H11 N O2'     
117.146 
# 
loop_
_pdbx_poly_seq_scheme.asym_id 
_pdbx_poly_seq_scheme.entity_id 
_pdbx_poly_seq_scheme.seq_id 
_pdbx_poly_seq_scheme.mon_id 
_pdbx_poly_seq_scheme.ndb_seq_num 
_pdbx_poly_seq_scheme.pdb_seq_num 
_pdbx_poly_seq_scheme.auth_seq_num 
_pdbx_poly_seq_scheme.pdb_mon_id 
_pdbx_poly_seq_scheme.auth_mon_id 
_pdbx_poly_seq_scheme.pdb_strand_id 
_pdbx_poly_seq_scheme.pdb_ins_code 
_pdbx_poly_seq_scheme.hetero 
A 1 1   ALA 1   1   ?   ?   ?   A . n 
A 1 2   ASP 2   2   ?   ?   ?   A . n 
A 1 3   GLN 3   3   3   GLN GLN A . n 
A 1 4   LEU 4   4   4   LEU LEU A . n 
A 1 5   THR 5   5   5   THR THR A . n 
A 1 6   GLU 6   6   6   GLU GLU A . n 
A 1 7   GLU 7   7   7   GLU GLU A . n 
A 1 8   GLN 8   8   8   GLN GLN A . n 
A 1 9   ILE 9   9   9   ILE ILE A . n 
A 1 10  ALA 10  10  10  ALA ALA A . n 
A 1 11  GLU 11  11  11  GLU GLU A . n 
A 1 12  PHE 12  12  12  PHE PHE A . n 
A 1 13  LYS 13  13  13  LYS LYS A . n 
A 1 14  GLU 14  14  14  GLU GLU A . n 
A 1 15  ALA 15  15  15  ALA ALA A . n 
A 1 16  PHE 16  16  16  PHE PHE A . n 
A 1 17  SER 17  17  17  SER SER A . n 
A 1 18  LEU 18  18  18  LEU LEU A . n 
A 1 19  PHE 19  19  19  PHE PHE A . n 
A 1 20  ASP 20  20  20  ASP ASP A . n 
A 1 21  LYS 21  21  21  LYS LYS A . n 
A 1 22  ASP 22  22  22  ASP ASP A . n 
A 1 23  GLY 23  23  23  GLY GLY A . n 
A 1 24  ASP 24  24  24  ASP ASP A . n 
A 1 25  GLY 25  25  25  GLY GLY A . n 
A 1 26  THR 26  26  26  THR THR A . n 
A 1 27  ILE 27  27  27  ILE ILE A . n 
A 1 28  THR 28  28  28  THR THR A . n 
A 1 29  THR 29  29  29  THR THR A . n 
A 1 30  LYS 30  30  30  LYS LYS A . n 
A 1 31  GLU 31  31  31  GLU GLU A . n 
A 1 32  LEU 32  32  32  LEU LEU A . n 
A 1 33  GLY 33  33  33  GLY GLY A . n 
A 1 34  THR 34  34  34  THR THR A . n 
A 1 35  VAL 35  35  35  VAL VAL A . n 
A 1 36  MET 36  36  36  MET MET A . n 
A 1 37  ARG 37  37  37  ARG ARG A . n 
A 1 38  SER 38  38  38  SER SER A . n 
A 1 39  LEU 39  39  39  LEU LEU A . n 
A 1 40  GLY 40  40  40  GLY GLY A . n 
A 1 41  GLN 41  41  41  GLN GLN A . n 
A 1 42  ASN 42  42  42  ASN ASN A . n 
A 1 43  PRO 43  43  43  PRO PRO A . n 
A 1 44  THR 44  44  44  THR THR A . n 
A 1 45  GLU 45  45  45  GLU GLU A . n 
A 1 46  ALA 46  46  46  ALA ALA A . n 
A 1 47  GLU 47  47  47  GLU GLU A . n 
A 1 48  LEU 48  48  48  LEU LEU A . n 
A 1 49  GLN 49  49  49  GLN GLN A . n 
A 1 50  ASP 50  50  50  ASP ASP A . n 
A 1 51  MET 51  51  51  MET MET A . n 
A 1 52  ILE 52  52  52  ILE ILE A . n 
A 1 53  ASN 53  53  53  ASN ASN A . n 
A 1 54  GLU 54  54  54  GLU GLU A . n 
A 1 55  VAL 55  55  55  VAL VAL A . n 
A 1 56  ASP 56  56  56  ASP ASP A . n 
A 1 57  ALA 57  57  57  ALA ALA A . n 
A 1 58  ASP 58  58  58  ASP ASP A . n 
A 1 59  GLY 59  59  59  GLY GLY A . n 
A 1 60  ASN 60  60  60  ASN ASN A . n 
A 1 61  GLY 61  61  61  GLY GLY A . n 
A 1 62  THR 62  62  62  THR THR A . n 
A 1 63  ILE 63  63  63  ILE ILE A . n 
A 1 64  ASP 64  64  64  ASP ASP A . n 
A 1 65  PHE 65  65  65  PHE PHE A . n 
A 1 66  PRO 66  66  66  PRO PRO A . n 
A 1 67  GLU 67  67  67  GLU GLU A . n 
A 1 68  PHE 68  68  68  PHE PHE A . n 
A 1 69  LEU 69  69  69  LEU LEU A . n 
A 1 70  THR 70  70  70  THR THR A . n 
A 1 71  MET 71  71  71  MET MET A . n 
A 1 72  MET 72  72  72  MET MET A . n 
A 1 73  ALA 73  73  73  ALA ALA A . n 
A 1 74  ARG 74  74  74  ARG ARG A . n 
A 1 75  LYS 75  75  75  LYS LYS A . n 
A 1 76  MET 76  76  76  MET MET A . n 
A 1 77  LYS 77  77  77  LYS LYS A . n 
A 1 78  ASP 78  78  78  ASP ASP A . n 
A 1 79  THR 79  79  79  THR THR A . n 
A 1 80  ASP 80  80  80  ASP ASP A . n 
A 1 81  SER 81  81  81  SER SER A . n 
A 1 82  GLU 82  82  82  GLU GLU A . n 
A 1 83  GLU 83  83  83  GLU GLU A . n 
A 1 84  GLU 84  84  84  GLU GLU A . n 
A 1 85  ILE 85  85  85  ILE ILE A . n 
A 1 86  ARG 86  86  86  ARG ARG A . n 
A 1 87  GLU 87  87  87  GLU GLU A . n 
A 1 88  ALA 88  88  88  ALA ALA A . n 
A 1 89  PHE 89  89  89  PHE PHE A . n 
A 1 90  ARG 90  90  90  ARG ARG A . n 
A 1 91  VAL 91  91  91  VAL VAL A . n 
A 1 92  PHE 92  92  92  PHE PHE A . n 
A 1 93  ASP 93  93  93  ASP ASP A . n 
A 1 94  LYS 94  94  94  LYS LYS A . n 
A 1 95  ASP 95  95  95  ASP ASP A . n 
A 1 96  GLY 96  96  96  GLY GLY A . n 
A 1 97  ASN 97  97  97  ASN ASN A . n 
A 1 98  GLY 98  98  98  GLY GLY A . n 
A 1 99  TYR 99  99  99  TYR TYR A . n 
A 1 100 ILE 100 100 100 ILE ILE A . n 
A 1 101 SER 101 101 101 SER SER A . n 
A 1 102 ALA 102 102 102 ALA ALA A . n 
A 1 103 ALA 103 103 103 ALA ALA A . n 
A 1 104 GLU 104 104 104 GLU GLU A . n 
A 1 105 LEU 105 105 105 LEU LEU A . n 
A 1 106 ARG 106 106 106 ARG ARG A . n 
A 1 107 HIS 107 107 107 HIS HIS A . n 
A 1 108 VAL 108 108 108 VAL VAL A . n 
A 1 109 MET 109 109 109 MET MET A . n 
A 1 110 THR 110 110 110 THR THR A . n 
A 1 111 ASN 111 111 111 ASN ASN A . n 
A 1 112 LEU 112 112 112 LEU LEU A . n 
A 1 113 GLY 113 113 113 GLY GLY A . n 
A 1 114 GLU 114 114 114 GLU GLU A . n 
A 1 115 LYS 115 115 115 LYS LYS A . n 
A 1 116 LEU 116 116 116 LEU LEU A . n 
A 1 117 THR 117 117 117 THR THR A . n 
A 1 118 ASP 118 118 118 ASP ASP A . n 
A 1 119 GLU 119 119 119 GLU GLU A . n 
A 1 120 GLU 120 120 120 GLU GLU A . n 
A 1 121 VAL 121 121 121 VAL VAL A . n 
A 1 122 ASP 122 122 122 ASP ASP A . n 
A 1 123 GLU 123 123 123 GLU GLU A . n 
A 1 124 MET 124 124 124 MET MET A . n 
A 1 125 ILE 125 125 125 ILE ILE A . n 
A 1 126 ARG 126 126 126 ARG ARG A . n 
A 1 127 GLU 127 127 127 GLU GLU A . n 
A 1 128 ALA 128 128 128 ALA ALA A . n 
A 1 129 ASP 129 129 129 ASP ASP A . n 
A 1 130 ILE 130 130 130 ILE ILE A . n 
A 1 131 ASP 131 131 131 ASP ASP A . n 
A 1 132 GLY 132 132 132 GLY GLY A . n 
A 1 133 ASP 133 133 133 ASP ASP A . n 
A 1 134 GLY 134 134 134 GLY GLY A . n 
A 1 135 GLN 135 135 135 GLN GLN A . n 
A 1 136 VAL 136 136 136 VAL VAL A . n 
A 1 137 ASN 137 137 137 ASN ASN A . n 
A 1 138 TYR 138 138 138 TYR TYR A . n 
A 1 139 GLU 139 139 139 GLU GLU A . n 
A 1 140 GLU 140 140 140 GLU GLU A . n 
A 1 141 PHE 141 141 141 PHE PHE A . n 
A 1 142 VAL 142 142 142 VAL VAL A . n 
A 1 143 GLN 143 143 143 GLN GLN A . n 
A 1 144 MET 144 144 144 MET MET A . n 
A 1 145 MET 145 145 145 MET MET A . n 
A 1 146 THR 146 146 146 THR THR A . n 
A 1 147 ALA 147 147 147 ALA ALA A . n 
A 1 148 LYS 148 148 148 LYS LYS A . n 
# 
loop_
_pdbx_nonpoly_scheme.asym_id 
_pdbx_nonpoly_scheme.entity_id 
_pdbx_nonpoly_scheme.mon_id 
_pdbx_nonpoly_scheme.ndb_seq_num 
_pdbx_nonpoly_scheme.pdb_seq_num 
_pdbx_nonpoly_scheme.auth_seq_num 
_pdbx_nonpoly_scheme.pdb_mon_id 
_pdbx_nonpoly_scheme.auth_mon_id 
_pdbx_nonpoly_scheme.pdb_strand_id 
_pdbx_nonpoly_scheme.pdb_ins_code 
B 2 CA  1  149 149 CA  CA  A . 
C 2 CA  1  150 150 CA  CA  A . 
D 2 CA  1  151 151 CA  CA  A . 
E 2 CA  1  152 152 CA  CA  A . 
F 3 TFP 1  153 153 TFP TFP A . 
G 3 TFP 1  154 154 TFP TFP A . 
H 3 TFP 1  155 155 TFP TFP A . 
I 3 TFP 1  156 156 TFP TFP A . 
J 4 HOH 1  157 157 HOH HOH A . 
J 4 HOH 2  158 158 HOH HOH A . 
J 4 HOH 3  159 159 HOH HOH A . 
J 4 HOH 4  160 160 HOH HOH A . 
J 4 HOH 5  161 161 HOH HOH A . 
J 4 HOH 6  162 162 HOH HOH A . 
J 4 HOH 7  163 163 HOH HOH A . 
J 4 HOH 8  164 164 HOH HOH A . 
J 4 HOH 9  165 165 HOH HOH A . 
J 4 HOH 10 166 166 HOH HOH A . 
J 4 HOH 11 167 167 HOH HOH A . 
J 4 HOH 12 168 168 HOH HOH A . 
J 4 HOH 13 169 169 HOH HOH A . 
J 4 HOH 14 170 170 HOH HOH A . 
J 4 HOH 15 171 171 HOH HOH A . 
J 4 HOH 16 172 172 HOH HOH A . 
J 4 HOH 17 173 173 HOH HOH A . 
J 4 HOH 18 174 174 HOH HOH A . 
J 4 HOH 19 175 175 HOH HOH A . 
J 4 HOH 20 176 176 HOH HOH A . 
J 4 HOH 21 177 177 HOH HOH A . 
J 4 HOH 22 178 178 HOH HOH A . 
J 4 HOH 23 179 179 HOH HOH A . 
J 4 HOH 24 180 180 HOH HOH A . 
J 4 HOH 25 181 181 HOH HOH A . 
J 4 HOH 26 182 182 HOH HOH A . 
J 4 HOH 27 183 183 HOH HOH A . 
J 4 HOH 28 184 184 HOH HOH A . 
J 4 HOH 29 185 185 HOH HOH A . 
J 4 HOH 30 186 186 HOH HOH A . 
J 4 HOH 31 187 187 HOH HOH A . 
J 4 HOH 32 188 188 HOH HOH A . 
J 4 HOH 33 189 189 HOH HOH A . 
J 4 HOH 34 190 190 HOH HOH A . 
J 4 HOH 35 191 191 HOH HOH A . 
J 4 HOH 36 192 192 HOH HOH A . 
J 4 HOH 37 193 193 HOH HOH A . 
J 4 HOH 38 194 194 HOH HOH A . 
J 4 HOH 39 195 195 HOH HOH A . 
J 4 HOH 40 196 196 HOH HOH A . 
J 4 HOH 41 197 197 HOH HOH A . 
J 4 HOH 42 198 198 HOH HOH A . 
J 4 HOH 43 199 199 HOH HOH A . 
J 4 HOH 44 200 200 HOH HOH A . 
J 4 HOH 45 201 201 HOH HOH A . 
J 4 HOH 46 202 202 HOH HOH A . 
J 4 HOH 47 203 203 HOH HOH A . 
J 4 HOH 48 204 204 HOH HOH A . 
J 4 HOH 49 205 205 HOH HOH A . 
J 4 HOH 50 206 206 HOH HOH A . 
J 4 HOH 51 207 207 HOH HOH A . 
J 4 HOH 52 208 208 HOH HOH A . 
J 4 HOH 53 209 209 HOH HOH A . 
J 4 HOH 54 210 210 HOH HOH A . 
J 4 HOH 55 211 211 HOH HOH A . 
J 4 HOH 56 212 212 HOH HOH A . 
J 4 HOH 57 213 213 HOH HOH A . 
J 4 HOH 58 214 214 HOH HOH A . 
J 4 HOH 59 215 215 HOH HOH A . 
J 4 HOH 60 216 216 HOH HOH A . 
J 4 HOH 61 217 217 HOH HOH A . 
J 4 HOH 62 218 218 HOH HOH A . 
J 4 HOH 63 219 219 HOH HOH A . 
J 4 HOH 64 220 220 HOH HOH A . 
J 4 HOH 65 221 221 HOH HOH A . 
J 4 HOH 66 222 222 HOH HOH A . 
# 
loop_
_pdbx_unobs_or_zero_occ_atoms.id 
_pdbx_unobs_or_zero_occ_atoms.PDB_model_num 
_pdbx_unobs_or_zero_occ_atoms.polymer_flag 
_pdbx_unobs_or_zero_occ_atoms.occupancy_flag 
_pdbx_unobs_or_zero_occ_atoms.auth_asym_id 
_pdbx_unobs_or_zero_occ_atoms.auth_comp_id 
_pdbx_unobs_or_zero_occ_atoms.auth_seq_id 
_pdbx_unobs_or_zero_occ_atoms.PDB_ins_code 
_pdbx_unobs_or_zero_occ_atoms.auth_atom_id 
_pdbx_unobs_or_zero_occ_atoms.label_alt_id 
_pdbx_unobs_or_zero_occ_atoms.label_asym_id 
_pdbx_unobs_or_zero_occ_atoms.label_comp_id 
_pdbx_unobs_or_zero_occ_atoms.label_seq_id 
_pdbx_unobs_or_zero_occ_atoms.label_atom_id 
1  1 Y 1 A LYS 75  ? CG  ? A LYS 75  CG  
2  1 Y 1 A LYS 75  ? CD  ? A LYS 75  CD  
3  1 Y 1 A LYS 75  ? CE  ? A LYS 75  CE  
4  1 Y 1 A LYS 75  ? NZ  ? A LYS 75  NZ  
5  1 Y 1 A MET 76  ? CG  ? A MET 76  CG  
6  1 Y 1 A MET 76  ? SD  ? A MET 76  SD  
7  1 Y 1 A MET 76  ? CE  ? A MET 76  CE  
8  1 Y 1 A LYS 77  ? CG  ? A LYS 77  CG  
9  1 Y 1 A LYS 77  ? CD  ? A LYS 77  CD  
10 1 Y 1 A LYS 77  ? CE  ? A LYS 77  CE  
11 1 Y 1 A LYS 77  ? NZ  ? A LYS 77  NZ  
12 1 Y 1 A ASP 78  ? CG  ? A ASP 78  CG  
13 1 Y 1 A ASP 78  ? OD1 ? A ASP 78  OD1 
14 1 Y 1 A ASP 78  ? OD2 ? A ASP 78  OD2 
15 1 Y 1 A THR 79  ? CB  ? A THR 79  CB  
16 1 Y 1 A THR 79  ? OG1 ? A THR 79  OG1 
17 1 Y 1 A THR 79  ? CG2 ? A THR 79  CG2 
18 1 Y 1 A ASP 80  ? CB  ? A ASP 80  CB  
19 1 Y 1 A ASP 80  ? CG  ? A ASP 80  CG  
20 1 Y 1 A ASP 80  ? OD1 ? A ASP 80  OD1 
21 1 Y 1 A ASP 80  ? OD2 ? A ASP 80  OD2 
22 1 Y 1 A LYS 115 ? CG  ? A LYS 115 CG  
23 1 Y 1 A LYS 115 ? CD  ? A LYS 115 CD  
24 1 Y 1 A LYS 115 ? CE  ? A LYS 115 CE  
25 1 Y 1 A LYS 115 ? NZ  ? A LYS 115 NZ  
# 
loop_
_software.name 
_software.classification 
_software.version 
_software.citation_id 
_software.pdbx_ordinal 
X-PLOR 'model building' 2.1 ? 1 
X-PLOR refinement       2.1 ? 2 
MADNES 'data reduction' .   ? 3 
PROCOR 'data reduction' .   ? 4 
X-PLOR phasing          2.1 ? 5 
# 
_cell.entry_id           1LIN 
_cell.length_a           40.660 
_cell.length_b           40.660 
_cell.length_c           177.400 
_cell.angle_alpha        90.00 
_cell.angle_beta         90.00 
_cell.angle_gamma        120.00 
_cell.Z_PDB              6 
_cell.pdbx_unique_axis   ? 
_cell.length_a_esd       ? 
_cell.length_b_esd       ? 
_cell.length_c_esd       ? 
_cell.angle_alpha_esd    ? 
_cell.angle_beta_esd     ? 
_cell.angle_gamma_esd    ? 
# 
_symmetry.entry_id                         1LIN 
_symmetry.space_group_name_H-M             'P 32 2 1' 
_symmetry.pdbx_full_space_group_name_H-M   ? 
_symmetry.cell_setting                     ? 
_symmetry.Int_Tables_number                154 
_symmetry.space_group_name_Hall            ? 
# 
_exptl.entry_id          1LIN 
_exptl.method            'X-RAY DIFFRACTION' 
_exptl.crystals_number   3 
# 
_exptl_crystal.id                    1 
_exptl_crystal.density_meas          ? 
_exptl_crystal.density_Matthews      2.53 
_exptl_crystal.density_percent_sol   51.41 
_exptl_crystal.description           ? 
_exptl_crystal.F_000                 ? 
_exptl_crystal.preparation           ? 
# 
loop_
_diffrn.id 
_diffrn.ambient_temp 
_diffrn.ambient_temp_details 
_diffrn.crystal_id 
1 ? ? 1 
2 ? ? 1 
# 
loop_
_diffrn_detector.diffrn_id 
_diffrn_detector.detector 
_diffrn_detector.type 
_diffrn_detector.pdbx_collection_date 
_diffrn_detector.details 
1 'IMAGE PLATE'  MARRESEARCH         1989-09    ? 
2 DIFFRACTOMETER 'ENRAF-NONIUS FAST' 1990-09-17 ? 
# 
_diffrn_radiation.diffrn_id                        1 
_diffrn_radiation.wavelength_id                    1 
_diffrn_radiation.pdbx_monochromatic_or_laue_m_l   M 
_diffrn_radiation.monochromator                    ? 
_diffrn_radiation.pdbx_diffrn_protocol             ? 
_diffrn_radiation.pdbx_scattering_type             x-ray 
# 
loop_
_diffrn_radiation_wavelength.id 
_diffrn_radiation_wavelength.wavelength 
_diffrn_radiation_wavelength.wt 
1 1.0    1.0 
2 1.5418 1.0 
# 
loop_
_diffrn_source.diffrn_id 
_diffrn_source.source 
_diffrn_source.type 
_diffrn_source.pdbx_synchrotron_site 
_diffrn_source.pdbx_synchrotron_beamline 
_diffrn_source.pdbx_wavelength 
_diffrn_source.pdbx_wavelength_list 
1 SYNCHROTRON      'EMBL/DESY, HAMBURG BEAMLINE X11' 'EMBL/DESY, HAMBURG' X11 ? 1.0    
2 'ROTATING ANODE' ?                                 ?                    ?   ? 1.5418 
# 
_reflns.entry_id                     1LIN 
_reflns.observed_criterion_sigma_I   4. 
_reflns.observed_criterion_sigma_F   ? 
_reflns.d_resolution_low             35.1 
_reflns.d_resolution_high            2.00 
_reflns.number_obs                   12001 
_reflns.number_all                   ? 
_reflns.percent_possible_obs         97.6 
_reflns.pdbx_Rmerge_I_obs            0.061 
_reflns.pdbx_Rsym_value              ? 
_reflns.pdbx_netI_over_sigmaI        ? 
_reflns.B_iso_Wilson_estimate        ? 
_reflns.pdbx_redundancy              3.4 
_reflns.R_free_details               ? 
_reflns.limit_h_max                  ? 
_reflns.limit_h_min                  ? 
_reflns.limit_k_max                  ? 
_reflns.limit_k_min                  ? 
_reflns.limit_l_max                  ? 
_reflns.limit_l_min                  ? 
_reflns.observed_criterion_F_max     ? 
_reflns.observed_criterion_F_min     ? 
_reflns.pdbx_chi_squared             ? 
_reflns.pdbx_scaling_rejects         ? 
_reflns.pdbx_diffrn_id               1 
_reflns.pdbx_ordinal                 1 
# 
_refine.entry_id                                 1LIN 
_refine.ls_number_reflns_obs                     11871 
_refine.ls_number_reflns_all                     ? 
_refine.pdbx_ls_sigma_I                          ? 
_refine.pdbx_ls_sigma_F                          0.0 
_refine.pdbx_data_cutoff_high_absF               ? 
_refine.pdbx_data_cutoff_low_absF                ? 
_refine.pdbx_data_cutoff_high_rms_absF           ? 
_refine.ls_d_res_low                             10. 
_refine.ls_d_res_high                            2.0 
_refine.ls_percent_reflns_obs                    ? 
_refine.ls_R_factor_obs                          0.220 
_refine.ls_R_factor_all                          ? 
_refine.ls_R_factor_R_work                       0.220 
_refine.ls_R_factor_R_free                       ? 
_refine.ls_R_factor_R_free_error                 ? 
_refine.ls_R_factor_R_free_error_details         ? 
_refine.ls_percent_reflns_R_free                 ? 
_refine.ls_number_reflns_R_free                  ? 
_refine.ls_number_parameters                     ? 
_refine.ls_number_restraints                     ? 
_refine.occupancy_min                            ? 
_refine.occupancy_max                            ? 
_refine.B_iso_mean                               32.8 
_refine.aniso_B[1][1]                            ? 
_refine.aniso_B[2][2]                            ? 
_refine.aniso_B[3][3]                            ? 
_refine.aniso_B[1][2]                            ? 
_refine.aniso_B[1][3]                            ? 
_refine.aniso_B[2][3]                            ? 
_refine.solvent_model_details                    ? 
_refine.solvent_model_param_ksol                 ? 
_refine.solvent_model_param_bsol                 ? 
_refine.pdbx_ls_cross_valid_method               ? 
_refine.details                                  
;TEMPERATURE FACTORS FOR THE ATOMS IN RESIDUES 74 - 82
ARE UNUSUALLY HIGH, INDICATING FLEXIBILITY IN THIS
REGION.
;
_refine.pdbx_starting_model                      ? 
_refine.pdbx_method_to_determine_struct          ? 
_refine.pdbx_isotropic_thermal_model             ? 
_refine.pdbx_stereochemistry_target_values       ? 
_refine.pdbx_stereochem_target_val_spec_case     ? 
_refine.pdbx_R_Free_selection_details            ? 
_refine.pdbx_overall_ESU_R                       ? 
_refine.pdbx_overall_ESU_R_Free                  ? 
_refine.overall_SU_ML                            ? 
_refine.overall_SU_B                             ? 
_refine.pdbx_refine_id                           'X-RAY DIFFRACTION' 
_refine.ls_redundancy_reflns_obs                 ? 
_refine.pdbx_overall_phase_error                 ? 
_refine.B_iso_min                                ? 
_refine.B_iso_max                                ? 
_refine.correlation_coeff_Fo_to_Fc               ? 
_refine.correlation_coeff_Fo_to_Fc_free          ? 
_refine.pdbx_solvent_vdw_probe_radii             ? 
_refine.pdbx_solvent_ion_probe_radii             ? 
_refine.pdbx_solvent_shrinkage_radii             ? 
_refine.overall_SU_R_Cruickshank_DPI             ? 
_refine.overall_SU_R_free                        ? 
_refine.ls_wR_factor_R_free                      ? 
_refine.ls_wR_factor_R_work                      ? 
_refine.overall_FOM_free_R_set                   ? 
_refine.overall_FOM_work_R_set                   ? 
_refine.pdbx_diffrn_id                           1 
_refine.pdbx_TLS_residual_ADP_flag               ? 
_refine.pdbx_overall_SU_R_free_Cruickshank_DPI   ? 
_refine.pdbx_overall_SU_R_Blow_DPI               ? 
_refine.pdbx_overall_SU_R_free_Blow_DPI          ? 
# 
_refine_analyze.entry_id                        1LIN 
_refine_analyze.Luzzati_coordinate_error_obs    0.20 
_refine_analyze.Luzzati_sigma_a_obs             ? 
_refine_analyze.Luzzati_d_res_low_obs           ? 
_refine_analyze.Luzzati_coordinate_error_free   ? 
_refine_analyze.Luzzati_sigma_a_free            ? 
_refine_analyze.Luzzati_d_res_low_free          ? 
_refine_analyze.number_disordered_residues      ? 
_refine_analyze.occupancy_sum_hydrogen          ? 
_refine_analyze.occupancy_sum_non_hydrogen      ? 
_refine_analyze.pdbx_refine_id                  'X-RAY DIFFRACTION' 
_refine_analyze.pdbx_Luzzati_d_res_high_obs     ? 
# 
_refine_hist.pdbx_refine_id                   'X-RAY DIFFRACTION' 
_refine_hist.cycle_id                         LAST 
_refine_hist.pdbx_number_atoms_protein        1135 
_refine_hist.pdbx_number_atoms_nucleic_acid   0 
_refine_hist.pdbx_number_atoms_ligand         116 
_refine_hist.number_atoms_solvent             66 
_refine_hist.number_atoms_total               1317 
_refine_hist.d_res_high                       2.0 
_refine_hist.d_res_low                        10. 
# 
loop_
_refine_ls_restr.type 
_refine_ls_restr.dev_ideal 
_refine_ls_restr.dev_ideal_target 
_refine_ls_restr.weight 
_refine_ls_restr.number 
_refine_ls_restr.pdbx_refine_id 
_refine_ls_restr.pdbx_restraint_function 
x_bond_d                0.011 ? ? ? 'X-RAY DIFFRACTION' ? 
x_bond_d_na             ?     ? ? ? 'X-RAY DIFFRACTION' ? 
x_bond_d_prot           ?     ? ? ? 'X-RAY DIFFRACTION' ? 
x_angle_d               ?     ? ? ? 'X-RAY DIFFRACTION' ? 
x_angle_d_na            ?     ? ? ? 'X-RAY DIFFRACTION' ? 
x_angle_d_prot          ?     ? ? ? 'X-RAY DIFFRACTION' ? 
x_angle_deg             1.483 ? ? ? 'X-RAY DIFFRACTION' ? 
x_angle_deg_na          ?     ? ? ? 'X-RAY DIFFRACTION' ? 
x_angle_deg_prot        ?     ? ? ? 'X-RAY DIFFRACTION' ? 
x_dihedral_angle_d      21.05 ? ? ? 'X-RAY DIFFRACTION' ? 
x_dihedral_angle_d_na   ?     ? ? ? 'X-RAY DIFFRACTION' ? 
x_dihedral_angle_d_prot ?     ? ? ? 'X-RAY DIFFRACTION' ? 
x_improper_angle_d      1.290 ? ? ? 'X-RAY DIFFRACTION' ? 
x_improper_angle_d_na   ?     ? ? ? 'X-RAY DIFFRACTION' ? 
x_improper_angle_d_prot ?     ? ? ? 'X-RAY DIFFRACTION' ? 
x_mcbond_it             ?     ? ? ? 'X-RAY DIFFRACTION' ? 
x_mcangle_it            ?     ? ? ? 'X-RAY DIFFRACTION' ? 
x_scbond_it             ?     ? ? ? 'X-RAY DIFFRACTION' ? 
x_scangle_it            ?     ? ? ? 'X-RAY DIFFRACTION' ? 
# 
_struct.entry_id                  1LIN 
_struct.title                     'CALMODULIN COMPLEXED WITH TRIFLUOPERAZINE (1:4 COMPLEX)' 
_struct.pdbx_model_details        ? 
_struct.pdbx_CASP_flag            ? 
_struct.pdbx_model_type_details   ? 
# 
_struct_keywords.entry_id        1LIN 
_struct_keywords.pdbx_keywords   'CALCIUM-BINDING PROTEIN' 
_struct_keywords.text            'CALCIUM-BINDING PROTEIN' 
# 
loop_
_struct_asym.id 
_struct_asym.pdbx_blank_PDB_chainid_flag 
_struct_asym.pdbx_modified 
_struct_asym.entity_id 
_struct_asym.details 
A N N 1 ? 
B N N 2 ? 
C N N 2 ? 
D N N 2 ? 
E N N 2 ? 
F N N 3 ? 
G N N 3 ? 
H N N 3 ? 
I N N 3 ? 
J N N 4 ? 
# 
_struct_ref.id                         1 
_struct_ref.db_name                    UNP 
_struct_ref.db_code                    CALM_BOVIN 
_struct_ref.entity_id                  1 
_struct_ref.pdbx_db_accession          P62157 
_struct_ref.pdbx_align_begin           1 
_struct_ref.pdbx_seq_one_letter_code   
;ADQLTEEQIAEFKEAFSLFDKDGDGTITTKELGTVMRSLGQNPTEAELQDMINEVDADGNGTIDFPEFLTMMARKMKDTD
SEEEIREAFRVFDKDGNGYISAAELRHVMTNLGEKLTDEEVDEMIREADIDGDGQVNYEEFVQMMTAK
;
_struct_ref.pdbx_db_isoform            ? 
# 
_struct_ref_seq.align_id                      1 
_struct_ref_seq.ref_id                        1 
_struct_ref_seq.pdbx_PDB_id_code              1LIN 
_struct_ref_seq.pdbx_strand_id                A 
_struct_ref_seq.seq_align_beg                 1 
_struct_ref_seq.pdbx_seq_align_beg_ins_code   ? 
_struct_ref_seq.seq_align_end                 148 
_struct_ref_seq.pdbx_seq_align_end_ins_code   ? 
_struct_ref_seq.pdbx_db_accession             P62157 
_struct_ref_seq.db_align_beg                  1 
_struct_ref_seq.pdbx_db_align_beg_ins_code    ? 
_struct_ref_seq.db_align_end                  148 
_struct_ref_seq.pdbx_db_align_end_ins_code    ? 
_struct_ref_seq.pdbx_auth_seq_align_beg       1 
_struct_ref_seq.pdbx_auth_seq_align_end       148 
# 
_pdbx_struct_assembly.id                   1 
_pdbx_struct_assembly.details              author_defined_assembly 
_pdbx_struct_assembly.method_details       ? 
_pdbx_struct_assembly.oligomeric_details   monomeric 
_pdbx_struct_assembly.oligomeric_count     1 
# 
_pdbx_struct_assembly_gen.assembly_id       1 
_pdbx_struct_assembly_gen.oper_expression   1 
_pdbx_struct_assembly_gen.asym_id_list      A,B,C,D,E,F,G,H,I,J 
# 
_pdbx_struct_oper_list.id                   1 
_pdbx_struct_oper_list.type                 'identity operation' 
_pdbx_struct_oper_list.name                 1_555 
_pdbx_struct_oper_list.symmetry_operation   x,y,z 
_pdbx_struct_oper_list.matrix[1][1]         1.0000000000 
_pdbx_struct_oper_list.matrix[1][2]         0.0000000000 
_pdbx_struct_oper_list.matrix[1][3]         0.0000000000 
_pdbx_struct_oper_list.vector[1]            0.0000000000 
_pdbx_struct_oper_list.matrix[2][1]         0.0000000000 
_pdbx_struct_oper_list.matrix[2][2]         1.0000000000 
_pdbx_struct_oper_list.matrix[2][3]         0.0000000000 
_pdbx_struct_oper_list.vector[2]            0.0000000000 
_pdbx_struct_oper_list.matrix[3][1]         0.0000000000 
_pdbx_struct_oper_list.matrix[3][2]         0.0000000000 
_pdbx_struct_oper_list.matrix[3][3]         1.0000000000 
_pdbx_struct_oper_list.vector[3]            0.0000000000 
# 
_struct_biol.id        1 
_struct_biol.details   ? 
# 
loop_
_struct_conf.conf_type_id 
_struct_conf.id 
_struct_conf.pdbx_PDB_helix_id 
_struct_conf.beg_label_comp_id 
_struct_conf.beg_label_asym_id 
_struct_conf.beg_label_seq_id 
_struct_conf.pdbx_beg_PDB_ins_code 
_struct_conf.end_label_comp_id 
_struct_conf.end_label_asym_id 
_struct_conf.end_label_seq_id 
_struct_conf.pdbx_end_PDB_ins_code 
_struct_conf.beg_auth_comp_id 
_struct_conf.beg_auth_asym_id 
_struct_conf.beg_auth_seq_id 
_struct_conf.end_auth_comp_id 
_struct_conf.end_auth_asym_id 
_struct_conf.end_auth_seq_id 
_struct_conf.pdbx_PDB_helix_class 
_struct_conf.details 
_struct_conf.pdbx_PDB_helix_length 
HELX_P HELX_P1 1 GLU A 6   ? PHE A 19  ? GLU A 6   PHE A 19  1 ? 14 
HELX_P HELX_P2 2 THR A 29  ? SER A 38  ? THR A 29  SER A 38  1 ? 10 
HELX_P HELX_P3 3 GLU A 45  ? VAL A 55  ? GLU A 45  VAL A 55  1 ? 11 
HELX_P HELX_P4 4 PHE A 65  ? ALA A 73  ? PHE A 65  ALA A 73  1 ? 9  
HELX_P HELX_P5 5 GLU A 82  ? PHE A 92  ? GLU A 82  PHE A 92  1 ? 11 
HELX_P HELX_P6 6 ALA A 102 ? ASN A 111 ? ALA A 102 ASN A 111 1 ? 10 
HELX_P HELX_P7 7 ASP A 118 ? ALA A 128 ? ASP A 118 ALA A 128 1 ? 11 
HELX_P HELX_P8 8 TYR A 138 ? MET A 145 ? TYR A 138 MET A 145 1 ? 8  
# 
_struct_conf_type.id          HELX_P 
_struct_conf_type.criteria    ? 
_struct_conf_type.reference   ? 
# 
loop_
_struct_conn.id 
_struct_conn.conn_type_id 
_struct_conn.pdbx_leaving_atom_flag 
_struct_conn.pdbx_PDB_id 
_struct_conn.ptnr1_label_asym_id 
_struct_conn.ptnr1_label_comp_id 
_struct_conn.ptnr1_label_seq_id 
_struct_conn.ptnr1_label_atom_id 
_struct_conn.pdbx_ptnr1_label_alt_id 
_struct_conn.pdbx_ptnr1_PDB_ins_code 
_struct_conn.pdbx_ptnr1_standard_comp_id 
_struct_conn.ptnr1_symmetry 
_struct_conn.ptnr2_label_asym_id 
_struct_conn.ptnr2_label_comp_id 
_struct_conn.ptnr2_label_seq_id 
_struct_conn.ptnr2_label_atom_id 
_struct_conn.pdbx_ptnr2_label_alt_id 
_struct_conn.pdbx_ptnr2_PDB_ins_code 
_struct_conn.ptnr1_auth_asym_id 
_struct_conn.ptnr1_auth_comp_id 
_struct_conn.ptnr1_auth_seq_id 
_struct_conn.ptnr2_auth_asym_id 
_struct_conn.ptnr2_auth_comp_id 
_struct_conn.ptnr2_auth_seq_id 
_struct_conn.ptnr2_symmetry 
_struct_conn.pdbx_ptnr3_label_atom_id 
_struct_conn.pdbx_ptnr3_label_seq_id 
_struct_conn.pdbx_ptnr3_label_comp_id 
_struct_conn.pdbx_ptnr3_label_asym_id 
_struct_conn.pdbx_ptnr3_label_alt_id 
_struct_conn.pdbx_ptnr3_PDB_ins_code 
_struct_conn.details 
_struct_conn.pdbx_dist_value 
_struct_conn.pdbx_value_order 
_struct_conn.pdbx_role 
metalc1  metalc ? ? A ASP 20  OD1 ? ? ? 1_555 B CA  . CA ? ? A ASP 20  A CA  149 1_555 ? ? ? ? ? ? ? 2.251 ? ? 
metalc2  metalc ? ? A ASP 22  OD1 ? ? ? 1_555 B CA  . CA ? ? A ASP 22  A CA  149 1_555 ? ? ? ? ? ? ? 2.338 ? ? 
metalc3  metalc ? ? A ASP 24  OD1 ? ? ? 1_555 B CA  . CA ? ? A ASP 24  A CA  149 1_555 ? ? ? ? ? ? ? 2.338 ? ? 
metalc4  metalc ? ? A THR 26  O   ? ? ? 1_555 B CA  . CA ? ? A THR 26  A CA  149 1_555 ? ? ? ? ? ? ? 2.207 ? ? 
metalc5  metalc ? ? A GLU 31  OE2 ? ? ? 1_555 B CA  . CA ? ? A GLU 31  A CA  149 1_555 ? ? ? ? ? ? ? 2.375 ? ? 
metalc6  metalc ? ? A GLU 31  OE1 ? ? ? 1_555 B CA  . CA ? ? A GLU 31  A CA  149 1_555 ? ? ? ? ? ? ? 2.541 ? ? 
metalc7  metalc ? ? A ASP 56  OD1 ? ? ? 1_555 C CA  . CA ? ? A ASP 56  A CA  150 1_555 ? ? ? ? ? ? ? 2.119 ? ? 
metalc8  metalc ? ? A ASP 58  OD1 ? ? ? 1_555 C CA  . CA ? ? A ASP 58  A CA  150 1_555 ? ? ? ? ? ? ? 2.410 ? ? 
metalc9  metalc ? ? A ASN 60  OD1 ? ? ? 1_555 C CA  . CA ? ? A ASN 60  A CA  150 1_555 ? ? ? ? ? ? ? 2.252 ? ? 
metalc10 metalc ? ? A THR 62  O   ? ? ? 1_555 C CA  . CA ? ? A THR 62  A CA  150 1_555 ? ? ? ? ? ? ? 2.402 ? ? 
metalc11 metalc ? ? A GLU 67  OE1 ? ? ? 1_555 C CA  . CA ? ? A GLU 67  A CA  150 1_555 ? ? ? ? ? ? ? 2.500 ? ? 
metalc12 metalc ? ? A GLU 67  OE2 ? ? ? 1_555 C CA  . CA ? ? A GLU 67  A CA  150 1_555 ? ? ? ? ? ? ? 2.283 ? ? 
metalc13 metalc ? ? A ASP 93  OD1 ? ? ? 1_555 D CA  . CA ? ? A ASP 93  A CA  151 1_555 ? ? ? ? ? ? ? 2.155 ? ? 
metalc14 metalc ? ? A ASP 95  OD1 ? ? ? 1_555 D CA  . CA ? ? A ASP 95  A CA  151 1_555 ? ? ? ? ? ? ? 2.255 ? ? 
metalc15 metalc ? ? A ASN 97  OD1 ? ? ? 1_555 D CA  . CA ? ? A ASN 97  A CA  151 1_555 ? ? ? ? ? ? ? 2.298 ? ? 
metalc16 metalc ? ? A TYR 99  O   ? ? ? 1_555 D CA  . CA ? ? A TYR 99  A CA  151 1_555 ? ? ? ? ? ? ? 2.242 ? ? 
metalc17 metalc ? ? A GLU 104 OE2 ? ? ? 1_555 D CA  . CA ? ? A GLU 104 A CA  151 1_555 ? ? ? ? ? ? ? 2.370 ? ? 
metalc18 metalc ? ? A GLU 104 OE1 ? ? ? 1_555 D CA  . CA ? ? A GLU 104 A CA  151 1_555 ? ? ? ? ? ? ? 2.413 ? ? 
metalc19 metalc ? ? A ASP 129 OD1 ? ? ? 1_555 E CA  . CA ? ? A ASP 129 A CA  152 1_555 ? ? ? ? ? ? ? 2.340 ? ? 
metalc20 metalc ? ? A ASP 131 OD1 ? ? ? 1_555 E CA  . CA ? ? A ASP 131 A CA  152 1_555 ? ? ? ? ? ? ? 2.442 ? ? 
metalc21 metalc ? ? A ASP 133 OD1 ? ? ? 1_555 E CA  . CA ? ? A ASP 133 A CA  152 1_555 ? ? ? ? ? ? ? 2.405 ? ? 
metalc22 metalc ? ? A GLN 135 O   ? ? ? 1_555 E CA  . CA ? ? A GLN 135 A CA  152 1_555 ? ? ? ? ? ? ? 2.234 ? ? 
metalc23 metalc ? ? A GLU 140 OE2 ? ? ? 1_555 E CA  . CA ? ? A GLU 140 A CA  152 1_555 ? ? ? ? ? ? ? 2.656 ? ? 
metalc24 metalc ? ? A GLU 140 OE1 ? ? ? 1_555 E CA  . CA ? ? A GLU 140 A CA  152 1_555 ? ? ? ? ? ? ? 2.372 ? ? 
metalc25 metalc ? ? B CA  .   CA  ? ? ? 1_555 J HOH . O  ? ? A CA  149 A HOH 173 1_555 ? ? ? ? ? ? ? 2.301 ? ? 
metalc26 metalc ? ? C CA  .   CA  ? ? ? 1_555 J HOH . O  ? ? A CA  150 A HOH 181 1_555 ? ? ? ? ? ? ? 2.093 ? ? 
metalc27 metalc ? ? D CA  .   CA  ? ? ? 1_555 J HOH . O  ? ? A CA  151 A HOH 205 1_555 ? ? ? ? ? ? ? 2.157 ? ? 
metalc28 metalc ? ? E CA  .   CA  ? ? ? 1_555 J HOH . O  ? ? A CA  152 A HOH 166 1_555 ? ? ? ? ? ? ? 2.426 ? ? 
# 
_struct_conn_type.id          metalc 
_struct_conn_type.criteria    ? 
_struct_conn_type.reference   ? 
# 
loop_
_pdbx_struct_conn_angle.id 
_pdbx_struct_conn_angle.ptnr1_label_atom_id 
_pdbx_struct_conn_angle.ptnr1_label_alt_id 
_pdbx_struct_conn_angle.ptnr1_label_asym_id 
_pdbx_struct_conn_angle.ptnr1_label_comp_id 
_pdbx_struct_conn_angle.ptnr1_label_seq_id 
_pdbx_struct_conn_angle.ptnr1_auth_atom_id 
_pdbx_struct_conn_angle.ptnr1_auth_asym_id 
_pdbx_struct_conn_angle.ptnr1_auth_comp_id 
_pdbx_struct_conn_angle.ptnr1_auth_seq_id 
_pdbx_struct_conn_angle.ptnr1_PDB_ins_code 
_pdbx_struct_conn_angle.ptnr1_symmetry 
_pdbx_struct_conn_angle.ptnr2_label_atom_id 
_pdbx_struct_conn_angle.ptnr2_label_alt_id 
_pdbx_struct_conn_angle.ptnr2_label_asym_id 
_pdbx_struct_conn_angle.ptnr2_label_comp_id 
_pdbx_struct_conn_angle.ptnr2_label_seq_id 
_pdbx_struct_conn_angle.ptnr2_auth_atom_id 
_pdbx_struct_conn_angle.ptnr2_auth_asym_id 
_pdbx_struct_conn_angle.ptnr2_auth_comp_id 
_pdbx_struct_conn_angle.ptnr2_auth_seq_id 
_pdbx_struct_conn_angle.ptnr2_PDB_ins_code 
_pdbx_struct_conn_angle.ptnr2_symmetry 
_pdbx_struct_conn_angle.ptnr3_label_atom_id 
_pdbx_struct_conn_angle.ptnr3_label_alt_id 
_pdbx_struct_conn_angle.ptnr3_label_asym_id 
_pdbx_struct_conn_angle.ptnr3_label_comp_id 
_pdbx_struct_conn_angle.ptnr3_label_seq_id 
_pdbx_struct_conn_angle.ptnr3_auth_atom_id 
_pdbx_struct_conn_angle.ptnr3_auth_asym_id 
_pdbx_struct_conn_angle.ptnr3_auth_comp_id 
_pdbx_struct_conn_angle.ptnr3_auth_seq_id 
_pdbx_struct_conn_angle.ptnr3_PDB_ins_code 
_pdbx_struct_conn_angle.ptnr3_symmetry 
_pdbx_struct_conn_angle.value 
_pdbx_struct_conn_angle.value_esd 
1  OD1 ? A ASP 20  ? A ASP 20  ? 1_555 CA ? B CA . ? A CA 149 ? 1_555 OD1 ? A ASP 22  ? A ASP 22  ? 1_555 81.8  ? 
2  OD1 ? A ASP 20  ? A ASP 20  ? 1_555 CA ? B CA . ? A CA 149 ? 1_555 OD1 ? A ASP 24  ? A ASP 24  ? 1_555 82.4  ? 
3  OD1 ? A ASP 22  ? A ASP 22  ? 1_555 CA ? B CA . ? A CA 149 ? 1_555 OD1 ? A ASP 24  ? A ASP 24  ? 1_555 79.3  ? 
4  OD1 ? A ASP 20  ? A ASP 20  ? 1_555 CA ? B CA . ? A CA 149 ? 1_555 O   ? A THR 26  ? A THR 26  ? 1_555 79.4  ? 
5  OD1 ? A ASP 22  ? A ASP 22  ? 1_555 CA ? B CA . ? A CA 149 ? 1_555 O   ? A THR 26  ? A THR 26  ? 1_555 154.7 ? 
6  OD1 ? A ASP 24  ? A ASP 24  ? 1_555 CA ? B CA . ? A CA 149 ? 1_555 O   ? A THR 26  ? A THR 26  ? 1_555 81.5  ? 
7  OD1 ? A ASP 20  ? A ASP 20  ? 1_555 CA ? B CA . ? A CA 149 ? 1_555 OE2 ? A GLU 31  ? A GLU 31  ? 1_555 101.1 ? 
8  OD1 ? A ASP 22  ? A ASP 22  ? 1_555 CA ? B CA . ? A CA 149 ? 1_555 OE2 ? A GLU 31  ? A GLU 31  ? 1_555 77.3  ? 
9  OD1 ? A ASP 24  ? A ASP 24  ? 1_555 CA ? B CA . ? A CA 149 ? 1_555 OE2 ? A GLU 31  ? A GLU 31  ? 1_555 155.5 ? 
10 O   ? A THR 26  ? A THR 26  ? 1_555 CA ? B CA . ? A CA 149 ? 1_555 OE2 ? A GLU 31  ? A GLU 31  ? 1_555 123.0 ? 
11 OD1 ? A ASP 20  ? A ASP 20  ? 1_555 CA ? B CA . ? A CA 149 ? 1_555 OE1 ? A GLU 31  ? A GLU 31  ? 1_555 115.9 ? 
12 OD1 ? A ASP 22  ? A ASP 22  ? 1_555 CA ? B CA . ? A CA 149 ? 1_555 OE1 ? A GLU 31  ? A GLU 31  ? 1_555 128.5 ? 
13 OD1 ? A ASP 24  ? A ASP 24  ? 1_555 CA ? B CA . ? A CA 149 ? 1_555 OE1 ? A GLU 31  ? A GLU 31  ? 1_555 146.8 ? 
14 O   ? A THR 26  ? A THR 26  ? 1_555 CA ? B CA . ? A CA 149 ? 1_555 OE1 ? A GLU 31  ? A GLU 31  ? 1_555 75.6  ? 
15 OE2 ? A GLU 31  ? A GLU 31  ? 1_555 CA ? B CA . ? A CA 149 ? 1_555 OE1 ? A GLU 31  ? A GLU 31  ? 1_555 52.6  ? 
16 OD1 ? A ASP 20  ? A ASP 20  ? 1_555 CA ? B CA . ? A CA 149 ? 1_555 O   ? J HOH .   ? A HOH 173 ? 1_555 157.7 ? 
17 OD1 ? A ASP 22  ? A ASP 22  ? 1_555 CA ? B CA . ? A CA 149 ? 1_555 O   ? J HOH .   ? A HOH 173 ? 1_555 80.9  ? 
18 OD1 ? A ASP 24  ? A ASP 24  ? 1_555 CA ? B CA . ? A CA 149 ? 1_555 O   ? J HOH .   ? A HOH 173 ? 1_555 80.6  ? 
19 O   ? A THR 26  ? A THR 26  ? 1_555 CA ? B CA . ? A CA 149 ? 1_555 O   ? J HOH .   ? A HOH 173 ? 1_555 112.0 ? 
20 OE2 ? A GLU 31  ? A GLU 31  ? 1_555 CA ? B CA . ? A CA 149 ? 1_555 O   ? J HOH .   ? A HOH 173 ? 1_555 88.7  ? 
21 OE1 ? A GLU 31  ? A GLU 31  ? 1_555 CA ? B CA . ? A CA 149 ? 1_555 O   ? J HOH .   ? A HOH 173 ? 1_555 86.1  ? 
22 OD1 ? A ASP 56  ? A ASP 56  ? 1_555 CA ? C CA . ? A CA 150 ? 1_555 OD1 ? A ASP 58  ? A ASP 58  ? 1_555 93.5  ? 
23 OD1 ? A ASP 56  ? A ASP 56  ? 1_555 CA ? C CA . ? A CA 150 ? 1_555 OD1 ? A ASN 60  ? A ASN 60  ? 1_555 88.2  ? 
24 OD1 ? A ASP 58  ? A ASP 58  ? 1_555 CA ? C CA . ? A CA 150 ? 1_555 OD1 ? A ASN 60  ? A ASN 60  ? 1_555 75.7  ? 
25 OD1 ? A ASP 56  ? A ASP 56  ? 1_555 CA ? C CA . ? A CA 150 ? 1_555 O   ? A THR 62  ? A THR 62  ? 1_555 77.8  ? 
26 OD1 ? A ASP 58  ? A ASP 58  ? 1_555 CA ? C CA . ? A CA 150 ? 1_555 O   ? A THR 62  ? A THR 62  ? 1_555 155.4 ? 
27 OD1 ? A ASN 60  ? A ASN 60  ? 1_555 CA ? C CA . ? A CA 150 ? 1_555 O   ? A THR 62  ? A THR 62  ? 1_555 80.9  ? 
28 OD1 ? A ASP 56  ? A ASP 56  ? 1_555 CA ? C CA . ? A CA 150 ? 1_555 OE1 ? A GLU 67  ? A GLU 67  ? 1_555 102.5 ? 
29 OD1 ? A ASP 58  ? A ASP 58  ? 1_555 CA ? C CA . ? A CA 150 ? 1_555 OE1 ? A GLU 67  ? A GLU 67  ? 1_555 128.4 ? 
30 OD1 ? A ASN 60  ? A ASN 60  ? 1_555 CA ? C CA . ? A CA 150 ? 1_555 OE1 ? A GLU 67  ? A GLU 67  ? 1_555 151.9 ? 
31 O   ? A THR 62  ? A THR 62  ? 1_555 CA ? C CA . ? A CA 150 ? 1_555 OE1 ? A GLU 67  ? A GLU 67  ? 1_555 76.2  ? 
32 OD1 ? A ASP 56  ? A ASP 56  ? 1_555 CA ? C CA . ? A CA 150 ? 1_555 OE2 ? A GLU 67  ? A GLU 67  ? 1_555 86.6  ? 
33 OD1 ? A ASP 58  ? A ASP 58  ? 1_555 CA ? C CA . ? A CA 150 ? 1_555 OE2 ? A GLU 67  ? A GLU 67  ? 1_555 79.4  ? 
34 OD1 ? A ASN 60  ? A ASN 60  ? 1_555 CA ? C CA . ? A CA 150 ? 1_555 OE2 ? A GLU 67  ? A GLU 67  ? 1_555 154.3 ? 
35 O   ? A THR 62  ? A THR 62  ? 1_555 CA ? C CA . ? A CA 150 ? 1_555 OE2 ? A GLU 67  ? A GLU 67  ? 1_555 122.3 ? 
36 OE1 ? A GLU 67  ? A GLU 67  ? 1_555 CA ? C CA . ? A CA 150 ? 1_555 OE2 ? A GLU 67  ? A GLU 67  ? 1_555 53.6  ? 
37 OD1 ? A ASP 56  ? A ASP 56  ? 1_555 CA ? C CA . ? A CA 150 ? 1_555 O   ? J HOH .   ? A HOH 181 ? 1_555 170.5 ? 
38 OD1 ? A ASP 58  ? A ASP 58  ? 1_555 CA ? C CA . ? A CA 150 ? 1_555 O   ? J HOH .   ? A HOH 181 ? 1_555 83.0  ? 
39 OD1 ? A ASN 60  ? A ASN 60  ? 1_555 CA ? C CA . ? A CA 150 ? 1_555 O   ? J HOH .   ? A HOH 181 ? 1_555 82.4  ? 
40 O   ? A THR 62  ? A THR 62  ? 1_555 CA ? C CA . ? A CA 150 ? 1_555 O   ? J HOH .   ? A HOH 181 ? 1_555 101.8 ? 
41 OE1 ? A GLU 67  ? A GLU 67  ? 1_555 CA ? C CA . ? A CA 150 ? 1_555 O   ? J HOH .   ? A HOH 181 ? 1_555 86.4  ? 
42 OE2 ? A GLU 67  ? A GLU 67  ? 1_555 CA ? C CA . ? A CA 150 ? 1_555 O   ? J HOH .   ? A HOH 181 ? 1_555 101.4 ? 
43 OD1 ? A ASP 93  ? A ASP 93  ? 1_555 CA ? D CA . ? A CA 151 ? 1_555 OD1 ? A ASP 95  ? A ASP 95  ? 1_555 85.0  ? 
44 OD1 ? A ASP 93  ? A ASP 93  ? 1_555 CA ? D CA . ? A CA 151 ? 1_555 OD1 ? A ASN 97  ? A ASN 97  ? 1_555 85.2  ? 
45 OD1 ? A ASP 95  ? A ASP 95  ? 1_555 CA ? D CA . ? A CA 151 ? 1_555 OD1 ? A ASN 97  ? A ASN 97  ? 1_555 73.7  ? 
46 OD1 ? A ASP 93  ? A ASP 93  ? 1_555 CA ? D CA . ? A CA 151 ? 1_555 O   ? A TYR 99  ? A TYR 99  ? 1_555 86.2  ? 
47 OD1 ? A ASP 95  ? A ASP 95  ? 1_555 CA ? D CA . ? A CA 151 ? 1_555 O   ? A TYR 99  ? A TYR 99  ? 1_555 156.4 ? 
48 OD1 ? A ASN 97  ? A ASN 97  ? 1_555 CA ? D CA . ? A CA 151 ? 1_555 O   ? A TYR 99  ? A TYR 99  ? 1_555 83.8  ? 
49 OD1 ? A ASP 93  ? A ASP 93  ? 1_555 CA ? D CA . ? A CA 151 ? 1_555 OE2 ? A GLU 104 ? A GLU 104 ? 1_555 100.5 ? 
50 OD1 ? A ASP 95  ? A ASP 95  ? 1_555 CA ? D CA . ? A CA 151 ? 1_555 OE2 ? A GLU 104 ? A GLU 104 ? 1_555 78.3  ? 
51 OD1 ? A ASN 97  ? A ASN 97  ? 1_555 CA ? D CA . ? A CA 151 ? 1_555 OE2 ? A GLU 104 ? A GLU 104 ? 1_555 150.9 ? 
52 O   ? A TYR 99  ? A TYR 99  ? 1_555 CA ? D CA . ? A CA 151 ? 1_555 OE2 ? A GLU 104 ? A GLU 104 ? 1_555 124.9 ? 
53 OD1 ? A ASP 93  ? A ASP 93  ? 1_555 CA ? D CA . ? A CA 151 ? 1_555 OE1 ? A GLU 104 ? A GLU 104 ? 1_555 102.9 ? 
54 OD1 ? A ASP 95  ? A ASP 95  ? 1_555 CA ? D CA . ? A CA 151 ? 1_555 OE1 ? A GLU 104 ? A GLU 104 ? 1_555 132.3 ? 
55 OD1 ? A ASN 97  ? A ASN 97  ? 1_555 CA ? D CA . ? A CA 151 ? 1_555 OE1 ? A GLU 104 ? A GLU 104 ? 1_555 152.8 ? 
56 O   ? A TYR 99  ? A TYR 99  ? 1_555 CA ? D CA . ? A CA 151 ? 1_555 OE1 ? A GLU 104 ? A GLU 104 ? 1_555 71.1  ? 
57 OE2 ? A GLU 104 ? A GLU 104 ? 1_555 CA ? D CA . ? A CA 151 ? 1_555 OE1 ? A GLU 104 ? A GLU 104 ? 1_555 54.0  ? 
58 OD1 ? A ASP 93  ? A ASP 93  ? 1_555 CA ? D CA . ? A CA 151 ? 1_555 O   ? J HOH .   ? A HOH 205 ? 1_555 168.4 ? 
59 OD1 ? A ASP 95  ? A ASP 95  ? 1_555 CA ? D CA . ? A CA 151 ? 1_555 O   ? J HOH .   ? A HOH 205 ? 1_555 84.3  ? 
60 OD1 ? A ASN 97  ? A ASN 97  ? 1_555 CA ? D CA . ? A CA 151 ? 1_555 O   ? J HOH .   ? A HOH 205 ? 1_555 87.4  ? 
61 O   ? A TYR 99  ? A TYR 99  ? 1_555 CA ? D CA . ? A CA 151 ? 1_555 O   ? J HOH .   ? A HOH 205 ? 1_555 102.0 ? 
62 OE2 ? A GLU 104 ? A GLU 104 ? 1_555 CA ? D CA . ? A CA 151 ? 1_555 O   ? J HOH .   ? A HOH 205 ? 1_555 81.8  ? 
63 OE1 ? A GLU 104 ? A GLU 104 ? 1_555 CA ? D CA . ? A CA 151 ? 1_555 O   ? J HOH .   ? A HOH 205 ? 1_555 87.8  ? 
64 OD1 ? A ASP 129 ? A ASP 129 ? 1_555 CA ? E CA . ? A CA 152 ? 1_555 OD1 ? A ASP 131 ? A ASP 131 ? 1_555 85.3  ? 
65 OD1 ? A ASP 129 ? A ASP 129 ? 1_555 CA ? E CA . ? A CA 152 ? 1_555 OD1 ? A ASP 133 ? A ASP 133 ? 1_555 95.7  ? 
66 OD1 ? A ASP 131 ? A ASP 131 ? 1_555 CA ? E CA . ? A CA 152 ? 1_555 OD1 ? A ASP 133 ? A ASP 133 ? 1_555 78.1  ? 
67 OD1 ? A ASP 129 ? A ASP 129 ? 1_555 CA ? E CA . ? A CA 152 ? 1_555 O   ? A GLN 135 ? A GLN 135 ? 1_555 89.9  ? 
68 OD1 ? A ASP 131 ? A ASP 131 ? 1_555 CA ? E CA . ? A CA 152 ? 1_555 O   ? A GLN 135 ? A GLN 135 ? 1_555 157.2 ? 
69 OD1 ? A ASP 133 ? A ASP 133 ? 1_555 CA ? E CA . ? A CA 152 ? 1_555 O   ? A GLN 135 ? A GLN 135 ? 1_555 80.3  ? 
70 OD1 ? A ASP 129 ? A ASP 129 ? 1_555 CA ? E CA . ? A CA 152 ? 1_555 OE2 ? A GLU 140 ? A GLU 140 ? 1_555 86.2  ? 
71 OD1 ? A ASP 131 ? A ASP 131 ? 1_555 CA ? E CA . ? A CA 152 ? 1_555 OE2 ? A GLU 140 ? A GLU 140 ? 1_555 72.9  ? 
72 OD1 ? A ASP 133 ? A ASP 133 ? 1_555 CA ? E CA . ? A CA 152 ? 1_555 OE2 ? A GLU 140 ? A GLU 140 ? 1_555 150.7 ? 
73 O   ? A GLN 135 ? A GLN 135 ? 1_555 CA ? E CA . ? A CA 152 ? 1_555 OE2 ? A GLU 140 ? A GLU 140 ? 1_555 129.0 ? 
74 OD1 ? A ASP 129 ? A ASP 129 ? 1_555 CA ? E CA . ? A CA 152 ? 1_555 OE1 ? A GLU 140 ? A GLU 140 ? 1_555 107.2 ? 
75 OD1 ? A ASP 131 ? A ASP 131 ? 1_555 CA ? E CA . ? A CA 152 ? 1_555 OE1 ? A GLU 140 ? A GLU 140 ? 1_555 120.0 ? 
76 OD1 ? A ASP 133 ? A ASP 133 ? 1_555 CA ? E CA . ? A CA 152 ? 1_555 OE1 ? A GLU 140 ? A GLU 140 ? 1_555 151.3 ? 
77 O   ? A GLN 135 ? A GLN 135 ? 1_555 CA ? E CA . ? A CA 152 ? 1_555 OE1 ? A GLU 140 ? A GLU 140 ? 1_555 82.7  ? 
78 OE2 ? A GLU 140 ? A GLU 140 ? 1_555 CA ? E CA . ? A CA 152 ? 1_555 OE1 ? A GLU 140 ? A GLU 140 ? 1_555 50.8  ? 
79 OD1 ? A ASP 129 ? A ASP 129 ? 1_555 CA ? E CA . ? A CA 152 ? 1_555 O   ? J HOH .   ? A HOH 166 ? 1_555 163.2 ? 
80 OD1 ? A ASP 131 ? A ASP 131 ? 1_555 CA ? E CA . ? A CA 152 ? 1_555 O   ? J HOH .   ? A HOH 166 ? 1_555 79.2  ? 
81 OD1 ? A ASP 133 ? A ASP 133 ? 1_555 CA ? E CA . ? A CA 152 ? 1_555 O   ? J HOH .   ? A HOH 166 ? 1_555 75.0  ? 
82 O   ? A GLN 135 ? A GLN 135 ? 1_555 CA ? E CA . ? A CA 152 ? 1_555 O   ? J HOH .   ? A HOH 166 ? 1_555 102.0 ? 
83 OE2 ? A GLU 140 ? A GLU 140 ? 1_555 CA ? E CA . ? A CA 152 ? 1_555 O   ? J HOH .   ? A HOH 166 ? 1_555 95.2  ? 
84 OE1 ? A GLU 140 ? A GLU 140 ? 1_555 CA ? E CA . ? A CA 152 ? 1_555 O   ? J HOH .   ? A HOH 166 ? 1_555 86.3  ? 
# 
loop_
_struct_sheet.id 
_struct_sheet.type 
_struct_sheet.number_strands 
_struct_sheet.details 
A ? 2 ? 
B ? 2 ? 
# 
loop_
_struct_sheet_order.sheet_id 
_struct_sheet_order.range_id_1 
_struct_sheet_order.range_id_2 
_struct_sheet_order.offset 
_struct_sheet_order.sense 
A 1 2 ? anti-parallel 
B 1 2 ? anti-parallel 
# 
loop_
_struct_sheet_range.sheet_id 
_struct_sheet_range.id 
_struct_sheet_range.beg_label_comp_id 
_struct_sheet_range.beg_label_asym_id 
_struct_sheet_range.beg_label_seq_id 
_struct_sheet_range.pdbx_beg_PDB_ins_code 
_struct_sheet_range.end_label_comp_id 
_struct_sheet_range.end_label_asym_id 
_struct_sheet_range.end_label_seq_id 
_struct_sheet_range.pdbx_end_PDB_ins_code 
_struct_sheet_range.beg_auth_comp_id 
_struct_sheet_range.beg_auth_asym_id 
_struct_sheet_range.beg_auth_seq_id 
_struct_sheet_range.end_auth_comp_id 
_struct_sheet_range.end_auth_asym_id 
_struct_sheet_range.end_auth_seq_id 
A 1 THR A 26  ? ILE A 27  ? THR A 26  ILE A 27  
A 2 ILE A 63  ? ASP A 64  ? ILE A 63  ASP A 64  
B 1 TYR A 99  ? ILE A 100 ? TYR A 99  ILE A 100 
B 2 VAL A 136 ? ASN A 137 ? VAL A 136 ASN A 137 
# 
loop_
_pdbx_struct_sheet_hbond.sheet_id 
_pdbx_struct_sheet_hbond.range_id_1 
_pdbx_struct_sheet_hbond.range_id_2 
_pdbx_struct_sheet_hbond.range_1_label_atom_id 
_pdbx_struct_sheet_hbond.range_1_label_comp_id 
_pdbx_struct_sheet_hbond.range_1_label_asym_id 
_pdbx_struct_sheet_hbond.range_1_label_seq_id 
_pdbx_struct_sheet_hbond.range_1_PDB_ins_code 
_pdbx_struct_sheet_hbond.range_1_auth_atom_id 
_pdbx_struct_sheet_hbond.range_1_auth_comp_id 
_pdbx_struct_sheet_hbond.range_1_auth_asym_id 
_pdbx_struct_sheet_hbond.range_1_auth_seq_id 
_pdbx_struct_sheet_hbond.range_2_label_atom_id 
_pdbx_struct_sheet_hbond.range_2_label_comp_id 
_pdbx_struct_sheet_hbond.range_2_label_asym_id 
_pdbx_struct_sheet_hbond.range_2_label_seq_id 
_pdbx_struct_sheet_hbond.range_2_PDB_ins_code 
_pdbx_struct_sheet_hbond.range_2_auth_atom_id 
_pdbx_struct_sheet_hbond.range_2_auth_comp_id 
_pdbx_struct_sheet_hbond.range_2_auth_asym_id 
_pdbx_struct_sheet_hbond.range_2_auth_seq_id 
A 1 2 N ILE A 27  ? N ILE A 27  O ILE A 63  ? O ILE A 63  
B 1 2 N ILE A 100 ? N ILE A 100 O VAL A 136 ? O VAL A 136 
# 
loop_
_struct_site.id 
_struct_site.pdbx_evidence_code 
_struct_site.pdbx_auth_asym_id 
_struct_site.pdbx_auth_comp_id 
_struct_site.pdbx_auth_seq_id 
_struct_site.pdbx_auth_ins_code 
_struct_site.pdbx_num_residues 
_struct_site.details 
AC1 Software A CA  149 ? 6  'BINDING SITE FOR RESIDUE CA A 149'  
AC2 Software A CA  150 ? 6  'BINDING SITE FOR RESIDUE CA A 150'  
AC3 Software A CA  151 ? 6  'BINDING SITE FOR RESIDUE CA A 151'  
AC4 Software A CA  152 ? 6  'BINDING SITE FOR RESIDUE CA A 152'  
AC5 Software A TFP 153 ? 6  'BINDING SITE FOR RESIDUE TFP A 153' 
AC6 Software A TFP 154 ? 10 'BINDING SITE FOR RESIDUE TFP A 154' 
AC7 Software A TFP 155 ? 9  'BINDING SITE FOR RESIDUE TFP A 155' 
AC8 Software A TFP 156 ? 7  'BINDING SITE FOR RESIDUE TFP A 156' 
# 
loop_
_struct_site_gen.id 
_struct_site_gen.site_id 
_struct_site_gen.pdbx_num_res 
_struct_site_gen.label_comp_id 
_struct_site_gen.label_asym_id 
_struct_site_gen.label_seq_id 
_struct_site_gen.pdbx_auth_ins_code 
_struct_site_gen.auth_comp_id 
_struct_site_gen.auth_asym_id 
_struct_site_gen.auth_seq_id 
_struct_site_gen.label_atom_id 
_struct_site_gen.label_alt_id 
_struct_site_gen.symmetry 
_struct_site_gen.details 
1  AC1 6  ASP A 20  ? ASP A 20  . ? 1_555 ? 
2  AC1 6  ASP A 22  ? ASP A 22  . ? 1_555 ? 
3  AC1 6  ASP A 24  ? ASP A 24  . ? 1_555 ? 
4  AC1 6  THR A 26  ? THR A 26  . ? 1_555 ? 
5  AC1 6  GLU A 31  ? GLU A 31  . ? 1_555 ? 
6  AC1 6  HOH J .   ? HOH A 173 . ? 1_555 ? 
7  AC2 6  ASP A 56  ? ASP A 56  . ? 1_555 ? 
8  AC2 6  ASP A 58  ? ASP A 58  . ? 1_555 ? 
9  AC2 6  ASN A 60  ? ASN A 60  . ? 1_555 ? 
10 AC2 6  THR A 62  ? THR A 62  . ? 1_555 ? 
11 AC2 6  GLU A 67  ? GLU A 67  . ? 1_555 ? 
12 AC2 6  HOH J .   ? HOH A 181 . ? 1_555 ? 
13 AC3 6  ASP A 93  ? ASP A 93  . ? 1_555 ? 
14 AC3 6  ASP A 95  ? ASP A 95  . ? 1_555 ? 
15 AC3 6  ASN A 97  ? ASN A 97  . ? 1_555 ? 
16 AC3 6  TYR A 99  ? TYR A 99  . ? 1_555 ? 
17 AC3 6  GLU A 104 ? GLU A 104 . ? 1_555 ? 
18 AC3 6  HOH J .   ? HOH A 205 . ? 1_555 ? 
19 AC4 6  ASP A 129 ? ASP A 129 . ? 1_555 ? 
20 AC4 6  ASP A 131 ? ASP A 131 . ? 1_555 ? 
21 AC4 6  ASP A 133 ? ASP A 133 . ? 1_555 ? 
22 AC4 6  GLN A 135 ? GLN A 135 . ? 1_555 ? 
23 AC4 6  GLU A 140 ? GLU A 140 . ? 1_555 ? 
24 AC4 6  HOH J .   ? HOH A 166 . ? 1_555 ? 
25 AC5 6  MET A 124 ? MET A 124 . ? 1_555 ? 
26 AC5 6  GLU A 127 ? GLU A 127 . ? 1_555 ? 
27 AC5 6  VAL A 136 ? VAL A 136 . ? 1_555 ? 
28 AC5 6  MET A 144 ? MET A 144 . ? 1_555 ? 
29 AC5 6  TFP G .   ? TFP A 154 . ? 1_555 ? 
30 AC5 6  TFP H .   ? TFP A 155 . ? 1_555 ? 
31 AC6 10 GLU A 11  ? GLU A 11  . ? 1_555 ? 
32 AC6 10 GLU A 14  ? GLU A 14  . ? 1_555 ? 
33 AC6 10 LEU A 18  ? LEU A 18  . ? 1_555 ? 
34 AC6 10 MET A 109 ? MET A 109 . ? 1_555 ? 
35 AC6 10 GLU A 114 ? GLU A 114 . ? 1_555 ? 
36 AC6 10 LEU A 116 ? LEU A 116 . ? 1_555 ? 
37 AC6 10 GLU A 120 ? GLU A 120 . ? 1_555 ? 
38 AC6 10 MET A 124 ? MET A 124 . ? 1_555 ? 
39 AC6 10 TFP F .   ? TFP A 153 . ? 1_555 ? 
40 AC6 10 TFP H .   ? TFP A 155 . ? 1_555 ? 
41 AC7 9  GLN A 8   ? GLN A 8   . ? 1_555 ? 
42 AC7 9  GLU A 11  ? GLU A 11  . ? 1_555 ? 
43 AC7 9  MET A 72  ? MET A 72  . ? 1_555 ? 
44 AC7 9  PHE A 92  ? PHE A 92  . ? 1_555 ? 
45 AC7 9  MET A 144 ? MET A 144 . ? 1_555 ? 
46 AC7 9  MET A 145 ? MET A 145 . ? 1_555 ? 
47 AC7 9  ALA A 147 ? ALA A 147 . ? 1_555 ? 
48 AC7 9  TFP F .   ? TFP A 153 . ? 1_555 ? 
49 AC7 9  TFP G .   ? TFP A 154 . ? 1_555 ? 
50 AC8 7  MET A 51  ? MET A 51  . ? 1_555 ? 
51 AC8 7  ILE A 52  ? ILE A 52  . ? 1_555 ? 
52 AC8 7  GLU A 54  ? GLU A 54  . ? 1_555 ? 
53 AC8 7  VAL A 55  ? VAL A 55  . ? 1_555 ? 
54 AC8 7  ILE A 63  ? ILE A 63  . ? 1_555 ? 
55 AC8 7  PHE A 68  ? PHE A 68  . ? 1_555 ? 
56 AC8 7  MET A 71  ? MET A 71  . ? 1_555 ? 
# 
loop_
_pdbx_validate_torsion.id 
_pdbx_validate_torsion.PDB_model_num 
_pdbx_validate_torsion.auth_comp_id 
_pdbx_validate_torsion.auth_asym_id 
_pdbx_validate_torsion.auth_seq_id 
_pdbx_validate_torsion.PDB_ins_code 
_pdbx_validate_torsion.label_alt_id 
_pdbx_validate_torsion.phi 
_pdbx_validate_torsion.psi 
1 1 SER A 81  ? ? 46.05 82.79 
2 1 ALA A 147 ? ? 48.58 22.09 
# 
_pdbx_struct_special_symmetry.id              1 
_pdbx_struct_special_symmetry.PDB_model_num   1 
_pdbx_struct_special_symmetry.auth_asym_id    A 
_pdbx_struct_special_symmetry.auth_comp_id    HOH 
_pdbx_struct_special_symmetry.auth_seq_id     221 
_pdbx_struct_special_symmetry.PDB_ins_code    ? 
_pdbx_struct_special_symmetry.label_asym_id   J 
_pdbx_struct_special_symmetry.label_comp_id   HOH 
_pdbx_struct_special_symmetry.label_seq_id    . 
# 
loop_
_pdbx_unobs_or_zero_occ_residues.id 
_pdbx_unobs_or_zero_occ_residues.PDB_model_num 
_pdbx_unobs_or_zero_occ_residues.polymer_flag 
_pdbx_unobs_or_zero_occ_residues.occupancy_flag 
_pdbx_unobs_or_zero_occ_residues.auth_asym_id 
_pdbx_unobs_or_zero_occ_residues.auth_comp_id 
_pdbx_unobs_or_zero_occ_residues.auth_seq_id 
_pdbx_unobs_or_zero_occ_residues.PDB_ins_code 
_pdbx_unobs_or_zero_occ_residues.label_asym_id 
_pdbx_unobs_or_zero_occ_residues.label_comp_id 
_pdbx_unobs_or_zero_occ_residues.label_seq_id 
1 1 Y 1 A ALA 1 ? A ALA 1 
2 1 Y 1 A ASP 2 ? A ASP 2 
# 
loop_
_chem_comp_atom.comp_id 
_chem_comp_atom.atom_id 
_chem_comp_atom.type_symbol 
_chem_comp_atom.pdbx_aromatic_flag 
_chem_comp_atom.pdbx_stereo_config 
_chem_comp_atom.pdbx_ordinal 
ALA N    N  N N 1   
ALA CA   C  N S 2   
ALA C    C  N N 3   
ALA O    O  N N 4   
ALA CB   C  N N 5   
ALA OXT  O  N N 6   
ALA H    H  N N 7   
ALA H2   H  N N 8   
ALA HA   H  N N 9   
ALA HB1  H  N N 10  
ALA HB2  H  N N 11  
ALA HB3  H  N N 12  
ALA HXT  H  N N 13  
ARG N    N  N N 14  
ARG CA   C  N S 15  
ARG C    C  N N 16  
ARG O    O  N N 17  
ARG CB   C  N N 18  
ARG CG   C  N N 19  
ARG CD   C  N N 20  
ARG NE   N  N N 21  
ARG CZ   C  N N 22  
ARG NH1  N  N N 23  
ARG NH2  N  N N 24  
ARG OXT  O  N N 25  
ARG H    H  N N 26  
ARG H2   H  N N 27  
ARG HA   H  N N 28  
ARG HB2  H  N N 29  
ARG HB3  H  N N 30  
ARG HG2  H  N N 31  
ARG HG3  H  N N 32  
ARG HD2  H  N N 33  
ARG HD3  H  N N 34  
ARG HE   H  N N 35  
ARG HH11 H  N N 36  
ARG HH12 H  N N 37  
ARG HH21 H  N N 38  
ARG HH22 H  N N 39  
ARG HXT  H  N N 40  
ASN N    N  N N 41  
ASN CA   C  N S 42  
ASN C    C  N N 43  
ASN O    O  N N 44  
ASN CB   C  N N 45  
ASN CG   C  N N 46  
ASN OD1  O  N N 47  
ASN ND2  N  N N 48  
ASN OXT  O  N N 49  
ASN H    H  N N 50  
ASN H2   H  N N 51  
ASN HA   H  N N 52  
ASN HB2  H  N N 53  
ASN HB3  H  N N 54  
ASN HD21 H  N N 55  
ASN HD22 H  N N 56  
ASN HXT  H  N N 57  
ASP N    N  N N 58  
ASP CA   C  N S 59  
ASP C    C  N N 60  
ASP O    O  N N 61  
ASP CB   C  N N 62  
ASP CG   C  N N 63  
ASP OD1  O  N N 64  
ASP OD2  O  N N 65  
ASP OXT  O  N N 66  
ASP H    H  N N 67  
ASP H2   H  N N 68  
ASP HA   H  N N 69  
ASP HB2  H  N N 70  
ASP HB3  H  N N 71  
ASP HD2  H  N N 72  
ASP HXT  H  N N 73  
CA  CA   CA N N 74  
GLN N    N  N N 75  
GLN CA   C  N S 76  
GLN C    C  N N 77  
GLN O    O  N N 78  
GLN CB   C  N N 79  
GLN CG   C  N N 80  
GLN CD   C  N N 81  
GLN OE1  O  N N 82  
GLN NE2  N  N N 83  
GLN OXT  O  N N 84  
GLN H    H  N N 85  
GLN H2   H  N N 86  
GLN HA   H  N N 87  
GLN HB2  H  N N 88  
GLN HB3  H  N N 89  
GLN HG2  H  N N 90  
GLN HG3  H  N N 91  
GLN HE21 H  N N 92  
GLN HE22 H  N N 93  
GLN HXT  H  N N 94  
GLU N    N  N N 95  
GLU CA   C  N S 96  
GLU C    C  N N 97  
GLU O    O  N N 98  
GLU CB   C  N N 99  
GLU CG   C  N N 100 
GLU CD   C  N N 101 
GLU OE1  O  N N 102 
GLU OE2  O  N N 103 
GLU OXT  O  N N 104 
GLU H    H  N N 105 
GLU H2   H  N N 106 
GLU HA   H  N N 107 
GLU HB2  H  N N 108 
GLU HB3  H  N N 109 
GLU HG2  H  N N 110 
GLU HG3  H  N N 111 
GLU HE2  H  N N 112 
GLU HXT  H  N N 113 
GLY N    N  N N 114 
GLY CA   C  N N 115 
GLY C    C  N N 116 
GLY O    O  N N 117 
GLY OXT  O  N N 118 
GLY H    H  N N 119 
GLY H2   H  N N 120 
GLY HA2  H  N N 121 
GLY HA3  H  N N 122 
GLY HXT  H  N N 123 
HIS N    N  N N 124 
HIS CA   C  N S 125 
HIS C    C  N N 126 
HIS O    O  N N 127 
HIS CB   C  N N 128 
HIS CG   C  Y N 129 
HIS ND1  N  Y N 130 
HIS CD2  C  Y N 131 
HIS CE1  C  Y N 132 
HIS NE2  N  Y N 133 
HIS OXT  O  N N 134 
HIS H    H  N N 135 
HIS H2   H  N N 136 
HIS HA   H  N N 137 
HIS HB2  H  N N 138 
HIS HB3  H  N N 139 
HIS HD1  H  N N 140 
HIS HD2  H  N N 141 
HIS HE1  H  N N 142 
HIS HE2  H  N N 143 
HIS HXT  H  N N 144 
HOH O    O  N N 145 
HOH H1   H  N N 146 
HOH H2   H  N N 147 
ILE N    N  N N 148 
ILE CA   C  N S 149 
ILE C    C  N N 150 
ILE O    O  N N 151 
ILE CB   C  N S 152 
ILE CG1  C  N N 153 
ILE CG2  C  N N 154 
ILE CD1  C  N N 155 
ILE OXT  O  N N 156 
ILE H    H  N N 157 
ILE H2   H  N N 158 
ILE HA   H  N N 159 
ILE HB   H  N N 160 
ILE HG12 H  N N 161 
ILE HG13 H  N N 162 
ILE HG21 H  N N 163 
ILE HG22 H  N N 164 
ILE HG23 H  N N 165 
ILE HD11 H  N N 166 
ILE HD12 H  N N 167 
ILE HD13 H  N N 168 
ILE HXT  H  N N 169 
LEU N    N  N N 170 
LEU CA   C  N S 171 
LEU C    C  N N 172 
LEU O    O  N N 173 
LEU CB   C  N N 174 
LEU CG   C  N N 175 
LEU CD1  C  N N 176 
LEU CD2  C  N N 177 
LEU OXT  O  N N 178 
LEU H    H  N N 179 
LEU H2   H  N N 180 
LEU HA   H  N N 181 
LEU HB2  H  N N 182 
LEU HB3  H  N N 183 
LEU HG   H  N N 184 
LEU HD11 H  N N 185 
LEU HD12 H  N N 186 
LEU HD13 H  N N 187 
LEU HD21 H  N N 188 
LEU HD22 H  N N 189 
LEU HD23 H  N N 190 
LEU HXT  H  N N 191 
LYS N    N  N N 192 
LYS CA   C  N S 193 
LYS C    C  N N 194 
LYS O    O  N N 195 
LYS CB   C  N N 196 
LYS CG   C  N N 197 
LYS CD   C  N N 198 
LYS CE   C  N N 199 
LYS NZ   N  N N 200 
LYS OXT  O  N N 201 
LYS H    H  N N 202 
LYS H2   H  N N 203 
LYS HA   H  N N 204 
LYS HB2  H  N N 205 
LYS HB3  H  N N 206 
LYS HG2  H  N N 207 
LYS HG3  H  N N 208 
LYS HD2  H  N N 209 
LYS HD3  H  N N 210 
LYS HE2  H  N N 211 
LYS HE3  H  N N 212 
LYS HZ1  H  N N 213 
LYS HZ2  H  N N 214 
LYS HZ3  H  N N 215 
LYS HXT  H  N N 216 
MET N    N  N N 217 
MET CA   C  N S 218 
MET C    C  N N 219 
MET O    O  N N 220 
MET CB   C  N N 221 
MET CG   C  N N 222 
MET SD   S  N N 223 
MET CE   C  N N 224 
MET OXT  O  N N 225 
MET H    H  N N 226 
MET H2   H  N N 227 
MET HA   H  N N 228 
MET HB2  H  N N 229 
MET HB3  H  N N 230 
MET HG2  H  N N 231 
MET HG3  H  N N 232 
MET HE1  H  N N 233 
MET HE2  H  N N 234 
MET HE3  H  N N 235 
MET HXT  H  N N 236 
PHE N    N  N N 237 
PHE CA   C  N S 238 
PHE C    C  N N 239 
PHE O    O  N N 240 
PHE CB   C  N N 241 
PHE CG   C  Y N 242 
PHE CD1  C  Y N 243 
PHE CD2  C  Y N 244 
PHE CE1  C  Y N 245 
PHE CE2  C  Y N 246 
PHE CZ   C  Y N 247 
PHE OXT  O  N N 248 
PHE H    H  N N 249 
PHE H2   H  N N 250 
PHE HA   H  N N 251 
PHE HB2  H  N N 252 
PHE HB3  H  N N 253 
PHE HD1  H  N N 254 
PHE HD2  H  N N 255 
PHE HE1  H  N N 256 
PHE HE2  H  N N 257 
PHE HZ   H  N N 258 
PHE HXT  H  N N 259 
PRO N    N  N N 260 
PRO CA   C  N S 261 
PRO C    C  N N 262 
PRO O    O  N N 263 
PRO CB   C  N N 264 
PRO CG   C  N N 265 
PRO CD   C  N N 266 
PRO OXT  O  N N 267 
PRO H    H  N N 268 
PRO HA   H  N N 269 
PRO HB2  H  N N 270 
PRO HB3  H  N N 271 
PRO HG2  H  N N 272 
PRO HG3  H  N N 273 
PRO HD2  H  N N 274 
PRO HD3  H  N N 275 
PRO HXT  H  N N 276 
SER N    N  N N 277 
SER CA   C  N S 278 
SER C    C  N N 279 
SER O    O  N N 280 
SER CB   C  N N 281 
SER OG   O  N N 282 
SER OXT  O  N N 283 
SER H    H  N N 284 
SER H2   H  N N 285 
SER HA   H  N N 286 
SER HB2  H  N N 287 
SER HB3  H  N N 288 
SER HG   H  N N 289 
SER HXT  H  N N 290 
TFP C1   C  Y N 291 
TFP C2   C  Y N 292 
TFP C3   C  Y N 293 
TFP C4   C  Y N 294 
TFP C5   C  Y N 295 
TFP C6   C  Y N 296 
TFP S    S  N N 297 
TFP C7   C  Y N 298 
TFP C8   C  Y N 299 
TFP C9   C  Y N 300 
TFP C10  C  Y N 301 
TFP C11  C  Y N 302 
TFP C12  C  Y N 303 
TFP N1   N  N N 304 
TFP C13  C  N N 305 
TFP C14  C  N N 306 
TFP C15  C  N N 307 
TFP N2   N  N N 308 
TFP C16  C  N N 309 
TFP C17  C  N N 310 
TFP N3   N  N N 311 
TFP C18  C  N N 312 
TFP C19  C  N N 313 
TFP C20  C  N N 314 
TFP C21  C  N N 315 
TFP F1   F  N N 316 
TFP F2   F  N N 317 
TFP F3   F  N N 318 
TFP H2   H  N N 319 
TFP H3   H  N N 320 
TFP H6   H  N N 321 
TFP H8   H  N N 322 
TFP H9   H  N N 323 
TFP H10  H  N N 324 
TFP H11  H  N N 325 
TFP H131 H  N N 326 
TFP H132 H  N N 327 
TFP H141 H  N N 328 
TFP H142 H  N N 329 
TFP H151 H  N N 330 
TFP H152 H  N N 331 
TFP H161 H  N N 332 
TFP H162 H  N N 333 
TFP H171 H  N N 334 
TFP H172 H  N N 335 
TFP H181 H  N N 336 
TFP H182 H  N N 337 
TFP H191 H  N N 338 
TFP H192 H  N N 339 
TFP H201 H  N N 340 
TFP H202 H  N N 341 
TFP H203 H  N N 342 
THR N    N  N N 343 
THR CA   C  N S 344 
THR C    C  N N 345 
THR O    O  N N 346 
THR CB   C  N R 347 
THR OG1  O  N N 348 
THR CG2  C  N N 349 
THR OXT  O  N N 350 
THR H    H  N N 351 
THR H2   H  N N 352 
THR HA   H  N N 353 
THR HB   H  N N 354 
THR HG1  H  N N 355 
THR HG21 H  N N 356 
THR HG22 H  N N 357 
THR HG23 H  N N 358 
THR HXT  H  N N 359 
TYR N    N  N N 360 
TYR CA   C  N S 361 
TYR C    C  N N 362 
TYR O    O  N N 363 
TYR CB   C  N N 364 
TYR CG   C  Y N 365 
TYR CD1  C  Y N 366 
TYR CD2  C  Y N 367 
TYR CE1  C  Y N 368 
TYR CE2  C  Y N 369 
TYR CZ   C  Y N 370 
TYR OH   O  N N 371 
TYR OXT  O  N N 372 
TYR H    H  N N 373 
TYR H2   H  N N 374 
TYR HA   H  N N 375 
TYR HB2  H  N N 376 
TYR HB3  H  N N 377 
TYR HD1  H  N N 378 
TYR HD2  H  N N 379 
TYR HE1  H  N N 380 
TYR HE2  H  N N 381 
TYR HH   H  N N 382 
TYR HXT  H  N N 383 
VAL N    N  N N 384 
VAL CA   C  N S 385 
VAL C    C  N N 386 
VAL O    O  N N 387 
VAL CB   C  N N 388 
VAL CG1  C  N N 389 
VAL CG2  C  N N 390 
VAL OXT  O  N N 391 
VAL H    H  N N 392 
VAL H2   H  N N 393 
VAL HA   H  N N 394 
VAL HB   H  N N 395 
VAL HG11 H  N N 396 
VAL HG12 H  N N 397 
VAL HG13 H  N N 398 
VAL HG21 H  N N 399 
VAL HG22 H  N N 400 
VAL HG23 H  N N 401 
VAL HXT  H  N N 402 
# 
loop_
_chem_comp_bond.comp_id 
_chem_comp_bond.atom_id_1 
_chem_comp_bond.atom_id_2 
_chem_comp_bond.value_order 
_chem_comp_bond.pdbx_aromatic_flag 
_chem_comp_bond.pdbx_stereo_config 
_chem_comp_bond.pdbx_ordinal 
ALA N   CA   sing N N 1   
ALA N   H    sing N N 2   
ALA N   H2   sing N N 3   
ALA CA  C    sing N N 4   
ALA CA  CB   sing N N 5   
ALA CA  HA   sing N N 6   
ALA C   O    doub N N 7   
ALA C   OXT  sing N N 8   
ALA CB  HB1  sing N N 9   
ALA CB  HB2  sing N N 10  
ALA CB  HB3  sing N N 11  
ALA OXT HXT  sing N N 12  
ARG N   CA   sing N N 13  
ARG N   H    sing N N 14  
ARG N   H2   sing N N 15  
ARG CA  C    sing N N 16  
ARG CA  CB   sing N N 17  
ARG CA  HA   sing N N 18  
ARG C   O    doub N N 19  
ARG C   OXT  sing N N 20  
ARG CB  CG   sing N N 21  
ARG CB  HB2  sing N N 22  
ARG CB  HB3  sing N N 23  
ARG CG  CD   sing N N 24  
ARG CG  HG2  sing N N 25  
ARG CG  HG3  sing N N 26  
ARG CD  NE   sing N N 27  
ARG CD  HD2  sing N N 28  
ARG CD  HD3  sing N N 29  
ARG NE  CZ   sing N N 30  
ARG NE  HE   sing N N 31  
ARG CZ  NH1  sing N N 32  
ARG CZ  NH2  doub N N 33  
ARG NH1 HH11 sing N N 34  
ARG NH1 HH12 sing N N 35  
ARG NH2 HH21 sing N N 36  
ARG NH2 HH22 sing N N 37  
ARG OXT HXT  sing N N 38  
ASN N   CA   sing N N 39  
ASN N   H    sing N N 40  
ASN N   H2   sing N N 41  
ASN CA  C    sing N N 42  
ASN CA  CB   sing N N 43  
ASN CA  HA   sing N N 44  
ASN C   O    doub N N 45  
ASN C   OXT  sing N N 46  
ASN CB  CG   sing N N 47  
ASN CB  HB2  sing N N 48  
ASN CB  HB3  sing N N 49  
ASN CG  OD1  doub N N 50  
ASN CG  ND2  sing N N 51  
ASN ND2 HD21 sing N N 52  
ASN ND2 HD22 sing N N 53  
ASN OXT HXT  sing N N 54  
ASP N   CA   sing N N 55  
ASP N   H    sing N N 56  
ASP N   H2   sing N N 57  
ASP CA  C    sing N N 58  
ASP CA  CB   sing N N 59  
ASP CA  HA   sing N N 60  
ASP C   O    doub N N 61  
ASP C   OXT  sing N N 62  
ASP CB  CG   sing N N 63  
ASP CB  HB2  sing N N 64  
ASP CB  HB3  sing N N 65  
ASP CG  OD1  doub N N 66  
ASP CG  OD2  sing N N 67  
ASP OD2 HD2  sing N N 68  
ASP OXT HXT  sing N N 69  
GLN N   CA   sing N N 70  
GLN N   H    sing N N 71  
GLN N   H2   sing N N 72  
GLN CA  C    sing N N 73  
GLN CA  CB   sing N N 74  
GLN CA  HA   sing N N 75  
GLN C   O    doub N N 76  
GLN C   OXT  sing N N 77  
GLN CB  CG   sing N N 78  
GLN CB  HB2  sing N N 79  
GLN CB  HB3  sing N N 80  
GLN CG  CD   sing N N 81  
GLN CG  HG2  sing N N 82  
GLN CG  HG3  sing N N 83  
GLN CD  OE1  doub N N 84  
GLN CD  NE2  sing N N 85  
GLN NE2 HE21 sing N N 86  
GLN NE2 HE22 sing N N 87  
GLN OXT HXT  sing N N 88  
GLU N   CA   sing N N 89  
GLU N   H    sing N N 90  
GLU N   H2   sing N N 91  
GLU CA  C    sing N N 92  
GLU CA  CB   sing N N 93  
GLU CA  HA   sing N N 94  
GLU C   O    doub N N 95  
GLU C   OXT  sing N N 96  
GLU CB  CG   sing N N 97  
GLU CB  HB2  sing N N 98  
GLU CB  HB3  sing N N 99  
GLU CG  CD   sing N N 100 
GLU CG  HG2  sing N N 101 
GLU CG  HG3  sing N N 102 
GLU CD  OE1  doub N N 103 
GLU CD  OE2  sing N N 104 
GLU OE2 HE2  sing N N 105 
GLU OXT HXT  sing N N 106 
GLY N   CA   sing N N 107 
GLY N   H    sing N N 108 
GLY N   H2   sing N N 109 
GLY CA  C    sing N N 110 
GLY CA  HA2  sing N N 111 
GLY CA  HA3  sing N N 112 
GLY C   O    doub N N 113 
GLY C   OXT  sing N N 114 
GLY OXT HXT  sing N N 115 
HIS N   CA   sing N N 116 
HIS N   H    sing N N 117 
HIS N   H2   sing N N 118 
HIS CA  C    sing N N 119 
HIS CA  CB   sing N N 120 
HIS CA  HA   sing N N 121 
HIS C   O    doub N N 122 
HIS C   OXT  sing N N 123 
HIS CB  CG   sing N N 124 
HIS CB  HB2  sing N N 125 
HIS CB  HB3  sing N N 126 
HIS CG  ND1  sing Y N 127 
HIS CG  CD2  doub Y N 128 
HIS ND1 CE1  doub Y N 129 
HIS ND1 HD1  sing N N 130 
HIS CD2 NE2  sing Y N 131 
HIS CD2 HD2  sing N N 132 
HIS CE1 NE2  sing Y N 133 
HIS CE1 HE1  sing N N 134 
HIS NE2 HE2  sing N N 135 
HIS OXT HXT  sing N N 136 
HOH O   H1   sing N N 137 
HOH O   H2   sing N N 138 
ILE N   CA   sing N N 139 
ILE N   H    sing N N 140 
ILE N   H2   sing N N 141 
ILE CA  C    sing N N 142 
ILE CA  CB   sing N N 143 
ILE CA  HA   sing N N 144 
ILE C   O    doub N N 145 
ILE C   OXT  sing N N 146 
ILE CB  CG1  sing N N 147 
ILE CB  CG2  sing N N 148 
ILE CB  HB   sing N N 149 
ILE CG1 CD1  sing N N 150 
ILE CG1 HG12 sing N N 151 
ILE CG1 HG13 sing N N 152 
ILE CG2 HG21 sing N N 153 
ILE CG2 HG22 sing N N 154 
ILE CG2 HG23 sing N N 155 
ILE CD1 HD11 sing N N 156 
ILE CD1 HD12 sing N N 157 
ILE CD1 HD13 sing N N 158 
ILE OXT HXT  sing N N 159 
LEU N   CA   sing N N 160 
LEU N   H    sing N N 161 
LEU N   H2   sing N N 162 
LEU CA  C    sing N N 163 
LEU CA  CB   sing N N 164 
LEU CA  HA   sing N N 165 
LEU C   O    doub N N 166 
LEU C   OXT  sing N N 167 
LEU CB  CG   sing N N 168 
LEU CB  HB2  sing N N 169 
LEU CB  HB3  sing N N 170 
LEU CG  CD1  sing N N 171 
LEU CG  CD2  sing N N 172 
LEU CG  HG   sing N N 173 
LEU CD1 HD11 sing N N 174 
LEU CD1 HD12 sing N N 175 
LEU CD1 HD13 sing N N 176 
LEU CD2 HD21 sing N N 177 
LEU CD2 HD22 sing N N 178 
LEU CD2 HD23 sing N N 179 
LEU OXT HXT  sing N N 180 
LYS N   CA   sing N N 181 
LYS N   H    sing N N 182 
LYS N   H2   sing N N 183 
LYS CA  C    sing N N 184 
LYS CA  CB   sing N N 185 
LYS CA  HA   sing N N 186 
LYS C   O    doub N N 187 
LYS C   OXT  sing N N 188 
LYS CB  CG   sing N N 189 
LYS CB  HB2  sing N N 190 
LYS CB  HB3  sing N N 191 
LYS CG  CD   sing N N 192 
LYS CG  HG2  sing N N 193 
LYS CG  HG3  sing N N 194 
LYS CD  CE   sing N N 195 
LYS CD  HD2  sing N N 196 
LYS CD  HD3  sing N N 197 
LYS CE  NZ   sing N N 198 
LYS CE  HE2  sing N N 199 
LYS CE  HE3  sing N N 200 
LYS NZ  HZ1  sing N N 201 
LYS NZ  HZ2  sing N N 202 
LYS NZ  HZ3  sing N N 203 
LYS OXT HXT  sing N N 204 
MET N   CA   sing N N 205 
MET N   H    sing N N 206 
MET N   H2   sing N N 207 
MET CA  C    sing N N 208 
MET CA  CB   sing N N 209 
MET CA  HA   sing N N 210 
MET C   O    doub N N 211 
MET C   OXT  sing N N 212 
MET CB  CG   sing N N 213 
MET CB  HB2  sing N N 214 
MET CB  HB3  sing N N 215 
MET CG  SD   sing N N 216 
MET CG  HG2  sing N N 217 
MET CG  HG3  sing N N 218 
MET SD  CE   sing N N 219 
MET CE  HE1  sing N N 220 
MET CE  HE2  sing N N 221 
MET CE  HE3  sing N N 222 
MET OXT HXT  sing N N 223 
PHE N   CA   sing N N 224 
PHE N   H    sing N N 225 
PHE N   H2   sing N N 226 
PHE CA  C    sing N N 227 
PHE CA  CB   sing N N 228 
PHE CA  HA   sing N N 229 
PHE C   O    doub N N 230 
PHE C   OXT  sing N N 231 
PHE CB  CG   sing N N 232 
PHE CB  HB2  sing N N 233 
PHE CB  HB3  sing N N 234 
PHE CG  CD1  doub Y N 235 
PHE CG  CD2  sing Y N 236 
PHE CD1 CE1  sing Y N 237 
PHE CD1 HD1  sing N N 238 
PHE CD2 CE2  doub Y N 239 
PHE CD2 HD2  sing N N 240 
PHE CE1 CZ   doub Y N 241 
PHE CE1 HE1  sing N N 242 
PHE CE2 CZ   sing Y N 243 
PHE CE2 HE2  sing N N 244 
PHE CZ  HZ   sing N N 245 
PHE OXT HXT  sing N N 246 
PRO N   CA   sing N N 247 
PRO N   CD   sing N N 248 
PRO N   H    sing N N 249 
PRO CA  C    sing N N 250 
PRO CA  CB   sing N N 251 
PRO CA  HA   sing N N 252 
PRO C   O    doub N N 253 
PRO C   OXT  sing N N 254 
PRO CB  CG   sing N N 255 
PRO CB  HB2  sing N N 256 
PRO CB  HB3  sing N N 257 
PRO CG  CD   sing N N 258 
PRO CG  HG2  sing N N 259 
PRO CG  HG3  sing N N 260 
PRO CD  HD2  sing N N 261 
PRO CD  HD3  sing N N 262 
PRO OXT HXT  sing N N 263 
SER N   CA   sing N N 264 
SER N   H    sing N N 265 
SER N   H2   sing N N 266 
SER CA  C    sing N N 267 
SER CA  CB   sing N N 268 
SER CA  HA   sing N N 269 
SER C   O    doub N N 270 
SER C   OXT  sing N N 271 
SER CB  OG   sing N N 272 
SER CB  HB2  sing N N 273 
SER CB  HB3  sing N N 274 
SER OG  HG   sing N N 275 
SER OXT HXT  sing N N 276 
TFP C1  C2   doub Y N 277 
TFP C1  C6   sing Y N 278 
TFP C1  C21  sing N N 279 
TFP C2  C3   sing Y N 280 
TFP C2  H2   sing N N 281 
TFP C3  C4   doub Y N 282 
TFP C3  H3   sing N N 283 
TFP C4  C5   sing Y N 284 
TFP C4  S    sing N N 285 
TFP C5  C6   doub Y N 286 
TFP C5  N1   sing N N 287 
TFP C6  H6   sing N N 288 
TFP S   C7   sing N N 289 
TFP C7  C8   doub Y N 290 
TFP C7  C12  sing Y N 291 
TFP C8  C9   sing Y N 292 
TFP C8  H8   sing N N 293 
TFP C9  C10  doub Y N 294 
TFP C9  H9   sing N N 295 
TFP C10 C11  sing Y N 296 
TFP C10 H10  sing N N 297 
TFP C11 C12  doub Y N 298 
TFP C11 H11  sing N N 299 
TFP C12 N1   sing N N 300 
TFP N1  C13  sing N N 301 
TFP C13 C14  sing N N 302 
TFP C13 H131 sing N N 303 
TFP C13 H132 sing N N 304 
TFP C14 C15  sing N N 305 
TFP C14 H141 sing N N 306 
TFP C14 H142 sing N N 307 
TFP C15 N2   sing N N 308 
TFP C15 H151 sing N N 309 
TFP C15 H152 sing N N 310 
TFP N2  C16  sing N N 311 
TFP N2  C19  sing N N 312 
TFP C16 C17  sing N N 313 
TFP C16 H161 sing N N 314 
TFP C16 H162 sing N N 315 
TFP C17 N3   sing N N 316 
TFP C17 H171 sing N N 317 
TFP C17 H172 sing N N 318 
TFP N3  C18  sing N N 319 
TFP N3  C20  sing N N 320 
TFP C18 C19  sing N N 321 
TFP C18 H181 sing N N 322 
TFP C18 H182 sing N N 323 
TFP C19 H191 sing N N 324 
TFP C19 H192 sing N N 325 
TFP C20 H201 sing N N 326 
TFP C20 H202 sing N N 327 
TFP C20 H203 sing N N 328 
TFP C21 F1   sing N N 329 
TFP C21 F2   sing N N 330 
TFP C21 F3   sing N N 331 
THR N   CA   sing N N 332 
THR N   H    sing N N 333 
THR N   H2   sing N N 334 
THR CA  C    sing N N 335 
THR CA  CB   sing N N 336 
THR CA  HA   sing N N 337 
THR C   O    doub N N 338 
THR C   OXT  sing N N 339 
THR CB  OG1  sing N N 340 
THR CB  CG2  sing N N 341 
THR CB  HB   sing N N 342 
THR OG1 HG1  sing N N 343 
THR CG2 HG21 sing N N 344 
THR CG2 HG22 sing N N 345 
THR CG2 HG23 sing N N 346 
THR OXT HXT  sing N N 347 
TYR N   CA   sing N N 348 
TYR N   H    sing N N 349 
TYR N   H2   sing N N 350 
TYR CA  C    sing N N 351 
TYR CA  CB   sing N N 352 
TYR CA  HA   sing N N 353 
TYR C   O    doub N N 354 
TYR C   OXT  sing N N 355 
TYR CB  CG   sing N N 356 
TYR CB  HB2  sing N N 357 
TYR CB  HB3  sing N N 358 
TYR CG  CD1  doub Y N 359 
TYR CG  CD2  sing Y N 360 
TYR CD1 CE1  sing Y N 361 
TYR CD1 HD1  sing N N 362 
TYR CD2 CE2  doub Y N 363 
TYR CD2 HD2  sing N N 364 
TYR CE1 CZ   doub Y N 365 
TYR CE1 HE1  sing N N 366 
TYR CE2 CZ   sing Y N 367 
TYR CE2 HE2  sing N N 368 
TYR CZ  OH   sing N N 369 
TYR OH  HH   sing N N 370 
TYR OXT HXT  sing N N 371 
VAL N   CA   sing N N 372 
VAL N   H    sing N N 373 
VAL N   H2   sing N N 374 
VAL CA  C    sing N N 375 
VAL CA  CB   sing N N 376 
VAL CA  HA   sing N N 377 
VAL C   O    doub N N 378 
VAL C   OXT  sing N N 379 
VAL CB  CG1  sing N N 380 
VAL CB  CG2  sing N N 381 
VAL CB  HB   sing N N 382 
VAL CG1 HG11 sing N N 383 
VAL CG1 HG12 sing N N 384 
VAL CG1 HG13 sing N N 385 
VAL CG2 HG21 sing N N 386 
VAL CG2 HG22 sing N N 387 
VAL CG2 HG23 sing N N 388 
VAL OXT HXT  sing N N 389 
# 
_atom_sites.entry_id                    1LIN 
_atom_sites.fract_transf_matrix[1][1]   0.00746289 
_atom_sites.fract_transf_matrix[1][2]   0.02182615 
_atom_sites.fract_transf_matrix[1][3]   0.01656505 
_atom_sites.fract_transf_matrix[2][1]   0.02487929 
_atom_sites.fract_transf_matrix[2][2]   -0.00042005 
_atom_sites.fract_transf_matrix[2][3]   0.01368750 
_atom_sites.fract_transf_matrix[3][1]   0.00246727 
_atom_sites.fract_transf_matrix[3][2]   0.00250177 
_atom_sites.fract_transf_matrix[3][3]   -0.00440789 
_atom_sites.fract_transf_vector[1]      0.583891 
_atom_sites.fract_transf_vector[2]      0.494458 
_atom_sites.fract_transf_vector[3]      0.095406 
# 
loop_
_atom_type.symbol 
C  
CA 
F  
N  
O  
S  
# 
loop_
_atom_site.group_PDB 
_atom_site.id 
_atom_site.type_symbol 
_atom_site.label_atom_id 
_atom_site.label_alt_id 
_atom_site.label_comp_id 
_atom_site.label_asym_id 
_atom_site.label_entity_id 
_atom_site.label_seq_id 
_atom_site.pdbx_PDB_ins_code 
_atom_site.Cartn_x 
_atom_site.Cartn_y 
_atom_site.Cartn_z 
_atom_site.occupancy 
_atom_site.B_iso_or_equiv 
_atom_site.pdbx_formal_charge 
_atom_site.auth_seq_id 
_atom_site.auth_comp_id 
_atom_site.auth_asym_id 
_atom_site.auth_atom_id 
_atom_site.pdbx_PDB_model_num 
ATOM   1    N  N   . GLN A 1 3   ? -14.511 0.689   14.209  1.00 57.80  ? 3   GLN A N   1 
ATOM   2    C  CA  . GLN A 1 3   ? -13.496 -0.367  14.493  1.00 56.83  ? 3   GLN A CA  1 
ATOM   3    C  C   . GLN A 1 3   ? -13.245 -1.271  13.293  1.00 52.60  ? 3   GLN A C   1 
ATOM   4    O  O   . GLN A 1 3   ? -13.986 -1.249  12.314  1.00 52.81  ? 3   GLN A O   1 
ATOM   5    C  CB  . GLN A 1 3   ? -13.898 -1.208  15.716  1.00 60.06  ? 3   GLN A CB  1 
ATOM   6    C  CG  . GLN A 1 3   ? -13.193 -0.803  17.021  1.00 65.06  ? 3   GLN A CG  1 
ATOM   7    C  CD  . GLN A 1 3   ? -13.627 0.558   17.539  1.00 69.82  ? 3   GLN A CD  1 
ATOM   8    O  OE1 . GLN A 1 3   ? -14.041 1.430   16.764  1.00 73.31  ? 3   GLN A OE1 1 
ATOM   9    N  NE2 . GLN A 1 3   ? -13.549 0.745   18.853  1.00 70.02  ? 3   GLN A NE2 1 
ATOM   10   N  N   . LEU A 1 4   ? -12.189 -2.061  13.394  1.00 47.84  ? 4   LEU A N   1 
ATOM   11   C  CA  . LEU A 1 4   ? -11.771 -2.984  12.355  1.00 42.32  ? 4   LEU A CA  1 
ATOM   12   C  C   . LEU A 1 4   ? -12.892 -3.931  11.929  1.00 38.68  ? 4   LEU A C   1 
ATOM   13   O  O   . LEU A 1 4   ? -13.395 -4.715  12.737  1.00 39.56  ? 4   LEU A O   1 
ATOM   14   C  CB  . LEU A 1 4   ? -10.595 -3.785  12.897  1.00 40.79  ? 4   LEU A CB  1 
ATOM   15   C  CG  . LEU A 1 4   ? -9.699  -4.478  11.896  1.00 42.48  ? 4   LEU A CG  1 
ATOM   16   C  CD1 . LEU A 1 4   ? -9.037  -3.447  10.996  1.00 41.43  ? 4   LEU A CD1 1 
ATOM   17   C  CD2 . LEU A 1 4   ? -8.667  -5.256  12.673  1.00 43.31  ? 4   LEU A CD2 1 
ATOM   18   N  N   . THR A 1 5   ? -13.312 -3.841  10.674  1.00 34.23  ? 5   THR A N   1 
ATOM   19   C  CA  . THR A 1 5   ? -14.365 -4.723  10.189  1.00 31.72  ? 5   THR A CA  1 
ATOM   20   C  C   . THR A 1 5   ? -13.740 -6.010  9.757   1.00 30.74  ? 5   THR A C   1 
ATOM   21   O  O   . THR A 1 5   ? -12.533 -6.081  9.529   1.00 31.17  ? 5   THR A O   1 
ATOM   22   C  CB  . THR A 1 5   ? -15.095 -4.173  8.954   1.00 34.63  ? 5   THR A CB  1 
ATOM   23   O  OG1 . THR A 1 5   ? -14.144 -3.797  7.948   1.00 37.36  ? 5   THR A OG1 1 
ATOM   24   C  CG2 . THR A 1 5   ? -15.941 -2.984  9.320   1.00 36.07  ? 5   THR A CG2 1 
ATOM   25   N  N   . GLU A 1 6   ? -14.570 -7.017  9.569   1.00 29.03  ? 6   GLU A N   1 
ATOM   26   C  CA  . GLU A 1 6   ? -14.064 -8.293  9.126   1.00 32.83  ? 6   GLU A CA  1 
ATOM   27   C  C   . GLU A 1 6   ? -13.603 -8.174  7.679   1.00 35.17  ? 6   GLU A C   1 
ATOM   28   O  O   . GLU A 1 6   ? -12.607 -8.782  7.289   1.00 35.44  ? 6   GLU A O   1 
ATOM   29   C  CB  . GLU A 1 6   ? -15.116 -9.381  9.316   1.00 34.32  ? 6   GLU A CB  1 
ATOM   30   C  CG  . GLU A 1 6   ? -15.368 -9.653  10.801  1.00 40.58  ? 6   GLU A CG  1 
ATOM   31   C  CD  . GLU A 1 6   ? -16.332 -10.793 11.069  1.00 44.11  ? 6   GLU A CD  1 
ATOM   32   O  OE1 . GLU A 1 6   ? -16.862 -11.383 10.092  1.00 47.13  ? 6   GLU A OE1 1 
ATOM   33   O  OE2 . GLU A 1 6   ? -16.556 -11.094 12.269  1.00 44.50  ? 6   GLU A OE2 1 
ATOM   34   N  N   . GLU A 1 7   ? -14.275 -7.324  6.905   1.00 37.46  ? 7   GLU A N   1 
ATOM   35   C  CA  . GLU A 1 7   ? -13.909 -7.101  5.501   1.00 38.53  ? 7   GLU A CA  1 
ATOM   36   C  C   . GLU A 1 7   ? -12.474 -6.535  5.443   1.00 35.00  ? 7   GLU A C   1 
ATOM   37   O  O   . GLU A 1 7   ? -11.645 -6.974  4.640   1.00 32.83  ? 7   GLU A O   1 
ATOM   38   C  CB  . GLU A 1 7   ? -14.906 -6.124  4.836   1.00 43.24  ? 7   GLU A CB  1 
ATOM   39   C  CG  . GLU A 1 7   ? -14.652 -5.833  3.353   1.00 50.41  ? 7   GLU A CG  1 
ATOM   40   C  CD  . GLU A 1 7   ? -15.195 -4.479  2.891   1.00 54.12  ? 7   GLU A CD  1 
ATOM   41   O  OE1 . GLU A 1 7   ? -14.995 -3.464  3.599   1.00 58.02  ? 7   GLU A OE1 1 
ATOM   42   O  OE2 . GLU A 1 7   ? -15.789 -4.421  1.791   1.00 57.29  ? 7   GLU A OE2 1 
ATOM   43   N  N   . GLN A 1 8   ? -12.182 -5.586  6.324   1.00 32.27  ? 8   GLN A N   1 
ATOM   44   C  CA  . GLN A 1 8   ? -10.868 -4.975  6.361   1.00 32.07  ? 8   GLN A CA  1 
ATOM   45   C  C   . GLN A 1 8   ? -9.808  -6.000  6.728   1.00 30.75  ? 8   GLN A C   1 
ATOM   46   O  O   . GLN A 1 8   ? -8.706  -5.968  6.179   1.00 29.29  ? 8   GLN A O   1 
ATOM   47   C  CB  . GLN A 1 8   ? -10.846 -3.819  7.353   1.00 34.86  ? 8   GLN A CB  1 
ATOM   48   C  CG  . GLN A 1 8   ? -11.660 -2.615  6.928   1.00 38.45  ? 8   GLN A CG  1 
ATOM   49   C  CD  . GLN A 1 8   ? -11.686 -1.530  7.993   1.00 41.65  ? 8   GLN A CD  1 
ATOM   50   O  OE1 . GLN A 1 8   ? -12.425 -1.625  8.974   1.00 43.33  ? 8   GLN A OE1 1 
ATOM   51   N  NE2 . GLN A 1 8   ? -10.865 -0.500  7.812   1.00 44.47  ? 8   GLN A NE2 1 
ATOM   52   N  N   . ILE A 1 9   ? -10.147 -6.918  7.636   1.00 26.84  ? 9   ILE A N   1 
ATOM   53   C  CA  . ILE A 1 9   ? -9.200  -7.949  8.054   1.00 24.22  ? 9   ILE A CA  1 
ATOM   54   C  C   . ILE A 1 9   ? -8.784  -8.813  6.880   1.00 22.87  ? 9   ILE A C   1 
ATOM   55   O  O   . ILE A 1 9   ? -7.594  -9.016  6.678   1.00 25.61  ? 9   ILE A O   1 
ATOM   56   C  CB  . ILE A 1 9   ? -9.729  -8.828  9.215   1.00 18.97  ? 9   ILE A CB  1 
ATOM   57   C  CG1 . ILE A 1 9   ? -9.856  -7.976  10.466  1.00 20.42  ? 9   ILE A CG1 1 
ATOM   58   C  CG2 . ILE A 1 9   ? -8.744  -9.935  9.547   1.00 15.30  ? 9   ILE A CG2 1 
ATOM   59   C  CD1 . ILE A 1 9   ? -10.722 -8.591  11.505  1.00 22.70  ? 9   ILE A CD1 1 
ATOM   60   N  N   . ALA A 1 10  ? -9.746  -9.312  6.105   1.00 22.03  ? 10  ALA A N   1 
ATOM   61   C  CA  . ALA A 1 10  ? -9.427  -10.142 4.937   1.00 21.25  ? 10  ALA A CA  1 
ATOM   62   C  C   . ALA A 1 10  ? -8.643  -9.327  3.892   1.00 20.21  ? 10  ALA A C   1 
ATOM   63   O  O   . ALA A 1 10  ? -7.735  -9.838  3.248   1.00 20.28  ? 10  ALA A O   1 
ATOM   64   C  CB  . ALA A 1 10  ? -10.695 -10.711 4.316   1.00 21.32  ? 10  ALA A CB  1 
ATOM   65   N  N   . GLU A 1 11  ? -8.998  -8.059  3.730   1.00 19.87  ? 11  GLU A N   1 
ATOM   66   C  CA  . GLU A 1 11  ? -8.301  -7.205  2.790   1.00 21.64  ? 11  GLU A CA  1 
ATOM   67   C  C   . GLU A 1 11  ? -6.855  -7.036  3.228   1.00 21.62  ? 11  GLU A C   1 
ATOM   68   O  O   . GLU A 1 11  ? -5.947  -7.126  2.411   1.00 23.39  ? 11  GLU A O   1 
ATOM   69   C  CB  . GLU A 1 11  ? -8.973  -5.837  2.704   1.00 22.38  ? 11  GLU A CB  1 
ATOM   70   C  CG  . GLU A 1 11  ? -10.343 -5.885  2.064   1.00 24.84  ? 11  GLU A CG  1 
ATOM   71   C  CD  . GLU A 1 11  ? -11.026 -4.537  2.003   1.00 27.67  ? 11  GLU A CD  1 
ATOM   72   O  OE1 . GLU A 1 11  ? -10.597 -3.576  2.676   1.00 31.79  ? 11  GLU A OE1 1 
ATOM   73   O  OE2 . GLU A 1 11  ? -12.020 -4.440  1.272   1.00 34.24  ? 11  GLU A OE2 1 
ATOM   74   N  N   . PHE A 1 12  ? -6.639  -6.823  4.520   1.00 20.09  ? 12  PHE A N   1 
ATOM   75   C  CA  . PHE A 1 12  ? -5.287  -6.637  5.035   1.00 21.73  ? 12  PHE A CA  1 
ATOM   76   C  C   . PHE A 1 12  ? -4.451  -7.915  4.948   1.00 21.75  ? 12  PHE A C   1 
ATOM   77   O  O   . PHE A 1 12  ? -3.219  -7.854  4.878   1.00 21.95  ? 12  PHE A O   1 
ATOM   78   C  CB  . PHE A 1 12  ? -5.327  -6.105  6.467   1.00 21.41  ? 12  PHE A CB  1 
ATOM   79   C  CG  . PHE A 1 12  ? -5.939  -4.739  6.588   1.00 25.85  ? 12  PHE A CG  1 
ATOM   80   C  CD1 . PHE A 1 12  ? -5.748  -3.790  5.605   1.00 25.11  ? 12  PHE A CD1 1 
ATOM   81   C  CD2 . PHE A 1 12  ? -6.683  -4.392  7.706   1.00 27.01  ? 12  PHE A CD2 1 
ATOM   82   C  CE1 . PHE A 1 12  ? -6.286  -2.520  5.736   1.00 27.31  ? 12  PHE A CE1 1 
ATOM   83   C  CE2 . PHE A 1 12  ? -7.223  -3.119  7.837   1.00 28.18  ? 12  PHE A CE2 1 
ATOM   84   C  CZ  . PHE A 1 12  ? -7.023  -2.183  6.854   1.00 25.82  ? 12  PHE A CZ  1 
ATOM   85   N  N   . LYS A 1 13  ? -5.119  -9.067  4.973   1.00 20.81  ? 13  LYS A N   1 
ATOM   86   C  CA  . LYS A 1 13  ? -4.434  -10.348 4.863   1.00 21.53  ? 13  LYS A CA  1 
ATOM   87   C  C   . LYS A 1 13  ? -3.976  -10.496 3.411   1.00 21.70  ? 13  LYS A C   1 
ATOM   88   O  O   . LYS A 1 13  ? -2.926  -11.078 3.134   1.00 23.11  ? 13  LYS A O   1 
ATOM   89   C  CB  . LYS A 1 13  ? -5.359  -11.494 5.273   1.00 18.84  ? 13  LYS A CB  1 
ATOM   90   C  CG  . LYS A 1 13  ? -4.704  -12.876 5.327   1.00 21.46  ? 13  LYS A CG  1 
ATOM   91   C  CD  . LYS A 1 13  ? -3.402  -12.878 6.118   1.00 22.78  ? 13  LYS A CD  1 
ATOM   92   C  CE  . LYS A 1 13  ? -2.934  -14.293 6.425   1.00 22.20  ? 13  LYS A CE  1 
ATOM   93   N  NZ  . LYS A 1 13  ? -2.904  -15.163 5.228   1.00 23.87  ? 13  LYS A NZ  1 
ATOM   94   N  N   . GLU A 1 14  ? -4.777  -9.965  2.492   1.00 22.60  ? 14  GLU A N   1 
ATOM   95   C  CA  . GLU A 1 14  ? -4.447  -9.976  1.071   1.00 22.75  ? 14  GLU A CA  1 
ATOM   96   C  C   . GLU A 1 14  ? -3.219  -9.087  0.862   1.00 21.65  ? 14  GLU A C   1 
ATOM   97   O  O   . GLU A 1 14  ? -2.272  -9.479  0.199   1.00 23.32  ? 14  GLU A O   1 
ATOM   98   C  CB  . GLU A 1 14  ? -5.602  -9.407  0.263   1.00 26.72  ? 14  GLU A CB  1 
ATOM   99   C  CG  . GLU A 1 14  ? -5.305  -9.303  -1.210  1.00 31.84  ? 14  GLU A CG  1 
ATOM   100  C  CD  . GLU A 1 14  ? -5.169  -10.657 -1.845  1.00 37.51  ? 14  GLU A CD  1 
ATOM   101  O  OE1 . GLU A 1 14  ? -5.938  -11.568 -1.442  1.00 39.21  ? 14  GLU A OE1 1 
ATOM   102  O  OE2 . GLU A 1 14  ? -4.298  -10.812 -2.735  1.00 40.79  ? 14  GLU A OE2 1 
ATOM   103  N  N   . ALA A 1 15  ? -3.255  -7.885  1.428   1.00 21.31  ? 15  ALA A N   1 
ATOM   104  C  CA  . ALA A 1 15  ? -2.149  -6.945  1.338   1.00 21.76  ? 15  ALA A CA  1 
ATOM   105  C  C   . ALA A 1 15  ? -0.902  -7.600  1.926   1.00 23.88  ? 15  ALA A C   1 
ATOM   106  O  O   . ALA A 1 15  ? 0.175   -7.567  1.315   1.00 23.58  ? 15  ALA A O   1 
ATOM   107  C  CB  . ALA A 1 15  ? -2.480  -5.640  2.090   1.00 19.01  ? 15  ALA A CB  1 
ATOM   108  N  N   . PHE A 1 16  ? -1.057  -8.257  3.079   1.00 21.60  ? 16  PHE A N   1 
ATOM   109  C  CA  . PHE A 1 16  ? 0.067   -8.921  3.724   1.00 20.41  ? 16  PHE A CA  1 
ATOM   110  C  C   . PHE A 1 16  ? 0.770   -9.878  2.753   1.00 21.07  ? 16  PHE A C   1 
ATOM   111  O  O   . PHE A 1 16  ? 2.005   -9.894  2.662   1.00 20.35  ? 16  PHE A O   1 
ATOM   112  C  CB  . PHE A 1 16  ? -0.389  -9.667  4.987   1.00 19.36  ? 16  PHE A CB  1 
ATOM   113  C  CG  . PHE A 1 16  ? 0.744   -10.262 5.794   1.00 17.64  ? 16  PHE A CG  1 
ATOM   114  C  CD1 . PHE A 1 16  ? 1.504   -9.467  6.643   1.00 15.61  ? 16  PHE A CD1 1 
ATOM   115  C  CD2 . PHE A 1 16  ? 1.030   -11.614 5.722   1.00 16.52  ? 16  PHE A CD2 1 
ATOM   116  C  CE1 . PHE A 1 16  ? 2.520   -10.013 7.401   1.00 12.55  ? 16  PHE A CE1 1 
ATOM   117  C  CE2 . PHE A 1 16  ? 2.054   -12.162 6.485   1.00 16.49  ? 16  PHE A CE2 1 
ATOM   118  C  CZ  . PHE A 1 16  ? 2.793   -11.359 7.319   1.00 12.34  ? 16  PHE A CZ  1 
ATOM   119  N  N   . SER A 1 17  ? -0.002  -10.627 1.979   1.00 21.52  ? 17  SER A N   1 
ATOM   120  C  CA  . SER A 1 17  ? 0.595   -11.564 1.045   1.00 26.04  ? 17  SER A CA  1 
ATOM   121  C  C   . SER A 1 17  ? 1.379   -10.901 -0.096  1.00 27.20  ? 17  SER A C   1 
ATOM   122  O  O   . SER A 1 17  ? 2.158   -11.566 -0.776  1.00 28.05  ? 17  SER A O   1 
ATOM   123  C  CB  . SER A 1 17  ? -0.441  -12.577 0.517   1.00 28.87  ? 17  SER A CB  1 
ATOM   124  O  OG  . SER A 1 17  ? -1.509  -11.951 -0.169  1.00 35.91  ? 17  SER A OG  1 
ATOM   125  N  N   . LEU A 1 18  ? 1.176   -9.606  -0.324  1.00 25.43  ? 18  LEU A N   1 
ATOM   126  C  CA  . LEU A 1 18  ? 1.938   -8.942  -1.369  1.00 24.81  ? 18  LEU A CA  1 
ATOM   127  C  C   . LEU A 1 18  ? 3.378   -8.731  -0.919  1.00 23.70  ? 18  LEU A C   1 
ATOM   128  O  O   . LEU A 1 18  ? 4.280   -8.586  -1.740  1.00 24.67  ? 18  LEU A O   1 
ATOM   129  C  CB  . LEU A 1 18  ? 1.301   -7.622  -1.764  1.00 27.30  ? 18  LEU A CB  1 
ATOM   130  C  CG  . LEU A 1 18  ? 0.040   -7.765  -2.618  1.00 31.17  ? 18  LEU A CG  1 
ATOM   131  C  CD1 . LEU A 1 18  ? -0.029  -6.570  -3.545  1.00 30.97  ? 18  LEU A CD1 1 
ATOM   132  C  CD2 . LEU A 1 18  ? 0.075   -9.053  -3.436  1.00 34.07  ? 18  LEU A CD2 1 
ATOM   133  N  N   . PHE A 1 19  ? 3.584   -8.687  0.393   1.00 21.82  ? 19  PHE A N   1 
ATOM   134  C  CA  . PHE A 1 19  ? 4.916   -8.535  0.963   1.00 20.14  ? 19  PHE A CA  1 
ATOM   135  C  C   . PHE A 1 19  ? 5.534   -9.893  1.272   1.00 21.77  ? 19  PHE A C   1 
ATOM   136  O  O   . PHE A 1 19  ? 6.719   -10.121 1.033   1.00 22.12  ? 19  PHE A O   1 
ATOM   137  C  CB  . PHE A 1 19  ? 4.847   -7.745  2.246   1.00 18.95  ? 19  PHE A CB  1 
ATOM   138  C  CG  . PHE A 1 19  ? 4.447   -6.340  2.052   1.00 21.98  ? 19  PHE A CG  1 
ATOM   139  C  CD1 . PHE A 1 19  ? 3.114   -5.993  2.009   1.00 22.91  ? 19  PHE A CD1 1 
ATOM   140  C  CD2 . PHE A 1 19  ? 5.405   -5.356  1.904   1.00 22.30  ? 19  PHE A CD2 1 
ATOM   141  C  CE1 . PHE A 1 19  ? 2.733   -4.682  1.820   1.00 25.12  ? 19  PHE A CE1 1 
ATOM   142  C  CE2 . PHE A 1 19  ? 5.038   -4.043  1.715   1.00 24.47  ? 19  PHE A CE2 1 
ATOM   143  C  CZ  . PHE A 1 19  ? 3.697   -3.702  1.673   1.00 24.30  ? 19  PHE A CZ  1 
ATOM   144  N  N   . ASP A 1 20  ? 4.734   -10.784 1.841   1.00 19.53  ? 20  ASP A N   1 
ATOM   145  C  CA  . ASP A 1 20  ? 5.207   -12.098 2.199   1.00 19.46  ? 20  ASP A CA  1 
ATOM   146  C  C   . ASP A 1 20  ? 5.272   -12.962 0.958   1.00 22.30  ? 20  ASP A C   1 
ATOM   147  O  O   . ASP A 1 20  ? 4.508   -13.899 0.804   1.00 24.21  ? 20  ASP A O   1 
ATOM   148  C  CB  . ASP A 1 20  ? 4.255   -12.703 3.225   1.00 19.08  ? 20  ASP A CB  1 
ATOM   149  C  CG  . ASP A 1 20  ? 4.673   -14.080 3.662   1.00 21.63  ? 20  ASP A CG  1 
ATOM   150  O  OD1 . ASP A 1 20  ? 5.893   -14.377 3.608   1.00 24.42  ? 20  ASP A OD1 1 
ATOM   151  O  OD2 . ASP A 1 20  ? 3.778   -14.858 4.058   1.00 19.90  ? 20  ASP A OD2 1 
ATOM   152  N  N   . LYS A 1 21  ? 6.229   -12.679 0.092   1.00 25.49  ? 21  LYS A N   1 
ATOM   153  C  CA  . LYS A 1 21  ? 6.386   -13.408 -1.170  1.00 28.77  ? 21  LYS A CA  1 
ATOM   154  C  C   . LYS A 1 21  ? 6.459   -14.955 -1.083  1.00 30.44  ? 21  LYS A C   1 
ATOM   155  O  O   . LYS A 1 21  ? 5.740   -15.666 -1.797  1.00 31.49  ? 21  LYS A O   1 
ATOM   156  C  CB  . LYS A 1 21  ? 7.612   -12.859 -1.925  1.00 32.42  ? 21  LYS A CB  1 
ATOM   157  C  CG  . LYS A 1 21  ? 7.601   -11.333 -2.229  1.00 36.67  ? 21  LYS A CG  1 
ATOM   158  C  CD  . LYS A 1 21  ? 6.595   -10.983 -3.312  1.00 37.32  ? 21  LYS A CD  1 
ATOM   159  C  CE  . LYS A 1 21  ? 6.528   -9.504  -3.575  1.00 38.53  ? 21  LYS A CE  1 
ATOM   160  N  NZ  . LYS A 1 21  ? 5.389   -9.259  -4.497  1.00 40.21  ? 21  LYS A NZ  1 
ATOM   161  N  N   . ASP A 1 22  ? 7.332   -15.474 -0.223  1.00 30.50  ? 22  ASP A N   1 
ATOM   162  C  CA  . ASP A 1 22  ? 7.497   -16.918 -0.056  1.00 30.50  ? 22  ASP A CA  1 
ATOM   163  C  C   . ASP A 1 22  ? 6.398   -17.617 0.755   1.00 30.75  ? 22  ASP A C   1 
ATOM   164  O  O   . ASP A 1 22  ? 6.450   -18.828 0.976   1.00 32.50  ? 22  ASP A O   1 
ATOM   165  C  CB  . ASP A 1 22  ? 8.871   -17.226 0.544   1.00 29.40  ? 22  ASP A CB  1 
ATOM   166  C  CG  . ASP A 1 22  ? 9.103   -16.557 1.897   1.00 29.85  ? 22  ASP A CG  1 
ATOM   167  O  OD1 . ASP A 1 22  ? 8.150   -16.045 2.536   1.00 25.94  ? 22  ASP A OD1 1 
ATOM   168  O  OD2 . ASP A 1 22  ? 10.276  -16.547 2.325   1.00 34.10  ? 22  ASP A OD2 1 
ATOM   169  N  N   . GLY A 1 23  ? 5.442   -16.843 1.251   1.00 31.20  ? 23  GLY A N   1 
ATOM   170  C  CA  . GLY A 1 23  ? 4.352   -17.409 2.025   1.00 29.69  ? 23  GLY A CA  1 
ATOM   171  C  C   . GLY A 1 23  ? 4.719   -18.040 3.351   1.00 28.54  ? 23  GLY A C   1 
ATOM   172  O  O   . GLY A 1 23  ? 3.958   -18.848 3.870   1.00 32.57  ? 23  GLY A O   1 
ATOM   173  N  N   . ASP A 1 24  ? 5.840   -17.650 3.945   1.00 27.41  ? 24  ASP A N   1 
ATOM   174  C  CA  . ASP A 1 24  ? 6.218   -18.245 5.221   1.00 25.92  ? 24  ASP A CA  1 
ATOM   175  C  C   . ASP A 1 24  ? 5.541   -17.592 6.426   1.00 26.90  ? 24  ASP A C   1 
ATOM   176  O  O   . ASP A 1 24  ? 5.830   -17.940 7.569   1.00 27.09  ? 24  ASP A O   1 
ATOM   177  C  CB  . ASP A 1 24  ? 7.746   -18.288 5.387   1.00 25.32  ? 24  ASP A CB  1 
ATOM   178  C  CG  . ASP A 1 24  ? 8.362   -16.935 5.697   1.00 23.71  ? 24  ASP A CG  1 
ATOM   179  O  OD1 . ASP A 1 24  ? 7.720   -15.888 5.483   1.00 26.74  ? 24  ASP A OD1 1 
ATOM   180  O  OD2 . ASP A 1 24  ? 9.517   -16.924 6.164   1.00 25.94  ? 24  ASP A OD2 1 
ATOM   181  N  N   . GLY A 1 25  ? 4.656   -16.628 6.166   1.00 28.15  ? 25  GLY A N   1 
ATOM   182  C  CA  . GLY A 1 25  ? 3.945   -15.940 7.236   1.00 24.96  ? 25  GLY A CA  1 
ATOM   183  C  C   . GLY A 1 25  ? 4.646   -14.736 7.843   1.00 25.12  ? 25  GLY A C   1 
ATOM   184  O  O   . GLY A 1 25  ? 4.125   -14.128 8.769   1.00 24.43  ? 25  GLY A O   1 
ATOM   185  N  N   . THR A 1 26  ? 5.830   -14.393 7.344   1.00 22.27  ? 26  THR A N   1 
ATOM   186  C  CA  . THR A 1 26  ? 6.562   -13.246 7.854   1.00 22.77  ? 26  THR A CA  1 
ATOM   187  C  C   . THR A 1 26  ? 7.120   -12.428 6.699   1.00 19.77  ? 26  THR A C   1 
ATOM   188  O  O   . THR A 1 26  ? 7.339   -12.946 5.601   1.00 18.46  ? 26  THR A O   1 
ATOM   189  C  CB  . THR A 1 26  ? 7.751   -13.673 8.736   1.00 25.89  ? 26  THR A CB  1 
ATOM   190  O  OG1 . THR A 1 26  ? 8.684   -14.424 7.953   1.00 31.44  ? 26  THR A OG1 1 
ATOM   191  C  CG2 . THR A 1 26  ? 7.284   -14.523 9.897   1.00 32.18  ? 26  THR A CG2 1 
ATOM   192  N  N   . ILE A 1 27  ? 7.287   -11.139 6.933   1.00 17.92  ? 27  ILE A N   1 
ATOM   193  C  CA  . ILE A 1 27  ? 7.848   -10.261 5.929   1.00 17.96  ? 27  ILE A CA  1 
ATOM   194  C  C   . ILE A 1 27  ? 9.227   -9.948  6.445   1.00 17.41  ? 27  ILE A C   1 
ATOM   195  O  O   . ILE A 1 27  ? 9.377   -9.516  7.580   1.00 17.31  ? 27  ILE A O   1 
ATOM   196  C  CB  . ILE A 1 27  ? 7.076   -8.946  5.809   1.00 17.62  ? 27  ILE A CB  1 
ATOM   197  C  CG1 . ILE A 1 27  ? 5.634   -9.211  5.378   1.00 15.94  ? 27  ILE A CG1 1 
ATOM   198  C  CG2 . ILE A 1 27  ? 7.792   -8.006  4.839   1.00 16.39  ? 27  ILE A CG2 1 
ATOM   199  C  CD1 . ILE A 1 27  ? 4.741   -7.994  5.511   1.00 15.96  ? 27  ILE A CD1 1 
ATOM   200  N  N   . THR A 1 28  ? 10.239  -10.211 5.642   1.00 15.27  ? 28  THR A N   1 
ATOM   201  C  CA  . THR A 1 28  ? 11.597  -9.928  6.058   1.00 14.78  ? 28  THR A CA  1 
ATOM   202  C  C   . THR A 1 28  ? 12.073  -8.645  5.364   1.00 15.60  ? 28  THR A C   1 
ATOM   203  O  O   . THR A 1 28  ? 11.366  -8.087  4.527   1.00 15.79  ? 28  THR A O   1 
ATOM   204  C  CB  . THR A 1 28  ? 12.493  -11.072 5.645   1.00 14.04  ? 28  THR A CB  1 
ATOM   205  O  OG1 . THR A 1 28  ? 12.540  -11.126 4.210   1.00 19.14  ? 28  THR A OG1 1 
ATOM   206  C  CG2 . THR A 1 28  ? 11.935  -12.385 6.184   1.00 13.49  ? 28  THR A CG2 1 
ATOM   207  N  N   . THR A 1 29  ? 13.254  -8.157  5.731   1.00 17.29  ? 29  THR A N   1 
ATOM   208  C  CA  . THR A 1 29  ? 13.827  -6.964  5.101   1.00 17.21  ? 29  THR A CA  1 
ATOM   209  C  C   . THR A 1 29  ? 13.987  -7.193  3.577   1.00 16.82  ? 29  THR A C   1 
ATOM   210  O  O   . THR A 1 29  ? 13.787  -6.276  2.772   1.00 16.10  ? 29  THR A O   1 
ATOM   211  C  CB  . THR A 1 29  ? 15.210  -6.640  5.703   1.00 14.87  ? 29  THR A CB  1 
ATOM   212  O  OG1 . THR A 1 29  ? 16.028  -7.803  5.635   1.00 15.76  ? 29  THR A OG1 1 
ATOM   213  C  CG2 . THR A 1 29  ? 15.103  -6.236  7.146   1.00 15.48  ? 29  THR A CG2 1 
ATOM   214  N  N   . LYS A 1 30  ? 14.312  -8.432  3.197   1.00 16.04  ? 30  LYS A N   1 
ATOM   215  C  CA  . LYS A 1 30  ? 14.501  -8.793  1.796   1.00 16.43  ? 30  LYS A CA  1 
ATOM   216  C  C   . LYS A 1 30  ? 13.221  -8.595  1.034   1.00 17.28  ? 30  LYS A C   1 
ATOM   217  O  O   . LYS A 1 30  ? 13.239  -8.006  -0.034  1.00 16.48  ? 30  LYS A O   1 
ATOM   218  C  CB  . LYS A 1 30  ? 14.974  -10.243 1.654   1.00 18.33  ? 30  LYS A CB  1 
ATOM   219  C  CG  . LYS A 1 30  ? 16.426  -10.472 2.074   1.00 17.48  ? 30  LYS A CG  1 
ATOM   220  C  CD  . LYS A 1 30  ? 16.856  -11.909 1.821   1.00 16.91  ? 30  LYS A CD  1 
ATOM   221  C  CE  . LYS A 1 30  ? 16.475  -12.842 2.957   1.00 15.42  ? 30  LYS A CE  1 
ATOM   222  N  NZ  . LYS A 1 30  ? 17.242  -12.529 4.171   1.00 16.27  ? 30  LYS A NZ  1 
ATOM   223  N  N   . GLU A 1 31  ? 12.113  -9.102  1.578   1.00 17.27  ? 31  GLU A N   1 
ATOM   224  C  CA  . GLU A 1 31  ? 10.790  -8.962  0.948   1.00 15.51  ? 31  GLU A CA  1 
ATOM   225  C  C   . GLU A 1 31  ? 10.351  -7.514  0.885   1.00 13.70  ? 31  GLU A C   1 
ATOM   226  O  O   . GLU A 1 31  ? 9.831   -7.075  -0.121  1.00 15.04  ? 31  GLU A O   1 
ATOM   227  C  CB  . GLU A 1 31  ? 9.754   -9.804  1.685   1.00 13.91  ? 31  GLU A CB  1 
ATOM   228  C  CG  . GLU A 1 31  ? 9.949   -11.268 1.387   1.00 16.73  ? 31  GLU A CG  1 
ATOM   229  C  CD  . GLU A 1 31  ? 9.219   -12.189 2.329   1.00 16.60  ? 31  GLU A CD  1 
ATOM   230  O  OE1 . GLU A 1 31  ? 9.087   -11.867 3.525   1.00 14.96  ? 31  GLU A OE1 1 
ATOM   231  O  OE2 . GLU A 1 31  ? 8.802   -13.254 1.863   1.00 16.27  ? 31  GLU A OE2 1 
ATOM   232  N  N   . LEU A 1 32  ? 10.594  -6.765  1.954   1.00 13.92  ? 32  LEU A N   1 
ATOM   233  C  CA  . LEU A 1 32  ? 10.249  -5.359  1.992   1.00 15.39  ? 32  LEU A CA  1 
ATOM   234  C  C   . LEU A 1 32  ? 11.072  -4.629  0.919   1.00 17.44  ? 32  LEU A C   1 
ATOM   235  O  O   . LEU A 1 32  ? 10.551  -3.772  0.198   1.00 19.47  ? 32  LEU A O   1 
ATOM   236  C  CB  . LEU A 1 32  ? 10.514  -4.783  3.397   1.00 16.77  ? 32  LEU A CB  1 
ATOM   237  C  CG  . LEU A 1 32  ? 10.187  -3.306  3.679   1.00 21.30  ? 32  LEU A CG  1 
ATOM   238  C  CD1 . LEU A 1 32  ? 8.744   -2.996  3.296   1.00 20.64  ? 32  LEU A CD1 1 
ATOM   239  C  CD2 . LEU A 1 32  ? 10.437  -2.973  5.134   1.00 18.73  ? 32  LEU A CD2 1 
ATOM   240  N  N   . GLY A 1 33  ? 12.342  -5.007  0.786   1.00 18.13  ? 33  GLY A N   1 
ATOM   241  C  CA  . GLY A 1 33  ? 13.217  -4.397  -0.200  1.00 14.77  ? 33  GLY A CA  1 
ATOM   242  C  C   . GLY A 1 33  ? 12.746  -4.617  -1.620  1.00 14.48  ? 33  GLY A C   1 
ATOM   243  O  O   . GLY A 1 33  ? 12.696  -3.672  -2.405  1.00 15.41  ? 33  GLY A O   1 
ATOM   244  N  N   . THR A 1 34  ? 12.368  -5.848  -1.958  1.00 15.29  ? 34  THR A N   1 
ATOM   245  C  CA  . THR A 1 34  ? 11.907  -6.111  -3.311  1.00 16.83  ? 34  THR A CA  1 
ATOM   246  C  C   . THR A 1 34  ? 10.584  -5.418  -3.649  1.00 17.47  ? 34  THR A C   1 
ATOM   247  O  O   . THR A 1 34  ? 10.409  -4.978  -4.788  1.00 18.78  ? 34  THR A O   1 
ATOM   248  C  CB  . THR A 1 34  ? 11.943  -7.644  -3.736  1.00 18.43  ? 34  THR A CB  1 
ATOM   249  O  OG1 . THR A 1 34  ? 10.651  -8.240  -3.674  1.00 22.67  ? 34  THR A OG1 1 
ATOM   250  C  CG2 . THR A 1 34  ? 12.890  -8.423  -2.922  1.00 14.02  ? 34  THR A CG2 1 
ATOM   251  N  N   . VAL A 1 35  ? 9.685   -5.257  -2.668  1.00 15.94  ? 35  VAL A N   1 
ATOM   252  C  CA  . VAL A 1 35  ? 8.411   -4.574  -2.919  1.00 15.64  ? 35  VAL A CA  1 
ATOM   253  C  C   . VAL A 1 35  ? 8.696   -3.099  -3.126  1.00 15.88  ? 35  VAL A C   1 
ATOM   254  O  O   . VAL A 1 35  ? 8.156   -2.473  -4.035  1.00 16.48  ? 35  VAL A O   1 
ATOM   255  C  CB  . VAL A 1 35  ? 7.382   -4.747  -1.769  1.00 17.45  ? 35  VAL A CB  1 
ATOM   256  C  CG1 . VAL A 1 35  ? 6.214   -3.772  -1.956  1.00 17.58  ? 35  VAL A CG1 1 
ATOM   257  C  CG2 . VAL A 1 35  ? 6.850   -6.181  -1.746  1.00 16.91  ? 35  VAL A CG2 1 
ATOM   258  N  N   . MET A 1 36  ? 9.577   -2.544  -2.310  1.00 15.45  ? 36  MET A N   1 
ATOM   259  C  CA  . MET A 1 36  ? 9.920   -1.137  -2.465  1.00 18.79  ? 36  MET A CA  1 
ATOM   260  C  C   . MET A 1 36  ? 10.594  -0.854  -3.807  1.00 18.26  ? 36  MET A C   1 
ATOM   261  O  O   . MET A 1 36  ? 10.329  0.168   -4.446  1.00 18.32  ? 36  MET A O   1 
ATOM   262  C  CB  . MET A 1 36  ? 10.769  -0.666  -1.294  1.00 22.00  ? 36  MET A CB  1 
ATOM   263  C  CG  . MET A 1 36  ? 9.973   -0.660  -0.009  1.00 26.04  ? 36  MET A CG  1 
ATOM   264  S  SD  . MET A 1 36  ? 10.786  0.198   1.312   1.00 37.87  ? 36  MET A SD  1 
ATOM   265  C  CE  . MET A 1 36  ? 10.177  1.854   1.017   1.00 37.91  ? 36  MET A CE  1 
ATOM   266  N  N   . ARG A 1 37  ? 11.466  -1.749  -4.238  1.00 16.33  ? 37  ARG A N   1 
ATOM   267  C  CA  . ARG A 1 37  ? 12.104  -1.570  -5.519  1.00 16.37  ? 37  ARG A CA  1 
ATOM   268  C  C   . ARG A 1 37  ? 11.083  -1.663  -6.659  1.00 19.17  ? 37  ARG A C   1 
ATOM   269  O  O   . ARG A 1 37  ? 11.216  -0.957  -7.671  1.00 18.37  ? 37  ARG A O   1 
ATOM   270  C  CB  . ARG A 1 37  ? 13.254  -2.564  -5.700  1.00 12.63  ? 37  ARG A CB  1 
ATOM   271  C  CG  . ARG A 1 37  ? 14.423  -2.189  -4.855  1.00 13.68  ? 37  ARG A CG  1 
ATOM   272  C  CD  . ARG A 1 37  ? 15.648  -2.964  -5.232  1.00 13.41  ? 37  ARG A CD  1 
ATOM   273  N  NE  . ARG A 1 37  ? 15.553  -4.364  -4.859  1.00 13.36  ? 37  ARG A NE  1 
ATOM   274  C  CZ  . ARG A 1 37  ? 15.762  -4.828  -3.628  1.00 15.72  ? 37  ARG A CZ  1 
ATOM   275  N  NH1 . ARG A 1 37  ? 16.070  -4.016  -2.624  1.00 10.88  ? 37  ARG A NH1 1 
ATOM   276  N  NH2 . ARG A 1 37  ? 15.675  -6.122  -3.405  1.00 15.21  ? 37  ARG A NH2 1 
ATOM   277  N  N   . SER A 1 38  ? 10.048  -2.490  -6.503  1.00 18.68  ? 38  SER A N   1 
ATOM   278  C  CA  . SER A 1 38  ? 9.034   -2.608  -7.563  1.00 22.14  ? 38  SER A CA  1 
ATOM   279  C  C   . SER A 1 38  ? 8.251   -1.307  -7.698  1.00 25.45  ? 38  SER A C   1 
ATOM   280  O  O   . SER A 1 38  ? 7.683   -0.986  -8.748  1.00 28.25  ? 38  SER A O   1 
ATOM   281  C  CB  A SER A 1 38  ? 8.088   -3.790  -7.313  0.50 21.37  ? 38  SER A CB  1 
ATOM   282  C  CB  B SER A 1 38  ? 8.057   -3.751  -7.263  0.50 22.55  ? 38  SER A CB  1 
ATOM   283  O  OG  A SER A 1 38  ? 7.598   -3.807  -5.983  0.50 21.87  ? 38  SER A OG  1 
ATOM   284  O  OG  B SER A 1 38  ? 8.736   -4.939  -6.891  0.50 25.64  ? 38  SER A OG  1 
ATOM   285  N  N   . LEU A 1 39  ? 8.258   -0.534  -6.628  1.00 26.46  ? 39  LEU A N   1 
ATOM   286  C  CA  . LEU A 1 39  ? 7.562   0.733   -6.618  1.00 29.60  ? 39  LEU A CA  1 
ATOM   287  C  C   . LEU A 1 39  ? 8.520   1.884   -6.977  1.00 31.53  ? 39  LEU A C   1 
ATOM   288  O  O   . LEU A 1 39  ? 8.213   3.052   -6.743  1.00 34.97  ? 39  LEU A O   1 
ATOM   289  C  CB  . LEU A 1 39  ? 6.929   0.938   -5.233  1.00 29.01  ? 39  LEU A CB  1 
ATOM   290  C  CG  . LEU A 1 39  ? 5.888   -0.121  -4.843  1.00 27.76  ? 39  LEU A CG  1 
ATOM   291  C  CD1 . LEU A 1 39  ? 5.419   0.088   -3.420  1.00 28.68  ? 39  LEU A CD1 1 
ATOM   292  C  CD2 . LEU A 1 39  ? 4.719   -0.069  -5.823  1.00 29.06  ? 39  LEU A CD2 1 
ATOM   293  N  N   . GLY A 1 40  ? 9.685   1.549   -7.527  1.00 32.43  ? 40  GLY A N   1 
ATOM   294  C  CA  . GLY A 1 40  ? 10.648  2.564   -7.910  1.00 30.91  ? 40  GLY A CA  1 
ATOM   295  C  C   . GLY A 1 40  ? 11.408  3.204   -6.764  1.00 33.82  ? 40  GLY A C   1 
ATOM   296  O  O   . GLY A 1 40  ? 12.119  4.172   -6.978  1.00 34.73  ? 40  GLY A O   1 
ATOM   297  N  N   . GLN A 1 41  ? 11.264  2.682   -5.547  1.00 35.90  ? 41  GLN A N   1 
ATOM   298  C  CA  . GLN A 1 41  ? 11.973  3.215   -4.382  1.00 36.44  ? 41  GLN A CA  1 
ATOM   299  C  C   . GLN A 1 41  ? 13.263  2.431   -4.224  1.00 36.79  ? 41  GLN A C   1 
ATOM   300  O  O   . GLN A 1 41  ? 13.369  1.307   -4.705  1.00 37.83  ? 41  GLN A O   1 
ATOM   301  C  CB  . GLN A 1 41  ? 11.126  3.069   -3.118  1.00 39.55  ? 41  GLN A CB  1 
ATOM   302  C  CG  . GLN A 1 41  ? 9.733   3.665   -3.241  1.00 45.14  ? 41  GLN A CG  1 
ATOM   303  C  CD  . GLN A 1 41  ? 9.764   5.100   -3.744  1.00 50.82  ? 41  GLN A CD  1 
ATOM   304  O  OE1 . GLN A 1 41  ? 10.349  5.979   -3.100  1.00 54.22  ? 41  GLN A OE1 1 
ATOM   305  N  NE2 . GLN A 1 41  ? 9.159   5.342   -4.913  1.00 50.28  ? 41  GLN A NE2 1 
ATOM   306  N  N   . ASN A 1 42  ? 14.238  2.987   -3.519  1.00 37.68  ? 42  ASN A N   1 
ATOM   307  C  CA  . ASN A 1 42  ? 15.504  2.280   -3.375  1.00 37.87  ? 42  ASN A CA  1 
ATOM   308  C  C   . ASN A 1 42  ? 16.097  2.415   -1.987  1.00 35.50  ? 42  ASN A C   1 
ATOM   309  O  O   . ASN A 1 42  ? 16.993  3.231   -1.762  1.00 36.84  ? 42  ASN A O   1 
ATOM   310  C  CB  . ASN A 1 42  ? 16.502  2.779   -4.427  1.00 43.92  ? 42  ASN A CB  1 
ATOM   311  C  CG  . ASN A 1 42  ? 17.547  1.735   -4.785  1.00 50.44  ? 42  ASN A CG  1 
ATOM   312  O  OD1 . ASN A 1 42  ? 17.696  0.711   -4.103  1.00 53.25  ? 42  ASN A OD1 1 
ATOM   313  N  ND2 . ASN A 1 42  ? 18.272  1.982   -5.871  1.00 56.44  ? 42  ASN A ND2 1 
ATOM   314  N  N   . PRO A 1 43  ? 15.590  1.628   -1.027  1.00 31.56  ? 43  PRO A N   1 
ATOM   315  C  CA  . PRO A 1 43  ? 16.101  1.692   0.339   1.00 28.43  ? 43  PRO A CA  1 
ATOM   316  C  C   . PRO A 1 43  ? 17.409  0.935   0.538   1.00 26.75  ? 43  PRO A C   1 
ATOM   317  O  O   . PRO A 1 43  ? 17.724  -0.002  -0.198  1.00 28.20  ? 43  PRO A O   1 
ATOM   318  C  CB  . PRO A 1 43  ? 14.961  1.070   1.145   1.00 27.43  ? 43  PRO A CB  1 
ATOM   319  C  CG  . PRO A 1 43  ? 14.462  0.018   0.226   1.00 26.68  ? 43  PRO A CG  1 
ATOM   320  C  CD  . PRO A 1 43  ? 14.423  0.729   -1.110  1.00 30.11  ? 43  PRO A CD  1 
ATOM   321  N  N   . THR A 1 44  ? 18.186  1.363   1.519   1.00 24.40  ? 44  THR A N   1 
ATOM   322  C  CA  . THR A 1 44  ? 19.431  0.689   1.819   1.00 26.22  ? 44  THR A CA  1 
ATOM   323  C  C   . THR A 1 44  ? 19.076  -0.377  2.829   1.00 26.62  ? 44  THR A C   1 
ATOM   324  O  O   . THR A 1 44  ? 18.029  -0.308  3.464   1.00 28.37  ? 44  THR A O   1 
ATOM   325  C  CB  . THR A 1 44  ? 20.404  1.621   2.477   1.00 25.96  ? 44  THR A CB  1 
ATOM   326  O  OG1 . THR A 1 44  ? 19.816  2.101   3.688   1.00 29.03  ? 44  THR A OG1 1 
ATOM   327  C  CG2 . THR A 1 44  ? 20.708  2.793   1.567   1.00 27.26  ? 44  THR A CG2 1 
ATOM   328  N  N   . GLU A 1 45  ? 19.974  -1.325  3.027   1.00 26.59  ? 45  GLU A N   1 
ATOM   329  C  CA  . GLU A 1 45  ? 19.729  -2.383  3.975   1.00 27.82  ? 45  GLU A CA  1 
ATOM   330  C  C   . GLU A 1 45  ? 19.395  -1.806  5.360   1.00 28.51  ? 45  GLU A C   1 
ATOM   331  O  O   . GLU A 1 45  ? 18.587  -2.368  6.102   1.00 27.39  ? 45  GLU A O   1 
ATOM   332  C  CB  A GLU A 1 45  ? 20.935  -3.336  4.033   0.50 27.17  ? 45  GLU A CB  1 
ATOM   333  C  CB  B GLU A 1 45  ? 20.943  -3.325  4.037   0.50 28.60  ? 45  GLU A CB  1 
ATOM   334  C  CG  A GLU A 1 45  ? 22.274  -2.702  4.425   0.50 29.34  ? 45  GLU A CG  1 
ATOM   335  C  CG  B GLU A 1 45  ? 22.144  -2.840  4.862   0.50 32.51  ? 45  GLU A CG  1 
ATOM   336  C  CD  A GLU A 1 45  ? 22.541  -2.706  5.930   0.50 30.38  ? 45  GLU A CD  1 
ATOM   337  C  CD  B GLU A 1 45  ? 22.875  -1.637  4.273   0.50 35.00  ? 45  GLU A CD  1 
ATOM   338  O  OE1 A GLU A 1 45  ? 21.946  -3.539  6.650   0.50 30.95  ? 45  GLU A OE1 1 
ATOM   339  O  OE1 B GLU A 1 45  ? 23.062  -1.579  3.038   0.50 36.25  ? 45  GLU A OE1 1 
ATOM   340  O  OE2 A GLU A 1 45  ? 23.363  -1.881  6.397   0.50 30.41  ? 45  GLU A OE2 1 
ATOM   341  O  OE2 B GLU A 1 45  ? 23.291  -0.756  5.061   0.50 35.77  ? 45  GLU A OE2 1 
ATOM   342  N  N   . ALA A 1 46  ? 19.928  -0.623  5.650   1.00 29.60  ? 46  ALA A N   1 
ATOM   343  C  CA  . ALA A 1 46  ? 19.710  0.037   6.933   1.00 29.62  ? 46  ALA A CA  1 
ATOM   344  C  C   . ALA A 1 46  ? 18.330  0.650   7.082   1.00 30.05  ? 46  ALA A C   1 
ATOM   345  O  O   . ALA A 1 46  ? 17.718  0.533   8.143   1.00 30.30  ? 46  ALA A O   1 
ATOM   346  C  CB  . ALA A 1 46  ? 20.757  1.089   7.156   1.00 34.38  ? 46  ALA A CB  1 
ATOM   347  N  N   . GLU A 1 47  ? 17.856  1.330   6.042   1.00 28.12  ? 47  GLU A N   1 
ATOM   348  C  CA  . GLU A 1 47  ? 16.535  1.941   6.074   1.00 28.07  ? 47  GLU A CA  1 
ATOM   349  C  C   . GLU A 1 47  ? 15.499  0.833   6.161   1.00 27.95  ? 47  GLU A C   1 
ATOM   350  O  O   . GLU A 1 47  ? 14.481  0.978   6.830   1.00 30.13  ? 47  GLU A O   1 
ATOM   351  C  CB  . GLU A 1 47  ? 16.294  2.745   4.812   1.00 32.95  ? 47  GLU A CB  1 
ATOM   352  C  CG  . GLU A 1 47  ? 17.373  3.778   4.528   1.00 44.57  ? 47  GLU A CG  1 
ATOM   353  C  CD  . GLU A 1 47  ? 17.330  4.316   3.098   1.00 49.33  ? 47  GLU A CD  1 
ATOM   354  O  OE1 . GLU A 1 47  ? 16.355  4.045   2.372   1.00 55.46  ? 47  GLU A OE1 1 
ATOM   355  O  OE2 . GLU A 1 47  ? 18.279  5.014   2.691   1.00 55.62  ? 47  GLU A OE2 1 
ATOM   356  N  N   . LEU A 1 48  ? 15.757  -0.276  5.475   1.00 24.94  ? 48  LEU A N   1 
ATOM   357  C  CA  . LEU A 1 48  ? 14.845  -1.408  5.495   1.00 24.65  ? 48  LEU A CA  1 
ATOM   358  C  C   . LEU A 1 48  ? 14.721  -1.925  6.921   1.00 27.99  ? 48  LEU A C   1 
ATOM   359  O  O   . LEU A 1 48  ? 13.636  -2.292  7.373   1.00 28.92  ? 48  LEU A O   1 
ATOM   360  C  CB  . LEU A 1 48  ? 15.343  -2.524  4.571   1.00 21.61  ? 48  LEU A CB  1 
ATOM   361  C  CG  . LEU A 1 48  ? 15.169  -2.282  3.073   1.00 19.69  ? 48  LEU A CG  1 
ATOM   362  C  CD1 . LEU A 1 48  ? 15.921  -3.330  2.250   1.00 16.95  ? 48  LEU A CD1 1 
ATOM   363  C  CD2 . LEU A 1 48  ? 13.692  -2.290  2.758   1.00 16.93  ? 48  LEU A CD2 1 
ATOM   364  N  N   . GLN A 1 49  ? 15.835  -1.942  7.641   1.00 29.24  ? 49  GLN A N   1 
ATOM   365  C  CA  . GLN A 1 49  ? 15.822  -2.408  9.019   1.00 31.92  ? 49  GLN A CA  1 
ATOM   366  C  C   . GLN A 1 49  ? 15.020  -1.506  9.944   1.00 32.00  ? 49  GLN A C   1 
ATOM   367  O  O   . GLN A 1 49  ? 14.306  -2.003  10.802  1.00 32.80  ? 49  GLN A O   1 
ATOM   368  C  CB  . GLN A 1 49  ? 17.242  -2.608  9.546   1.00 33.49  ? 49  GLN A CB  1 
ATOM   369  C  CG  . GLN A 1 49  ? 17.939  -3.761  8.861   1.00 37.19  ? 49  GLN A CG  1 
ATOM   370  C  CD  . GLN A 1 49  ? 19.225  -4.164  9.528   1.00 38.37  ? 49  GLN A CD  1 
ATOM   371  O  OE1 . GLN A 1 49  ? 19.300  -5.224  10.152  1.00 40.92  ? 49  GLN A OE1 1 
ATOM   372  N  NE2 . GLN A 1 49  ? 20.259  -3.339  9.379   1.00 35.74  ? 49  GLN A NE2 1 
ATOM   373  N  N   . ASP A 1 50  ? 15.105  -0.195  9.750   1.00 32.72  ? 50  ASP A N   1 
ATOM   374  C  CA  . ASP A 1 50  ? 14.361  0.743   10.577  1.00 35.84  ? 50  ASP A CA  1 
ATOM   375  C  C   . ASP A 1 50  ? 12.862  0.597   10.369  1.00 36.54  ? 50  ASP A C   1 
ATOM   376  O  O   . ASP A 1 50  ? 12.088  0.647   11.324  1.00 39.14  ? 50  ASP A O   1 
ATOM   377  C  CB  . ASP A 1 50  ? 14.759  2.182   10.269  1.00 40.67  ? 50  ASP A CB  1 
ATOM   378  C  CG  . ASP A 1 50  ? 16.227  2.461   10.547  1.00 46.87  ? 50  ASP A CG  1 
ATOM   379  O  OD1 . ASP A 1 50  ? 16.895  1.634   11.219  1.00 48.32  ? 50  ASP A OD1 1 
ATOM   380  O  OD2 . ASP A 1 50  ? 16.711  3.518   10.074  1.00 49.86  ? 50  ASP A OD2 1 
ATOM   381  N  N   . MET A 1 51  ? 12.453  0.446   9.117   1.00 35.89  ? 51  MET A N   1 
ATOM   382  C  CA  . MET A 1 51  ? 11.041  0.286   8.782   1.00 34.15  ? 51  MET A CA  1 
ATOM   383  C  C   . MET A 1 51  ? 10.455  -0.966  9.457   1.00 32.17  ? 51  MET A C   1 
ATOM   384  O  O   . MET A 1 51  ? 9.358   -0.920  10.013  1.00 31.54  ? 51  MET A O   1 
ATOM   385  C  CB  . MET A 1 51  ? 10.869  0.231   7.254   1.00 33.78  ? 51  MET A CB  1 
ATOM   386  C  CG  . MET A 1 51  ? 11.337  1.506   6.552   1.00 35.60  ? 51  MET A CG  1 
ATOM   387  S  SD  . MET A 1 51  ? 11.254  1.420   4.756   1.00 39.91  ? 51  MET A SD  1 
ATOM   388  C  CE  . MET A 1 51  ? 9.599   1.032   4.554   1.00 37.60  ? 51  MET A CE  1 
ATOM   389  N  N   . ILE A 1 52  ? 11.196  -2.073  9.410   1.00 30.84  ? 52  ILE A N   1 
ATOM   390  C  CA  . ILE A 1 52  ? 10.767  -3.325  10.025  1.00 33.20  ? 52  ILE A CA  1 
ATOM   391  C  C   . ILE A 1 52  ? 10.711  -3.162  11.541  1.00 37.02  ? 52  ILE A C   1 
ATOM   392  O  O   . ILE A 1 52  ? 9.766   -3.620  12.186  1.00 37.79  ? 52  ILE A O   1 
ATOM   393  C  CB  . ILE A 1 52  ? 11.743  -4.493  9.708   1.00 33.06  ? 52  ILE A CB  1 
ATOM   394  C  CG1 . ILE A 1 52  ? 11.728  -4.830  8.214   1.00 31.28  ? 52  ILE A CG1 1 
ATOM   395  C  CG2 . ILE A 1 52  ? 11.398  -5.734  10.544  1.00 31.02  ? 52  ILE A CG2 1 
ATOM   396  C  CD1 . ILE A 1 52  ? 10.476  -5.486  7.729   1.00 31.59  ? 52  ILE A CD1 1 
ATOM   397  N  N   . ASN A 1 53  ? 11.729  -2.516  12.108  1.00 39.32  ? 53  ASN A N   1 
ATOM   398  C  CA  . ASN A 1 53  ? 11.814  -2.303  13.558  1.00 41.91  ? 53  ASN A CA  1 
ATOM   399  C  C   . ASN A 1 53  ? 10.768  -1.356  14.141  1.00 39.92  ? 53  ASN A C   1 
ATOM   400  O  O   . ASN A 1 53  ? 10.486  -1.411  15.334  1.00 38.67  ? 53  ASN A O   1 
ATOM   401  C  CB  . ASN A 1 53  ? 13.236  -1.896  13.981  1.00 47.84  ? 53  ASN A CB  1 
ATOM   402  C  CG  . ASN A 1 53  ? 14.188  -3.099  14.079  1.00 54.99  ? 53  ASN A CG  1 
ATOM   403  O  OD1 . ASN A 1 53  ? 15.265  -3.115  13.462  1.00 58.21  ? 53  ASN A OD1 1 
ATOM   404  N  ND2 . ASN A 1 53  ? 13.789  -4.114  14.856  1.00 56.66  ? 53  ASN A ND2 1 
ATOM   405  N  N   . GLU A 1 54  ? 10.213  -0.479  13.311  1.00 37.74  ? 54  GLU A N   1 
ATOM   406  C  CA  . GLU A 1 54  ? 9.162   0.423   13.757  1.00 38.85  ? 54  GLU A CA  1 
ATOM   407  C  C   . GLU A 1 54  ? 7.844   -0.364  13.923  1.00 39.01  ? 54  GLU A C   1 
ATOM   408  O  O   . GLU A 1 54  ? 6.996   0.016   14.722  1.00 40.13  ? 54  GLU A O   1 
ATOM   409  C  CB  . GLU A 1 54  ? 8.929   1.528   12.733  1.00 39.46  ? 54  GLU A CB  1 
ATOM   410  C  CG  . GLU A 1 54  ? 10.074  2.488   12.545  1.00 44.74  ? 54  GLU A CG  1 
ATOM   411  C  CD  . GLU A 1 54  ? 9.748   3.540   11.507  1.00 46.87  ? 54  GLU A CD  1 
ATOM   412  O  OE1 . GLU A 1 54  ? 9.469   3.174   10.342  1.00 48.04  ? 54  GLU A OE1 1 
ATOM   413  O  OE2 . GLU A 1 54  ? 9.754   4.735   11.862  1.00 50.04  ? 54  GLU A OE2 1 
ATOM   414  N  N   . VAL A 1 55  ? 7.690   -1.443  13.148  1.00 36.85  ? 55  VAL A N   1 
ATOM   415  C  CA  . VAL A 1 55  ? 6.498   -2.303  13.139  1.00 31.85  ? 55  VAL A CA  1 
ATOM   416  C  C   . VAL A 1 55  ? 6.700   -3.628  13.889  1.00 33.01  ? 55  VAL A C   1 
ATOM   417  O  O   . VAL A 1 55  ? 5.736   -4.308  14.247  1.00 33.50  ? 55  VAL A O   1 
ATOM   418  C  CB  . VAL A 1 55  ? 6.117   -2.650  11.679  1.00 29.24  ? 55  VAL A CB  1 
ATOM   419  C  CG1 . VAL A 1 55  ? 4.856   -3.480  11.625  1.00 28.86  ? 55  VAL A CG1 1 
ATOM   420  C  CG2 . VAL A 1 55  ? 5.960   -1.394  10.874  1.00 27.61  ? 55  VAL A CG2 1 
ATOM   421  N  N   . ASP A 1 56  ? 7.951   -4.004  14.106  1.00 32.67  ? 56  ASP A N   1 
ATOM   422  C  CA  . ASP A 1 56  ? 8.275   -5.257  14.767  1.00 33.05  ? 56  ASP A CA  1 
ATOM   423  C  C   . ASP A 1 56  ? 8.019   -5.173  16.262  1.00 35.68  ? 56  ASP A C   1 
ATOM   424  O  O   . ASP A 1 56  ? 8.840   -4.646  17.006  1.00 37.79  ? 56  ASP A O   1 
ATOM   425  C  CB  . ASP A 1 56  ? 9.731   -5.603  14.485  1.00 29.90  ? 56  ASP A CB  1 
ATOM   426  C  CG  . ASP A 1 56  ? 10.096  -6.990  14.915  1.00 32.37  ? 56  ASP A CG  1 
ATOM   427  O  OD1 . ASP A 1 56  ? 9.205   -7.869  15.049  1.00 29.74  ? 56  ASP A OD1 1 
ATOM   428  O  OD2 . ASP A 1 56  ? 11.308  -7.202  15.107  1.00 34.45  ? 56  ASP A OD2 1 
ATOM   429  N  N   . ALA A 1 57  ? 6.898   -5.739  16.699  1.00 36.94  ? 57  ALA A N   1 
ATOM   430  C  CA  . ALA A 1 57  ? 6.498   -5.732  18.112  1.00 35.60  ? 57  ALA A CA  1 
ATOM   431  C  C   . ALA A 1 57  ? 7.296   -6.635  19.060  1.00 35.13  ? 57  ALA A C   1 
ATOM   432  O  O   . ALA A 1 57  ? 7.758   -6.167  20.091  1.00 37.13  ? 57  ALA A O   1 
ATOM   433  C  CB  . ALA A 1 57  ? 4.998   -6.026  18.239  1.00 34.17  ? 57  ALA A CB  1 
ATOM   434  N  N   . ASP A 1 58  ? 7.431   -7.921  18.736  1.00 34.24  ? 58  ASP A N   1 
ATOM   435  C  CA  . ASP A 1 58  ? 8.169   -8.847  19.592  1.00 33.90  ? 58  ASP A CA  1 
ATOM   436  C  C   . ASP A 1 58  ? 9.666   -8.864  19.325  1.00 36.15  ? 58  ASP A C   1 
ATOM   437  O  O   . ASP A 1 58  ? 10.365  -9.798  19.728  1.00 39.02  ? 58  ASP A O   1 
ATOM   438  C  CB  . ASP A 1 58  ? 7.603   -10.265 19.500  1.00 32.08  ? 58  ASP A CB  1 
ATOM   439  C  CG  . ASP A 1 58  ? 7.726   -10.867 18.116  1.00 32.99  ? 58  ASP A CG  1 
ATOM   440  O  OD1 . ASP A 1 58  ? 8.212   -10.190 17.182  1.00 33.62  ? 58  ASP A OD1 1 
ATOM   441  O  OD2 . ASP A 1 58  ? 7.326   -12.037 17.958  1.00 34.05  ? 58  ASP A OD2 1 
ATOM   442  N  N   . GLY A 1 59  ? 10.128  -7.864  18.582  1.00 36.82  ? 59  GLY A N   1 
ATOM   443  C  CA  . GLY A 1 59  ? 11.537  -7.722  18.261  1.00 36.39  ? 59  GLY A CA  1 
ATOM   444  C  C   . GLY A 1 59  ? 12.284  -8.882  17.628  1.00 35.45  ? 59  GLY A C   1 
ATOM   445  O  O   . GLY A 1 59  ? 13.503  -8.944  17.732  1.00 37.13  ? 59  GLY A O   1 
ATOM   446  N  N   . ASN A 1 60  ? 11.594  -9.766  16.926  1.00 32.89  ? 60  ASN A N   1 
ATOM   447  C  CA  . ASN A 1 60  ? 12.284  -10.886 16.315  1.00 31.79  ? 60  ASN A CA  1 
ATOM   448  C  C   . ASN A 1 60  ? 12.846  -10.573 14.927  1.00 32.11  ? 60  ASN A C   1 
ATOM   449  O  O   . ASN A 1 60  ? 13.303  -11.478 14.242  1.00 34.93  ? 60  ASN A O   1 
ATOM   450  C  CB  . ASN A 1 60  ? 11.387  -12.126 16.262  1.00 31.17  ? 60  ASN A CB  1 
ATOM   451  C  CG  . ASN A 1 60  ? 10.216  -11.959 15.318  1.00 31.97  ? 60  ASN A CG  1 
ATOM   452  O  OD1 . ASN A 1 60  ? 9.862   -10.839 14.932  1.00 30.43  ? 60  ASN A OD1 1 
ATOM   453  N  ND2 . ASN A 1 60  ? 9.607   -13.071 14.937  1.00 33.73  ? 60  ASN A ND2 1 
ATOM   454  N  N   . GLY A 1 61  ? 12.824  -9.306  14.517  1.00 31.23  ? 61  GLY A N   1 
ATOM   455  C  CA  . GLY A 1 61  ? 13.355  -8.921  13.213  1.00 30.89  ? 61  GLY A CA  1 
ATOM   456  C  C   . GLY A 1 61  ? 12.457  -9.006  11.981  1.00 30.72  ? 61  GLY A C   1 
ATOM   457  O  O   . GLY A 1 61  ? 12.775  -8.425  10.928  1.00 28.23  ? 61  GLY A O   1 
ATOM   458  N  N   . THR A 1 62  ? 11.361  -9.754  12.092  1.00 30.36  ? 62  THR A N   1 
ATOM   459  C  CA  . THR A 1 62  ? 10.414  -9.914  10.993  1.00 26.75  ? 62  THR A CA  1 
ATOM   460  C  C   . THR A 1 62  ? 9.016   -9.460  11.418  1.00 26.41  ? 62  THR A C   1 
ATOM   461  O  O   . THR A 1 62  ? 8.753   -9.260  12.605  1.00 24.79  ? 62  THR A O   1 
ATOM   462  C  CB  . THR A 1 62  ? 10.342  -11.385 10.477  1.00 24.55  ? 62  THR A CB  1 
ATOM   463  O  OG1 . THR A 1 62  ? 9.882   -12.258 11.508  1.00 26.24  ? 62  THR A OG1 1 
ATOM   464  C  CG2 . THR A 1 62  ? 11.689  -11.861 9.989   1.00 25.89  ? 62  THR A CG2 1 
ATOM   465  N  N   . ILE A 1 63  ? 8.139   -9.268  10.438  1.00 24.05  ? 63  ILE A N   1 
ATOM   466  C  CA  . ILE A 1 63  ? 6.767   -8.844  10.678  1.00 20.59  ? 63  ILE A CA  1 
ATOM   467  C  C   . ILE A 1 63  ? 5.786   -9.985  10.375  1.00 21.98  ? 63  ILE A C   1 
ATOM   468  O  O   . ILE A 1 63  ? 5.796   -10.544 9.272   1.00 19.73  ? 63  ILE A O   1 
ATOM   469  C  CB  . ILE A 1 63  ? 6.424   -7.647  9.789   1.00 19.24  ? 63  ILE A CB  1 
ATOM   470  C  CG1 . ILE A 1 63  ? 7.473   -6.551  9.955   1.00 18.57  ? 63  ILE A CG1 1 
ATOM   471  C  CG2 . ILE A 1 63  ? 5.034   -7.149  10.094  1.00 19.05  ? 63  ILE A CG2 1 
ATOM   472  C  CD1 . ILE A 1 63  ? 7.747   -6.173  11.386  1.00 23.88  ? 63  ILE A CD1 1 
ATOM   473  N  N   . ASP A 1 64  ? 5.027   -10.413 11.384  1.00 21.10  ? 64  ASP A N   1 
ATOM   474  C  CA  . ASP A 1 64  ? 4.026   -11.466 11.192  1.00 18.80  ? 64  ASP A CA  1 
ATOM   475  C  C   . ASP A 1 64  ? 2.681   -10.770 10.926  1.00 17.73  ? 64  ASP A C   1 
ATOM   476  O  O   . ASP A 1 64  ? 2.591   -9.544  11.044  1.00 18.60  ? 64  ASP A O   1 
ATOM   477  C  CB  . ASP A 1 64  ? 3.955   -12.405 12.414  1.00 21.09  ? 64  ASP A CB  1 
ATOM   478  C  CG  . ASP A 1 64  ? 3.764   -11.664 13.752  1.00 21.29  ? 64  ASP A CG  1 
ATOM   479  O  OD1 . ASP A 1 64  ? 3.141   -10.594 13.796  1.00 22.17  ? 64  ASP A OD1 1 
ATOM   480  O  OD2 . ASP A 1 64  ? 4.237   -12.171 14.787  1.00 28.00  ? 64  ASP A OD2 1 
ATOM   481  N  N   . PHE A 1 65  ? 1.631   -11.509 10.581  1.00 17.19  ? 65  PHE A N   1 
ATOM   482  C  CA  . PHE A 1 65  ? 0.351   -10.849 10.322  1.00 16.43  ? 65  PHE A CA  1 
ATOM   483  C  C   . PHE A 1 65  ? -0.210  -9.955  11.450  1.00 16.33  ? 65  PHE A C   1 
ATOM   484  O  O   . PHE A 1 65  ? -0.717  -8.878  11.170  1.00 18.14  ? 65  PHE A O   1 
ATOM   485  C  CB  . PHE A 1 65  ? -0.709  -11.820 9.814   1.00 16.23  ? 65  PHE A CB  1 
ATOM   486  C  CG  . PHE A 1 65  ? -1.971  -11.137 9.397   1.00 20.02  ? 65  PHE A CG  1 
ATOM   487  C  CD1 . PHE A 1 65  ? -1.943  -10.157 8.395   1.00 21.81  ? 65  PHE A CD1 1 
ATOM   488  C  CD2 . PHE A 1 65  ? -3.183  -11.432 10.020  1.00 17.44  ? 65  PHE A CD2 1 
ATOM   489  C  CE1 . PHE A 1 65  ? -3.100  -9.484  8.026   1.00 22.30  ? 65  PHE A CE1 1 
ATOM   490  C  CE2 . PHE A 1 65  ? -4.345  -10.767 9.657   1.00 17.44  ? 65  PHE A CE2 1 
ATOM   491  C  CZ  . PHE A 1 65  ? -4.311  -9.792  8.660   1.00 20.89  ? 65  PHE A CZ  1 
ATOM   492  N  N   . PRO A 1 66  ? -0.202  -10.413 12.720  1.00 17.40  ? 66  PRO A N   1 
ATOM   493  C  CA  . PRO A 1 66  ? -0.718  -9.560  13.788  1.00 16.19  ? 66  PRO A CA  1 
ATOM   494  C  C   . PRO A 1 66  ? -0.015  -8.207  13.834  1.00 16.25  ? 66  PRO A C   1 
ATOM   495  O  O   . PRO A 1 66  ? -0.671  -7.186  14.015  1.00 19.09  ? 66  PRO A O   1 
ATOM   496  C  CB  . PRO A 1 66  ? -0.411  -10.373 15.036  1.00 16.52  ? 66  PRO A CB  1 
ATOM   497  C  CG  . PRO A 1 66  ? -0.663  -11.744 14.586  1.00 18.20  ? 66  PRO A CG  1 
ATOM   498  C  CD  . PRO A 1 66  ? -0.039  -11.793 13.216  1.00 18.60  ? 66  PRO A CD  1 
ATOM   499  N  N   . GLU A 1 67  ? 1.311   -8.191  13.700  1.00 17.96  ? 67  GLU A N   1 
ATOM   500  C  CA  . GLU A 1 67  ? 2.074   -6.931  13.720  1.00 20.54  ? 67  GLU A CA  1 
ATOM   501  C  C   . GLU A 1 67  ? 1.688   -6.007  12.547  1.00 19.30  ? 67  GLU A C   1 
ATOM   502  O  O   . GLU A 1 67  ? 1.599   -4.777  12.700  1.00 19.41  ? 67  GLU A O   1 
ATOM   503  C  CB  . GLU A 1 67  ? 3.584   -7.196  13.699  1.00 21.77  ? 67  GLU A CB  1 
ATOM   504  C  CG  . GLU A 1 67  ? 4.129   -7.861  14.942  1.00 23.27  ? 67  GLU A CG  1 
ATOM   505  C  CD  . GLU A 1 67  ? 5.571   -8.331  14.779  1.00 26.22  ? 67  GLU A CD  1 
ATOM   506  O  OE1 . GLU A 1 67  ? 5.976   -8.707  13.669  1.00 26.18  ? 67  GLU A OE1 1 
ATOM   507  O  OE2 . GLU A 1 67  ? 6.312   -8.343  15.774  1.00 29.32  ? 67  GLU A OE2 1 
ATOM   508  N  N   . PHE A 1 68  ? 1.471   -6.606  11.381  1.00 18.71  ? 68  PHE A N   1 
ATOM   509  C  CA  . PHE A 1 68  ? 1.074   -5.875  10.179  1.00 20.05  ? 68  PHE A CA  1 
ATOM   510  C  C   . PHE A 1 68  ? -0.361  -5.354  10.352  1.00 20.94  ? 68  PHE A C   1 
ATOM   511  O  O   . PHE A 1 68  ? -0.650  -4.192  10.055  1.00 22.75  ? 68  PHE A O   1 
ATOM   512  C  CB  . PHE A 1 68  ? 1.175   -6.810  8.975   1.00 19.79  ? 68  PHE A CB  1 
ATOM   513  C  CG  . PHE A 1 68  ? 0.840   -6.169  7.655   1.00 20.66  ? 68  PHE A CG  1 
ATOM   514  C  CD1 . PHE A 1 68  ? 1.809   -5.471  6.944   1.00 20.97  ? 68  PHE A CD1 1 
ATOM   515  C  CD2 . PHE A 1 68  ? -0.419  -6.340  7.087   1.00 19.43  ? 68  PHE A CD2 1 
ATOM   516  C  CE1 . PHE A 1 68  ? 1.535   -4.957  5.685   1.00 19.47  ? 68  PHE A CE1 1 
ATOM   517  C  CE2 . PHE A 1 68  ? -0.709  -5.836  5.835   1.00 20.57  ? 68  PHE A CE2 1 
ATOM   518  C  CZ  . PHE A 1 68  ? 0.280   -5.139  5.126   1.00 19.65  ? 68  PHE A CZ  1 
ATOM   519  N  N   . LEU A 1 69  ? -1.244  -6.201  10.880  1.00 21.80  ? 69  LEU A N   1 
ATOM   520  C  CA  . LEU A 1 69  ? -2.643  -5.829  11.124  1.00 19.58  ? 69  LEU A CA  1 
ATOM   521  C  C   . LEU A 1 69  ? -2.688  -4.643  12.067  1.00 16.55  ? 69  LEU A C   1 
ATOM   522  O  O   . LEU A 1 69  ? -3.393  -3.683  11.820  1.00 17.99  ? 69  LEU A O   1 
ATOM   523  C  CB  . LEU A 1 69  ? -3.385  -6.987  11.785  1.00 21.87  ? 69  LEU A CB  1 
ATOM   524  C  CG  . LEU A 1 69  ? -4.807  -7.371  11.381  1.00 25.34  ? 69  LEU A CG  1 
ATOM   525  C  CD1 . LEU A 1 69  ? -5.479  -8.009  12.607  1.00 20.74  ? 69  LEU A CD1 1 
ATOM   526  C  CD2 . LEU A 1 69  ? -5.604  -6.190  10.821  1.00 22.85  ? 69  LEU A CD2 1 
ATOM   527  N  N   . THR A 1 70  ? -1.913  -4.721  13.149  1.00 18.44  ? 70  THR A N   1 
ATOM   528  C  CA  . THR A 1 70  ? -1.850  -3.667  14.153  1.00 19.64  ? 70  THR A CA  1 
ATOM   529  C  C   . THR A 1 70  ? -1.476  -2.368  13.457  1.00 22.01  ? 70  THR A C   1 
ATOM   530  O  O   . THR A 1 70  ? -2.189  -1.380  13.556  1.00 23.66  ? 70  THR A O   1 
ATOM   531  C  CB  . THR A 1 70  ? -0.808  -3.989  15.264  1.00 17.87  ? 70  THR A CB  1 
ATOM   532  O  OG1 . THR A 1 70  ? -1.158  -5.208  15.930  1.00 22.25  ? 70  THR A OG1 1 
ATOM   533  C  CG2 . THR A 1 70  ? -0.774  -2.902  16.291  1.00 20.50  ? 70  THR A CG2 1 
ATOM   534  N  N   . MET A 1 71  ? -0.387  -2.395  12.703  1.00 24.66  ? 71  MET A N   1 
ATOM   535  C  CA  . MET A 1 71  ? 0.073   -1.217  11.982  1.00 28.21  ? 71  MET A CA  1 
ATOM   536  C  C   . MET A 1 71  ? -1.024  -0.680  11.066  1.00 28.08  ? 71  MET A C   1 
ATOM   537  O  O   . MET A 1 71  ? -1.318  0.515   11.059  1.00 27.56  ? 71  MET A O   1 
ATOM   538  C  CB  . MET A 1 71  ? 1.291   -1.576  11.139  1.00 31.40  ? 71  MET A CB  1 
ATOM   539  C  CG  . MET A 1 71  ? 1.801   -0.417  10.307  1.00 40.39  ? 71  MET A CG  1 
ATOM   540  S  SD  . MET A 1 71  ? 2.796   -0.947  8.912   1.00 46.62  ? 71  MET A SD  1 
ATOM   541  C  CE  . MET A 1 71  ? 1.515   -1.507  7.822   1.00 45.07  ? 71  MET A CE  1 
ATOM   542  N  N   . MET A 1 72  ? -1.608  -1.579  10.284  1.00 28.92  ? 72  MET A N   1 
ATOM   543  C  CA  . MET A 1 72  ? -2.662  -1.238  9.343   1.00 31.18  ? 72  MET A CA  1 
ATOM   544  C  C   . MET A 1 72  ? -3.928  -0.731  10.008  1.00 35.22  ? 72  MET A C   1 
ATOM   545  O  O   . MET A 1 72  ? -4.631  0.114   9.463   1.00 33.52  ? 72  MET A O   1 
ATOM   546  C  CB  . MET A 1 72  ? -3.013  -2.462  8.503   1.00 30.50  ? 72  MET A CB  1 
ATOM   547  C  CG  . MET A 1 72  ? -1.933  -2.863  7.542   1.00 31.80  ? 72  MET A CG  1 
ATOM   548  S  SD  . MET A 1 72  ? -1.514  -1.503  6.419   1.00 37.07  ? 72  MET A SD  1 
ATOM   549  C  CE  . MET A 1 72  ? -2.688  -1.836  5.054   1.00 34.96  ? 72  MET A CE  1 
ATOM   550  N  N   . ALA A 1 73  ? -4.228  -1.279  11.178  1.00 40.26  ? 73  ALA A N   1 
ATOM   551  C  CA  . ALA A 1 73  ? -5.428  -0.922  11.910  1.00 46.75  ? 73  ALA A CA  1 
ATOM   552  C  C   . ALA A 1 73  ? -5.409  0.530   12.321  1.00 52.63  ? 73  ALA A C   1 
ATOM   553  O  O   . ALA A 1 73  ? -6.421  1.211   12.217  1.00 55.98  ? 73  ALA A O   1 
ATOM   554  C  CB  . ALA A 1 73  ? -5.577  -1.812  13.137  1.00 43.88  ? 73  ALA A CB  1 
ATOM   555  N  N   . ARG A 1 74  ? -4.255  0.993   12.790  1.00 60.83  ? 74  ARG A N   1 
ATOM   556  C  CA  . ARG A 1 74  ? -4.082  2.366   13.262  1.00 68.95  ? 74  ARG A CA  1 
ATOM   557  C  C   . ARG A 1 74  ? -4.208  3.456   12.188  1.00 74.33  ? 74  ARG A C   1 
ATOM   558  O  O   . ARG A 1 74  ? -3.981  3.217   10.997  1.00 74.50  ? 74  ARG A O   1 
ATOM   559  C  CB  . ARG A 1 74  ? -2.755  2.487   14.029  1.00 70.65  ? 74  ARG A CB  1 
ATOM   560  C  CG  . ARG A 1 74  ? -2.681  1.537   15.228  1.00 76.44  ? 74  ARG A CG  1 
ATOM   561  C  CD  . ARG A 1 74  ? -1.420  1.685   16.088  1.00 79.92  ? 74  ARG A CD  1 
ATOM   562  N  NE  . ARG A 1 74  ? -1.479  0.795   17.256  1.00 82.92  ? 74  ARG A NE  1 
ATOM   563  C  CZ  . ARG A 1 74  ? -0.504  0.643   18.154  1.00 84.71  ? 74  ARG A CZ  1 
ATOM   564  N  NH1 . ARG A 1 74  ? 0.633   1.322   18.046  1.00 87.14  ? 74  ARG A NH1 1 
ATOM   565  N  NH2 . ARG A 1 74  ? -0.661  -0.213  19.158  1.00 84.03  ? 74  ARG A NH2 1 
ATOM   566  N  N   . LYS A 1 75  ? -4.570  4.661   12.623  1.00 80.70  ? 75  LYS A N   1 
ATOM   567  C  CA  . LYS A 1 75  ? -4.740  5.786   11.710  1.00 87.14  ? 75  LYS A CA  1 
ATOM   568  C  C   . LYS A 1 75  ? -4.052  7.066   12.197  1.00 91.66  ? 75  LYS A C   1 
ATOM   569  O  O   . LYS A 1 75  ? -3.741  7.214   13.393  1.00 92.06  ? 75  LYS A O   1 
ATOM   570  C  CB  . LYS A 1 75  ? -6.229  6.044   11.461  1.00 87.05  ? 75  LYS A CB  1 
ATOM   571  N  N   . MET A 1 76  ? -3.830  7.981   11.250  1.00 96.26  ? 76  MET A N   1 
ATOM   572  C  CA  . MET A 1 76  ? -3.187  9.275   11.504  1.00 99.46  ? 76  MET A CA  1 
ATOM   573  C  C   . MET A 1 76  ? -3.783  10.363  10.596  1.00 100.83 ? 76  MET A C   1 
ATOM   574  O  O   . MET A 1 76  ? -4.507  10.064  9.638   1.00 100.45 ? 76  MET A O   1 
ATOM   575  C  CB  . MET A 1 76  ? -1.671  9.172   11.288  1.00 99.50  ? 76  MET A CB  1 
ATOM   576  N  N   . LYS A 1 77  ? -3.487  11.619  10.922  1.00 102.30 ? 77  LYS A N   1 
ATOM   577  C  CA  . LYS A 1 77  ? -3.981  12.767  10.163  1.00 103.68 ? 77  LYS A CA  1 
ATOM   578  C  C   . LYS A 1 77  ? -3.137  13.031  8.920   1.00 104.44 ? 77  LYS A C   1 
ATOM   579  O  O   . LYS A 1 77  ? -2.098  12.402  8.721   1.00 104.52 ? 77  LYS A O   1 
ATOM   580  C  CB  . LYS A 1 77  ? -4.001  14.010  11.050  1.00 103.90 ? 77  LYS A CB  1 
ATOM   581  N  N   . ASP A 1 78  ? -3.583  13.985  8.102   1.00 105.56 ? 78  ASP A N   1 
ATOM   582  C  CA  . ASP A 1 78  ? -2.871  14.360  6.877   1.00 106.41 ? 78  ASP A CA  1 
ATOM   583  C  C   . ASP A 1 78  ? -1.603  15.152  7.214   1.00 106.48 ? 78  ASP A C   1 
ATOM   584  O  O   . ASP A 1 78  ? -0.765  15.406  6.339   1.00 106.79 ? 78  ASP A O   1 
ATOM   585  C  CB  . ASP A 1 78  ? -3.783  15.167  5.941   1.00 106.67 ? 78  ASP A CB  1 
ATOM   586  N  N   . THR A 1 79  ? -1.488  15.559  8.481   1.00 105.49 ? 79  THR A N   1 
ATOM   587  C  CA  . THR A 1 79  ? -0.308  16.279  8.937   1.00 103.79 ? 79  THR A CA  1 
ATOM   588  C  C   . THR A 1 79  ? 0.871   15.312  8.941   1.00 101.90 ? 79  THR A C   1 
ATOM   589  O  O   . THR A 1 79  ? 2.039   15.722  8.940   1.00 101.82 ? 79  THR A O   1 
ATOM   590  N  N   . ASP A 1 80  ? 0.537   14.018  8.941   1.00 99.58  ? 80  ASP A N   1 
ATOM   591  C  CA  . ASP A 1 80  ? 1.519   12.946  8.925   1.00 93.58  ? 80  ASP A CA  1 
ATOM   592  C  C   . ASP A 1 80  ? 2.163   12.774  7.557   1.00 88.49  ? 80  ASP A C   1 
ATOM   593  O  O   . ASP A 1 80  ? 1.761   11.932  6.740   1.00 86.47  ? 80  ASP A O   1 
ATOM   594  N  N   . SER A 1 81  ? 3.175   13.606  7.329   1.00 83.15  ? 81  SER A N   1 
ATOM   595  C  CA  . SER A 1 81  ? 3.942   13.630  6.101   1.00 76.07  ? 81  SER A CA  1 
ATOM   596  C  C   . SER A 1 81  ? 3.096   13.594  4.842   1.00 71.50  ? 81  SER A C   1 
ATOM   597  O  O   . SER A 1 81  ? 2.864   12.541  4.237   1.00 69.31  ? 81  SER A O   1 
ATOM   598  C  CB  . SER A 1 81  ? 4.994   12.527  6.079   1.00 75.33  ? 81  SER A CB  1 
ATOM   599  O  OG  . SER A 1 81  ? 5.909   12.748  5.017   1.00 75.06  ? 81  SER A OG  1 
ATOM   600  N  N   . GLU A 1 82  ? 2.621   14.772  4.468   1.00 66.51  ? 82  GLU A N   1 
ATOM   601  C  CA  . GLU A 1 82  ? 1.850   14.928  3.258   1.00 61.81  ? 82  GLU A CA  1 
ATOM   602  C  C   . GLU A 1 82  ? 2.774   14.508  2.108   1.00 57.10  ? 82  GLU A C   1 
ATOM   603  O  O   . GLU A 1 82  ? 2.318   14.004  1.075   1.00 55.62  ? 82  GLU A O   1 
ATOM   604  C  CB  . GLU A 1 82  ? 1.420   16.393  3.137   1.00 64.52  ? 82  GLU A CB  1 
ATOM   605  C  CG  . GLU A 1 82  ? 1.285   16.940  1.720   1.00 70.72  ? 82  GLU A CG  1 
ATOM   606  C  CD  . GLU A 1 82  ? 2.619   17.370  1.113   1.00 73.73  ? 82  GLU A CD  1 
ATOM   607  O  OE1 . GLU A 1 82  ? 3.588   17.587  1.882   1.00 75.91  ? 82  GLU A OE1 1 
ATOM   608  O  OE2 . GLU A 1 82  ? 2.698   17.483  -0.134  1.00 75.19  ? 82  GLU A OE2 1 
ATOM   609  N  N   . GLU A 1 83  ? 4.081   14.670  2.321   1.00 51.45  ? 83  GLU A N   1 
ATOM   610  C  CA  . GLU A 1 83  ? 5.069   14.327  1.310   1.00 46.62  ? 83  GLU A CA  1 
ATOM   611  C  C   . GLU A 1 83  ? 5.094   12.847  0.993   1.00 42.26  ? 83  GLU A C   1 
ATOM   612  O  O   . GLU A 1 83  ? 5.265   12.481  -0.159  1.00 41.95  ? 83  GLU A O   1 
ATOM   613  C  CB  . GLU A 1 83  ? 6.469   14.833  1.683   1.00 46.26  ? 83  GLU A CB  1 
ATOM   614  C  CG  . GLU A 1 83  ? 7.593   14.462  0.678   1.00 47.82  ? 83  GLU A CG  1 
ATOM   615  C  CD  . GLU A 1 83  ? 7.395   14.996  -0.761  1.00 49.26  ? 83  GLU A CD  1 
ATOM   616  O  OE1 . GLU A 1 83  ? 6.637   15.970  -0.972  1.00 48.85  ? 83  GLU A OE1 1 
ATOM   617  O  OE2 . GLU A 1 83  ? 8.026   14.437  -1.691  1.00 49.68  ? 83  GLU A OE2 1 
ATOM   618  N  N   . GLU A 1 84  ? 4.920   11.993  1.991   1.00 40.10  ? 84  GLU A N   1 
ATOM   619  C  CA  . GLU A 1 84  ? 4.905   10.550  1.734   1.00 39.93  ? 84  GLU A CA  1 
ATOM   620  C  C   . GLU A 1 84  ? 3.714   10.224  0.828   1.00 34.54  ? 84  GLU A C   1 
ATOM   621  O  O   . GLU A 1 84  ? 3.843   9.459   -0.129  1.00 32.94  ? 84  GLU A O   1 
ATOM   622  C  CB  . GLU A 1 84  ? 4.781   9.752   3.043   1.00 48.04  ? 84  GLU A CB  1 
ATOM   623  C  CG  . GLU A 1 84  ? 6.078   9.603   3.856   1.00 61.07  ? 84  GLU A CG  1 
ATOM   624  C  CD  . GLU A 1 84  ? 5.841   9.165   5.317   1.00 68.49  ? 84  GLU A CD  1 
ATOM   625  O  OE1 . GLU A 1 84  ? 4.825   8.478   5.598   1.00 71.86  ? 84  GLU A OE1 1 
ATOM   626  O  OE2 . GLU A 1 84  ? 6.671   9.521   6.194   1.00 71.58  ? 84  GLU A OE2 1 
ATOM   627  N  N   . ILE A 1 85  ? 2.566   10.832  1.131   1.00 29.45  ? 85  ILE A N   1 
ATOM   628  C  CA  . ILE A 1 85  ? 1.336   10.638  0.367   1.00 27.56  ? 85  ILE A CA  1 
ATOM   629  C  C   . ILE A 1 85  ? 1.533   11.112  -1.064  1.00 25.45  ? 85  ILE A C   1 
ATOM   630  O  O   . ILE A 1 85  ? 1.082   10.488  -2.017  1.00 26.43  ? 85  ILE A O   1 
ATOM   631  C  CB  . ILE A 1 85  ? 0.197   11.440  0.984   1.00 26.25  ? 85  ILE A CB  1 
ATOM   632  C  CG1 . ILE A 1 85  ? -0.088  10.933  2.383   1.00 28.15  ? 85  ILE A CG1 1 
ATOM   633  C  CG2 . ILE A 1 85  ? -1.049  11.337  0.140   1.00 28.47  ? 85  ILE A CG2 1 
ATOM   634  C  CD1 . ILE A 1 85  ? -1.203  11.688  3.041   1.00 33.41  ? 85  ILE A CD1 1 
ATOM   635  N  N   . ARG A 1 86  ? 2.200   12.246  -1.191  1.00 25.82  ? 86  ARG A N   1 
ATOM   636  C  CA  . ARG A 1 86  ? 2.497   12.853  -2.464  1.00 25.93  ? 86  ARG A CA  1 
ATOM   637  C  C   . ARG A 1 86  ? 3.328   11.890  -3.305  1.00 26.32  ? 86  ARG A C   1 
ATOM   638  O  O   . ARG A 1 86  ? 3.027   11.638  -4.473  1.00 25.83  ? 86  ARG A O   1 
ATOM   639  C  CB  . ARG A 1 86  ? 3.279   14.136  -2.197  1.00 32.03  ? 86  ARG A CB  1 
ATOM   640  C  CG  . ARG A 1 86  ? 3.569   14.970  -3.408  1.00 37.97  ? 86  ARG A CG  1 
ATOM   641  C  CD  . ARG A 1 86  ? 2.285   15.515  -3.985  1.00 41.80  ? 86  ARG A CD  1 
ATOM   642  N  NE  . ARG A 1 86  ? 2.125   15.104  -5.371  1.00 42.41  ? 86  ARG A NE  1 
ATOM   643  C  CZ  . ARG A 1 86  ? 1.170   15.552  -6.172  1.00 44.54  ? 86  ARG A CZ  1 
ATOM   644  N  NH1 . ARG A 1 86  ? 0.274   16.430  -5.731  1.00 43.51  ? 86  ARG A NH1 1 
ATOM   645  N  NH2 . ARG A 1 86  ? 1.121   15.124  -7.423  1.00 47.66  ? 86  ARG A NH2 1 
ATOM   646  N  N   . GLU A 1 87  ? 4.354   11.318  -2.686  1.00 25.43  ? 87  GLU A N   1 
ATOM   647  C  CA  . GLU A 1 87  ? 5.243   10.384  -3.364  1.00 25.65  ? 87  GLU A CA  1 
ATOM   648  C  C   . GLU A 1 87  ? 4.526   9.116   -3.748  1.00 22.04  ? 87  GLU A C   1 
ATOM   649  O  O   . GLU A 1 87  ? 4.827   8.539   -4.781  1.00 21.21  ? 87  GLU A O   1 
ATOM   650  C  CB  . GLU A 1 87  ? 6.447   10.022  -2.488  1.00 31.41  ? 87  GLU A CB  1 
ATOM   651  C  CG  . GLU A 1 87  ? 7.375   11.178  -2.152  1.00 39.83  ? 87  GLU A CG  1 
ATOM   652  C  CD  . GLU A 1 87  ? 8.590   10.733  -1.356  1.00 47.54  ? 87  GLU A CD  1 
ATOM   653  O  OE1 . GLU A 1 87  ? 8.436   10.265  -0.202  1.00 48.90  ? 87  GLU A OE1 1 
ATOM   654  O  OE2 . GLU A 1 87  ? 9.710   10.852  -1.896  1.00 55.84  ? 87  GLU A OE2 1 
ATOM   655  N  N   . ALA A 1 88  ? 3.637   8.639   -2.883  1.00 18.93  ? 88  ALA A N   1 
ATOM   656  C  CA  . ALA A 1 88  ? 2.880   7.430   -3.180  1.00 17.34  ? 88  ALA A CA  1 
ATOM   657  C  C   . ALA A 1 88  ? 1.982   7.708   -4.379  1.00 16.65  ? 88  ALA A C   1 
ATOM   658  O  O   . ALA A 1 88  ? 1.919   6.902   -5.301  1.00 16.51  ? 88  ALA A O   1 
ATOM   659  C  CB  . ALA A 1 88  ? 2.054   7.006   -1.981  1.00 15.69  ? 88  ALA A CB  1 
ATOM   660  N  N   . PHE A 1 89  ? 1.347   8.881   -4.394  1.00 16.86  ? 89  PHE A N   1 
ATOM   661  C  CA  . PHE A 1 89  ? 0.470   9.263   -5.496  1.00 15.97  ? 89  PHE A CA  1 
ATOM   662  C  C   . PHE A 1 89  ? 1.267   9.181   -6.781  1.00 16.17  ? 89  PHE A C   1 
ATOM   663  O  O   . PHE A 1 89  ? 0.830   8.568   -7.746  1.00 16.26  ? 89  PHE A O   1 
ATOM   664  C  CB  . PHE A 1 89  ? -0.074  10.684  -5.297  1.00 15.70  ? 89  PHE A CB  1 
ATOM   665  C  CG  . PHE A 1 89  ? -1.055  11.119  -6.364  1.00 15.66  ? 89  PHE A CG  1 
ATOM   666  C  CD1 . PHE A 1 89  ? -2.320  10.557  -6.438  1.00 15.88  ? 89  PHE A CD1 1 
ATOM   667  C  CD2 . PHE A 1 89  ? -0.718  12.090  -7.285  1.00 13.94  ? 89  PHE A CD2 1 
ATOM   668  C  CE1 . PHE A 1 89  ? -3.231  10.961  -7.420  1.00 15.12  ? 89  PHE A CE1 1 
ATOM   669  C  CE2 . PHE A 1 89  ? -1.621  12.495  -8.262  1.00 15.17  ? 89  PHE A CE2 1 
ATOM   670  C  CZ  . PHE A 1 89  ? -2.880  11.928  -8.327  1.00 12.80  ? 89  PHE A CZ  1 
ATOM   671  N  N   . ARG A 1 90  ? 2.477   9.723   -6.765  1.00 18.47  ? 90  ARG A N   1 
ATOM   672  C  CA  . ARG A 1 90  ? 3.322   9.698   -7.952  1.00 18.75  ? 90  ARG A CA  1 
ATOM   673  C  C   . ARG A 1 90  ? 3.640   8.305   -8.497  1.00 20.17  ? 90  ARG A C   1 
ATOM   674  O  O   . ARG A 1 90  ? 3.849   8.160   -9.714  1.00 18.78  ? 90  ARG A O   1 
ATOM   675  C  CB  . ARG A 1 90  ? 4.622   10.480  -7.737  1.00 24.28  ? 90  ARG A CB  1 
ATOM   676  C  CG  . ARG A 1 90  ? 4.500   11.996  -7.978  1.00 35.54  ? 90  ARG A CG  1 
ATOM   677  C  CD  . ARG A 1 90  ? 5.873   12.727  -8.050  1.00 40.97  ? 90  ARG A CD  1 
ATOM   678  N  NE  . ARG A 1 90  ? 6.666   12.610  -6.817  1.00 48.11  ? 90  ARG A NE  1 
ATOM   679  C  CZ  . ARG A 1 90  ? 6.688   13.502  -5.821  1.00 48.45  ? 90  ARG A CZ  1 
ATOM   680  N  NH1 . ARG A 1 90  ? 5.966   14.613  -5.878  1.00 49.05  ? 90  ARG A NH1 1 
ATOM   681  N  NH2 . ARG A 1 90  ? 7.426   13.270  -4.745  1.00 50.66  ? 90  ARG A NH2 1 
ATOM   682  N  N   . VAL A 1 91  ? 3.660   7.272   -7.646  1.00 21.27  ? 91  VAL A N   1 
ATOM   683  C  CA  . VAL A 1 91  ? 3.970   5.927   -8.167  1.00 21.79  ? 91  VAL A CA  1 
ATOM   684  C  C   . VAL A 1 91  ? 2.817   5.383   -9.010  1.00 21.64  ? 91  VAL A C   1 
ATOM   685  O  O   . VAL A 1 91  ? 3.024   4.572   -9.910  1.00 22.97  ? 91  VAL A O   1 
ATOM   686  C  CB  . VAL A 1 91  ? 4.406   4.889   -7.078  1.00 22.60  ? 91  VAL A CB  1 
ATOM   687  C  CG1 . VAL A 1 91  ? 5.158   5.561   -5.965  1.00 26.18  ? 91  VAL A CG1 1 
ATOM   688  C  CG2 . VAL A 1 91  ? 3.255   4.091   -6.563  1.00 26.85  ? 91  VAL A CG2 1 
ATOM   689  N  N   . PHE A 1 92  ? 1.604   5.836   -8.709  1.00 19.46  ? 92  PHE A N   1 
ATOM   690  C  CA  . PHE A 1 92  ? 0.436   5.422   -9.466  1.00 17.01  ? 92  PHE A CA  1 
ATOM   691  C  C   . PHE A 1 92  ? 0.278   6.305   -10.694 1.00 16.46  ? 92  PHE A C   1 
ATOM   692  O  O   . PHE A 1 92  ? 0.153   5.812   -11.812 1.00 17.87  ? 92  PHE A O   1 
ATOM   693  C  CB  . PHE A 1 92  ? -0.816  5.525   -8.613  1.00 15.34  ? 92  PHE A CB  1 
ATOM   694  C  CG  . PHE A 1 92  ? -0.936  4.444   -7.603  1.00 13.03  ? 92  PHE A CG  1 
ATOM   695  C  CD1 . PHE A 1 92  ? -1.385  3.200   -7.970  1.00 14.18  ? 92  PHE A CD1 1 
ATOM   696  C  CD2 . PHE A 1 92  ? -0.551  4.654   -6.306  1.00 15.05  ? 92  PHE A CD2 1 
ATOM   697  C  CE1 . PHE A 1 92  ? -1.439  2.177   -7.056  1.00 15.77  ? 92  PHE A CE1 1 
ATOM   698  C  CE2 . PHE A 1 92  ? -0.602  3.635   -5.389  1.00 17.40  ? 92  PHE A CE2 1 
ATOM   699  C  CZ  . PHE A 1 92  ? -1.047  2.394   -5.769  1.00 16.26  ? 92  PHE A CZ  1 
ATOM   700  N  N   . ASP A 1 93  ? 0.327   7.613   -10.490 1.00 13.15  ? 93  ASP A N   1 
ATOM   701  C  CA  . ASP A 1 93  ? 0.150   8.541   -11.583 1.00 13.22  ? 93  ASP A CA  1 
ATOM   702  C  C   . ASP A 1 93  ? 1.385   8.597   -12.456 1.00 15.24  ? 93  ASP A C   1 
ATOM   703  O  O   . ASP A 1 93  ? 2.037   9.616   -12.574 1.00 17.01  ? 93  ASP A O   1 
ATOM   704  C  CB  . ASP A 1 93  ? -0.201  9.923   -11.048 1.00 8.93   ? 93  ASP A CB  1 
ATOM   705  C  CG  . ASP A 1 93  ? -0.575  10.892  -12.145 1.00 10.37  ? 93  ASP A CG  1 
ATOM   706  O  OD1 . ASP A 1 93  ? -1.046  10.457  -13.217 1.00 13.24  ? 93  ASP A OD1 1 
ATOM   707  O  OD2 . ASP A 1 93  ? -0.423  12.104  -11.931 1.00 12.84  ? 93  ASP A OD2 1 
ATOM   708  N  N   . LYS A 1 94  ? 1.644   7.513   -13.154 1.00 17.80  ? 94  LYS A N   1 
ATOM   709  C  CA  . LYS A 1 94  ? 2.811   7.438   -14.004 1.00 23.70  ? 94  LYS A CA  1 
ATOM   710  C  C   . LYS A 1 94  ? 2.929   8.516   -15.080 1.00 23.93  ? 94  LYS A C   1 
ATOM   711  O  O   . LYS A 1 94  ? 4.033   8.952   -15.375 1.00 26.95  ? 94  LYS A O   1 
ATOM   712  C  CB  . LYS A 1 94  ? 2.896   6.050   -14.635 1.00 29.83  ? 94  LYS A CB  1 
ATOM   713  C  CG  . LYS A 1 94  ? 3.157   4.938   -13.641 1.00 34.58  ? 94  LYS A CG  1 
ATOM   714  C  CD  . LYS A 1 94  ? 3.163   3.581   -14.339 1.00 44.17  ? 94  LYS A CD  1 
ATOM   715  C  CE  . LYS A 1 94  ? 3.495   2.452   -13.355 1.00 47.54  ? 94  LYS A CE  1 
ATOM   716  N  NZ  . LYS A 1 94  ? 3.538   1.095   -13.993 1.00 51.46  ? 94  LYS A NZ  1 
ATOM   717  N  N   . ASP A 1 95  ? 1.827   8.951   -15.687 1.00 22.51  ? 95  ASP A N   1 
ATOM   718  C  CA  . ASP A 1 95  ? 1.934   9.983   -16.726 1.00 18.26  ? 95  ASP A CA  1 
ATOM   719  C  C   . ASP A 1 95  ? 1.945   11.414  -16.202 1.00 17.90  ? 95  ASP A C   1 
ATOM   720  O  O   . ASP A 1 95  ? 1.975   12.374  -16.975 1.00 21.44  ? 95  ASP A O   1 
ATOM   721  C  CB  . ASP A 1 95  ? 0.874   9.790   -17.823 1.00 16.37  ? 95  ASP A CB  1 
ATOM   722  C  CG  . ASP A 1 95  ? -0.546  10.021  -17.346 1.00 16.00  ? 95  ASP A CG  1 
ATOM   723  O  OD1 . ASP A 1 95  ? -0.784  10.383  -16.185 1.00 17.88  ? 95  ASP A OD1 1 
ATOM   724  O  OD2 . ASP A 1 95  ? -1.454  9.854   -18.168 1.00 21.41  ? 95  ASP A OD2 1 
ATOM   725  N  N   . GLY A 1 96  ? 1.889   11.544  -14.881 1.00 17.02  ? 96  GLY A N   1 
ATOM   726  C  CA  . GLY A 1 96  ? 1.898   12.846  -14.231 1.00 15.93  ? 96  GLY A CA  1 
ATOM   727  C  C   . GLY A 1 96  ? 0.761   13.813  -14.512 1.00 16.16  ? 96  GLY A C   1 
ATOM   728  O  O   . GLY A 1 96  ? 0.866   14.998  -14.193 1.00 15.81  ? 96  GLY A O   1 
ATOM   729  N  N   . ASN A 1 97  ? -0.368  13.318  -15.009 1.00 17.16  ? 97  ASN A N   1 
ATOM   730  C  CA  . ASN A 1 97  ? -1.458  14.223  -15.337 1.00 15.12  ? 97  ASN A CA  1 
ATOM   731  C  C   . ASN A 1 97  ? -2.340  14.653  -14.187 1.00 15.25  ? 97  ASN A C   1 
ATOM   732  O  O   . ASN A 1 97  ? -3.181  15.531  -14.348 1.00 16.21  ? 97  ASN A O   1 
ATOM   733  C  CB  . ASN A 1 97  ? -2.282  13.693  -16.503 1.00 15.99  ? 97  ASN A CB  1 
ATOM   734  C  CG  . ASN A 1 97  ? -3.181  12.530  -16.129 1.00 15.33  ? 97  ASN A CG  1 
ATOM   735  O  OD1 . ASN A 1 97  ? -2.921  11.759  -15.187 1.00 16.00  ? 97  ASN A OD1 1 
ATOM   736  N  ND2 . ASN A 1 97  ? -4.227  12.368  -16.909 1.00 12.16  ? 97  ASN A ND2 1 
ATOM   737  N  N   . GLY A 1 98  ? -2.138  14.044  -13.026 1.00 15.10  ? 98  GLY A N   1 
ATOM   738  C  CA  . GLY A 1 98  ? -2.917  14.419  -11.858 1.00 13.12  ? 98  GLY A CA  1 
ATOM   739  C  C   . GLY A 1 98  ? -4.042  13.466  -11.565 1.00 12.48  ? 98  GLY A C   1 
ATOM   740  O  O   . GLY A 1 98  ? -4.771  13.666  -10.588 1.00 14.04  ? 98  GLY A O   1 
ATOM   741  N  N   . TYR A 1 99  ? -4.165  12.417  -12.375 1.00 10.82  ? 99  TYR A N   1 
ATOM   742  C  CA  . TYR A 1 99  ? -5.225  11.430  -12.216 1.00 11.98  ? 99  TYR A CA  1 
ATOM   743  C  C   . TYR A 1 99  ? -4.725  10.017  -12.317 1.00 12.05  ? 99  TYR A C   1 
ATOM   744  O  O   . TYR A 1 99  ? -3.954  9.708   -13.207 1.00 14.66  ? 99  TYR A O   1 
ATOM   745  C  CB  . TYR A 1 99  ? -6.300  11.607  -13.300 1.00 8.17   ? 99  TYR A CB  1 
ATOM   746  C  CG  . TYR A 1 99  ? -7.006  12.923  -13.218 1.00 9.00   ? 99  TYR A CG  1 
ATOM   747  C  CD1 . TYR A 1 99  ? -6.504  14.050  -13.869 1.00 9.52   ? 99  TYR A CD1 1 
ATOM   748  C  CD2 . TYR A 1 99  ? -8.121  13.075  -12.423 1.00 9.86   ? 99  TYR A CD2 1 
ATOM   749  C  CE1 . TYR A 1 99  ? -7.095  15.288  -13.706 1.00 12.05  ? 99  TYR A CE1 1 
ATOM   750  C  CE2 . TYR A 1 99  ? -8.722  14.313  -12.257 1.00 12.50  ? 99  TYR A CE2 1 
ATOM   751  C  CZ  . TYR A 1 99  ? -8.206  15.409  -12.889 1.00 15.08  ? 99  TYR A CZ  1 
ATOM   752  O  OH  . TYR A 1 99  ? -8.788  16.637  -12.668 1.00 17.71  ? 99  TYR A OH  1 
ATOM   753  N  N   . ILE A 1 100 ? -5.172  9.161   -11.398 1.00 12.68  ? 100 ILE A N   1 
ATOM   754  C  CA  . ILE A 1 100 ? -4.832  7.740   -11.427 1.00 11.94  ? 100 ILE A CA  1 
ATOM   755  C  C   . ILE A 1 100 ? -5.955  7.059   -12.214 1.00 14.68  ? 100 ILE A C   1 
ATOM   756  O  O   . ILE A 1 100 ? -7.127  7.093   -11.819 1.00 13.90  ? 100 ILE A O   1 
ATOM   757  C  CB  . ILE A 1 100 ? -4.764  7.092   -10.005 1.00 11.19  ? 100 ILE A CB  1 
ATOM   758  C  CG1 . ILE A 1 100 ? -3.665  7.749   -9.172  1.00 10.42  ? 100 ILE A CG1 1 
ATOM   759  C  CG2 . ILE A 1 100 ? -4.491  5.606   -10.119 1.00 8.00   ? 100 ILE A CG2 1 
ATOM   760  C  CD1 . ILE A 1 100 ? -3.698  7.344   -7.723  1.00 13.60  ? 100 ILE A CD1 1 
ATOM   761  N  N   . SER A 1 101 ? -5.596  6.438   -13.325 1.00 12.94  ? 101 SER A N   1 
ATOM   762  C  CA  . SER A 1 101 ? -6.572  5.765   -14.149 1.00 15.17  ? 101 SER A CA  1 
ATOM   763  C  C   . SER A 1 101 ? -6.591  4.296   -13.765 1.00 15.83  ? 101 SER A C   1 
ATOM   764  O  O   . SER A 1 101 ? -5.713  3.829   -13.048 1.00 16.24  ? 101 SER A O   1 
ATOM   765  C  CB  . SER A 1 101 ? -6.201  5.920   -15.636 1.00 17.29  ? 101 SER A CB  1 
ATOM   766  O  OG  . SER A 1 101 ? -5.013  5.211   -15.975 1.00 17.94  ? 101 SER A OG  1 
ATOM   767  N  N   . ALA A 1 102 ? -7.588  3.571   -14.259 1.00 16.73  ? 102 ALA A N   1 
ATOM   768  C  CA  . ALA A 1 102 ? -7.704  2.150   -14.013 1.00 15.03  ? 102 ALA A CA  1 
ATOM   769  C  C   . ALA A 1 102 ? -6.468  1.476   -14.625 1.00 15.95  ? 102 ALA A C   1 
ATOM   770  O  O   . ALA A 1 102 ? -5.890  0.557   -14.044 1.00 17.67  ? 102 ALA A O   1 
ATOM   771  C  CB  . ALA A 1 102 ? -8.959  1.640   -14.639 1.00 14.15  ? 102 ALA A CB  1 
ATOM   772  N  N   . ALA A 1 103 ? -6.036  1.962   -15.778 1.00 16.98  ? 103 ALA A N   1 
ATOM   773  C  CA  . ALA A 1 103 ? -4.843  1.428   -16.427 1.00 17.93  ? 103 ALA A CA  1 
ATOM   774  C  C   . ALA A 1 103 ? -3.610  1.605   -15.520 1.00 17.81  ? 103 ALA A C   1 
ATOM   775  O  O   . ALA A 1 103 ? -2.794  0.684   -15.367 1.00 19.59  ? 103 ALA A O   1 
ATOM   776  C  CB  . ALA A 1 103 ? -4.617  2.131   -17.759 1.00 19.49  ? 103 ALA A CB  1 
ATOM   777  N  N   . GLU A 1 104 ? -3.451  2.802   -14.957 1.00 17.03  ? 104 GLU A N   1 
ATOM   778  C  CA  . GLU A 1 104 ? -2.332  3.082   -14.063 1.00 15.24  ? 104 GLU A CA  1 
ATOM   779  C  C   . GLU A 1 104 ? -2.387  2.211   -12.817 1.00 16.39  ? 104 GLU A C   1 
ATOM   780  O  O   . GLU A 1 104 ? -1.368  1.680   -12.399 1.00 19.01  ? 104 GLU A O   1 
ATOM   781  C  CB  . GLU A 1 104 ? -2.291  4.554   -13.695 1.00 10.75  ? 104 GLU A CB  1 
ATOM   782  C  CG  . GLU A 1 104 ? -1.801  5.407   -14.865 1.00 16.14  ? 104 GLU A CG  1 
ATOM   783  C  CD  . GLU A 1 104 ? -1.879  6.903   -14.633 1.00 17.62  ? 104 GLU A CD  1 
ATOM   784  O  OE1 . GLU A 1 104 ? -2.740  7.377   -13.868 1.00 17.87  ? 104 GLU A OE1 1 
ATOM   785  O  OE2 . GLU A 1 104 ? -1.086  7.631   -15.251 1.00 21.46  ? 104 GLU A OE2 1 
ATOM   786  N  N   . LEU A 1 105 ? -3.576  2.034   -12.246 1.00 15.40  ? 105 LEU A N   1 
ATOM   787  C  CA  . LEU A 1 105 ? -3.743  1.194   -11.064 1.00 14.03  ? 105 LEU A CA  1 
ATOM   788  C  C   . LEU A 1 105 ? -3.372  -0.240  -11.434 1.00 16.64  ? 105 LEU A C   1 
ATOM   789  O  O   . LEU A 1 105 ? -2.628  -0.902  -10.719 1.00 18.23  ? 105 LEU A O   1 
ATOM   790  C  CB  . LEU A 1 105 ? -5.185  1.266   -10.537 0.50 8.31   ? 105 LEU A CB  1 
ATOM   791  C  CG  . LEU A 1 105 ? -5.560  0.529   -9.244  0.50 7.32   ? 105 LEU A CG  1 
ATOM   792  C  CD1 . LEU A 1 105 ? -5.941  -0.891  -9.524  0.50 10.73  ? 105 LEU A CD1 1 
ATOM   793  C  CD2 . LEU A 1 105 ? -4.415  0.575   -8.268  0.50 4.68   ? 105 LEU A CD2 1 
ATOM   794  N  N   . ARG A 1 106 ? -3.832  -0.709  -12.579 1.00 17.20  ? 106 ARG A N   1 
ATOM   795  C  CA  . ARG A 1 106 ? -3.513  -2.069  -12.974 1.00 23.46  ? 106 ARG A CA  1 
ATOM   796  C  C   . ARG A 1 106 ? -2.020  -2.308  -13.158 1.00 24.70  ? 106 ARG A C   1 
ATOM   797  O  O   . ARG A 1 106 ? -1.501  -3.340  -12.741 1.00 25.85  ? 106 ARG A O   1 
ATOM   798  C  CB  . ARG A 1 106 ? -4.248  -2.442  -14.254 1.00 29.17  ? 106 ARG A CB  1 
ATOM   799  C  CG  . ARG A 1 106 ? -4.191  -3.914  -14.595 1.00 35.29  ? 106 ARG A CG  1 
ATOM   800  C  CD  . ARG A 1 106 ? -5.176  -4.227  -15.697 1.00 41.52  ? 106 ARG A CD  1 
ATOM   801  N  NE  . ARG A 1 106 ? -5.672  -5.598  -15.616 1.00 50.09  ? 106 ARG A NE  1 
ATOM   802  C  CZ  . ARG A 1 106 ? -6.964  -5.926  -15.580 1.00 52.64  ? 106 ARG A CZ  1 
ATOM   803  N  NH1 . ARG A 1 106 ? -7.909  -4.990  -15.603 1.00 53.74  ? 106 ARG A NH1 1 
ATOM   804  N  NH2 . ARG A 1 106 ? -7.314  -7.199  -15.592 1.00 55.59  ? 106 ARG A NH2 1 
ATOM   805  N  N   . HIS A 1 107 ? -1.332  -1.366  -13.795 1.00 22.23  ? 107 HIS A N   1 
ATOM   806  C  CA  . HIS A 1 107 ? 0.103   -1.501  -14.023 1.00 23.13  ? 107 HIS A CA  1 
ATOM   807  C  C   . HIS A 1 107 ? 0.879   -1.657  -12.725 1.00 23.39  ? 107 HIS A C   1 
ATOM   808  O  O   . HIS A 1 107 ? 1.795   -2.474  -12.642 1.00 26.66  ? 107 HIS A O   1 
ATOM   809  C  CB  . HIS A 1 107 ? 0.651   -0.286  -14.764 1.00 21.64  ? 107 HIS A CB  1 
ATOM   810  C  CG  . HIS A 1 107 ? 0.090   -0.109  -16.135 1.00 26.79  ? 107 HIS A CG  1 
ATOM   811  N  ND1 . HIS A 1 107 ? 0.067   1.113   -16.777 1.00 32.00  ? 107 HIS A ND1 1 
ATOM   812  C  CD2 . HIS A 1 107 ? -0.448  -0.998  -17.000 1.00 27.58  ? 107 HIS A CD2 1 
ATOM   813  C  CE1 . HIS A 1 107 ? -0.461  0.967   -17.980 1.00 32.60  ? 107 HIS A CE1 1 
ATOM   814  N  NE2 . HIS A 1 107 ? -0.780  -0.304  -18.138 1.00 32.30  ? 107 HIS A NE2 1 
ATOM   815  N  N   . VAL A 1 108 ? 0.541   -0.834  -11.735 1.00 23.31  ? 108 VAL A N   1 
ATOM   816  C  CA  . VAL A 1 108 ? 1.206   -0.844  -10.435 1.00 23.34  ? 108 VAL A CA  1 
ATOM   817  C  C   . VAL A 1 108 ? 0.993   -2.182  -9.726  1.00 25.21  ? 108 VAL A C   1 
ATOM   818  O  O   . VAL A 1 108 ? 1.938   -2.786  -9.223  1.00 25.51  ? 108 VAL A O   1 
ATOM   819  C  CB  . VAL A 1 108 ? 0.719   0.343   -9.550  1.00 20.66  ? 108 VAL A CB  1 
ATOM   820  C  CG1 . VAL A 1 108 ? 1.259   0.226   -8.149  1.00 23.58  ? 108 VAL A CG1 1 
ATOM   821  C  CG2 . VAL A 1 108 ? 1.181   1.660   -10.142 1.00 21.28  ? 108 VAL A CG2 1 
ATOM   822  N  N   . MET A 1 109 ? -0.246  -2.650  -9.731  1.00 23.96  ? 109 MET A N   1 
ATOM   823  C  CA  . MET A 1 109 ? -0.588  -3.904  -9.109  1.00 23.46  ? 109 MET A CA  1 
ATOM   824  C  C   . MET A 1 109 ? 0.160   -5.071  -9.739  1.00 26.15  ? 109 MET A C   1 
ATOM   825  O  O   . MET A 1 109 ? 0.680   -5.930  -9.022  1.00 27.41  ? 109 MET A O   1 
ATOM   826  C  CB  . MET A 1 109 ? -2.088  -4.120  -9.191  1.00 21.84  ? 109 MET A CB  1 
ATOM   827  C  CG  . MET A 1 109 ? -2.854  -3.205  -8.280  1.00 23.41  ? 109 MET A CG  1 
ATOM   828  S  SD  . MET A 1 109 ? -2.567  -3.530  -6.529  1.00 28.90  ? 109 MET A SD  1 
ATOM   829  C  CE  . MET A 1 109 ? -1.774  -2.057  -6.059  1.00 29.36  ? 109 MET A CE  1 
ATOM   830  N  N   . THR A 1 110 ? 0.216   -5.102  -11.071 1.00 27.78  ? 110 THR A N   1 
ATOM   831  C  CA  . THR A 1 110 ? 0.912   -6.165  -11.806 1.00 30.21  ? 110 THR A CA  1 
ATOM   832  C  C   . THR A 1 110 ? 2.403   -6.204  -11.477 1.00 32.38  ? 110 THR A C   1 
ATOM   833  O  O   . THR A 1 110 ? 2.973   -7.279  -11.313 1.00 32.89  ? 110 THR A O   1 
ATOM   834  C  CB  . THR A 1 110 ? 0.779   -5.993  -13.324 1.00 28.68  ? 110 THR A CB  1 
ATOM   835  O  OG1 . THR A 1 110 ? -0.603  -6.016  -13.693 1.00 32.07  ? 110 THR A OG1 1 
ATOM   836  C  CG2 . THR A 1 110 ? 1.507   -7.108  -14.047 1.00 32.50  ? 110 THR A CG2 1 
ATOM   837  N  N   . ASN A 1 111 ? 3.028   -5.029  -11.393 1.00 33.44  ? 111 ASN A N   1 
ATOM   838  C  CA  . ASN A 1 111 ? 4.442   -4.932  -11.066 1.00 36.13  ? 111 ASN A CA  1 
ATOM   839  C  C   . ASN A 1 111 ? 4.654   -5.398  -9.621  1.00 36.36  ? 111 ASN A C   1 
ATOM   840  O  O   . ASN A 1 111 ? 5.764   -5.735  -9.230  1.00 36.64  ? 111 ASN A O   1 
ATOM   841  C  CB  . ASN A 1 111 ? 4.928   -3.491  -11.256 1.00 41.95  ? 111 ASN A CB  1 
ATOM   842  C  CG  . ASN A 1 111 ? 6.453   -3.381  -11.287 1.00 48.65  ? 111 ASN A CG  1 
ATOM   843  O  OD1 . ASN A 1 111 ? 7.157   -4.285  -11.756 1.00 51.36  ? 111 ASN A OD1 1 
ATOM   844  N  ND2 . ASN A 1 111 ? 6.968   -2.261  -10.797 1.00 51.09  ? 111 ASN A ND2 1 
ATOM   845  N  N   . LEU A 1 112 ? 3.576   -5.395  -8.833  1.00 36.23  ? 112 LEU A N   1 
ATOM   846  C  CA  . LEU A 1 112 ? 3.591   -5.839  -7.441  1.00 35.66  ? 112 LEU A CA  1 
ATOM   847  C  C   . LEU A 1 112 ? 3.291   -7.320  -7.378  1.00 37.93  ? 112 LEU A C   1 
ATOM   848  O  O   . LEU A 1 112 ? 3.314   -7.923  -6.313  1.00 39.67  ? 112 LEU A O   1 
ATOM   849  C  CB  . LEU A 1 112 ? 2.527   -5.107  -6.624  1.00 32.44  ? 112 LEU A CB  1 
ATOM   850  C  CG  . LEU A 1 112 ? 2.853   -3.696  -6.158  1.00 32.30  ? 112 LEU A CG  1 
ATOM   851  C  CD1 . LEU A 1 112 ? 1.643   -3.127  -5.477  1.00 33.14  ? 112 LEU A CD1 1 
ATOM   852  C  CD2 . LEU A 1 112 ? 4.030   -3.721  -5.205  1.00 31.51  ? 112 LEU A CD2 1 
ATOM   853  N  N   . GLY A 1 113 ? 2.943   -7.894  -8.516  1.00 40.05  ? 113 GLY A N   1 
ATOM   854  C  CA  . GLY A 1 113 ? 2.638   -9.307  -8.548  1.00 44.65  ? 113 GLY A CA  1 
ATOM   855  C  C   . GLY A 1 113 ? 1.200   -9.654  -8.208  1.00 47.12  ? 113 GLY A C   1 
ATOM   856  O  O   . GLY A 1 113 ? 0.908   -10.796 -7.847  1.00 48.86  ? 113 GLY A O   1 
ATOM   857  N  N   . GLU A 1 114 ? 0.303   -8.678  -8.297  1.00 48.68  ? 114 GLU A N   1 
ATOM   858  C  CA  . GLU A 1 114 ? -1.111  -8.916  -8.021  1.00 49.79  ? 114 GLU A CA  1 
ATOM   859  C  C   . GLU A 1 114 ? -1.842  -8.899  -9.371  1.00 51.87  ? 114 GLU A C   1 
ATOM   860  O  O   . GLU A 1 114 ? -1.725  -7.935  -10.129 1.00 50.13  ? 114 GLU A O   1 
ATOM   861  C  CB  . GLU A 1 114 ? -1.647  -7.831  -7.073  1.00 48.34  ? 114 GLU A CB  1 
ATOM   862  C  CG  . GLU A 1 114 ? -3.121  -7.965  -6.666  1.00 48.48  ? 114 GLU A CG  1 
ATOM   863  C  CD  . GLU A 1 114 ? -3.384  -8.962  -5.547  1.00 47.48  ? 114 GLU A CD  1 
ATOM   864  O  OE1 . GLU A 1 114 ? -2.456  -9.287  -4.785  1.00 50.96  ? 114 GLU A OE1 1 
ATOM   865  O  OE2 . GLU A 1 114 ? -4.541  -9.402  -5.410  1.00 47.47  ? 114 GLU A OE2 1 
ATOM   866  N  N   . LYS A 1 115 ? -2.536  -9.991  -9.696  1.00 56.40  ? 115 LYS A N   1 
ATOM   867  C  CA  . LYS A 1 115 ? -3.280  -10.101 -10.963 1.00 59.38  ? 115 LYS A CA  1 
ATOM   868  C  C   . LYS A 1 115 ? -4.763  -9.766  -10.816 1.00 56.63  ? 115 LYS A C   1 
ATOM   869  O  O   . LYS A 1 115 ? -5.562  -10.589 -10.349 1.00 56.18  ? 115 LYS A O   1 
ATOM   870  C  CB  . LYS A 1 115 ? -3.112  -11.495 -11.573 1.00 65.97  ? 115 LYS A CB  1 
ATOM   871  N  N   . LEU A 1 116 ? -5.112  -8.545  -11.213 1.00 52.98  ? 116 LEU A N   1 
ATOM   872  C  CA  . LEU A 1 116 ? -6.479  -8.056  -11.119 1.00 49.07  ? 116 LEU A CA  1 
ATOM   873  C  C   . LEU A 1 116 ? -7.156  -8.190  -12.451 1.00 48.03  ? 116 LEU A C   1 
ATOM   874  O  O   . LEU A 1 116 ? -6.509  -8.086  -13.487 1.00 48.91  ? 116 LEU A O   1 
ATOM   875  C  CB  . LEU A 1 116 ? -6.502  -6.569  -10.773 1.00 45.68  ? 116 LEU A CB  1 
ATOM   876  C  CG  . LEU A 1 116 ? -5.617  -6.028  -9.666  1.00 44.66  ? 116 LEU A CG  1 
ATOM   877  C  CD1 . LEU A 1 116 ? -5.912  -4.560  -9.493  1.00 45.21  ? 116 LEU A CD1 1 
ATOM   878  C  CD2 . LEU A 1 116 ? -5.879  -6.774  -8.386  1.00 44.39  ? 116 LEU A CD2 1 
ATOM   879  N  N   . THR A 1 117 ? -8.464  -8.397  -12.420 1.00 45.66  ? 117 THR A N   1 
ATOM   880  C  CA  . THR A 1 117 ? -9.249  -8.477  -13.636 1.00 43.39  ? 117 THR A CA  1 
ATOM   881  C  C   . THR A 1 117 ? -9.763  -7.073  -13.821 1.00 40.63  ? 117 THR A C   1 
ATOM   882  O  O   . THR A 1 117 ? -9.417  -6.184  -13.051 1.00 41.33  ? 117 THR A O   1 
ATOM   883  C  CB  . THR A 1 117 ? -10.429 -9.372  -13.447 1.00 44.66  ? 117 THR A CB  1 
ATOM   884  O  OG1 . THR A 1 117 ? -11.161 -8.937  -12.293 1.00 46.72  ? 117 THR A OG1 1 
ATOM   885  C  CG2 . THR A 1 117 ? -9.964  -10.781 -13.255 1.00 44.96  ? 117 THR A CG2 1 
ATOM   886  N  N   . ASP A 1 118 ? -10.610 -6.864  -14.810 1.00 39.53  ? 118 ASP A N   1 
ATOM   887  C  CA  . ASP A 1 118 ? -11.139 -5.533  -15.019 1.00 40.23  ? 118 ASP A CA  1 
ATOM   888  C  C   . ASP A 1 118 ? -12.109 -5.186  -13.904 1.00 39.29  ? 118 ASP A C   1 
ATOM   889  O  O   . ASP A 1 118 ? -12.135 -4.055  -13.431 1.00 39.08  ? 118 ASP A O   1 
ATOM   890  C  CB  . ASP A 1 118 ? -11.843 -5.437  -16.369 1.00 44.06  ? 118 ASP A CB  1 
ATOM   891  C  CG  . ASP A 1 118 ? -10.881 -5.459  -17.536 1.00 48.09  ? 118 ASP A CG  1 
ATOM   892  O  OD1 . ASP A 1 118 ? -9.760  -5.985  -17.393 1.00 50.31  ? 118 ASP A OD1 1 
ATOM   893  O  OD2 . ASP A 1 118 ? -11.248 -4.945  -18.610 1.00 53.12  ? 118 ASP A OD2 1 
ATOM   894  N  N   . GLU A 1 119 ? -12.865 -6.174  -13.444 1.00 39.56  ? 119 GLU A N   1 
ATOM   895  C  CA  . GLU A 1 119 ? -13.862 -5.953  -12.392 1.00 41.56  ? 119 GLU A CA  1 
ATOM   896  C  C   . GLU A 1 119 ? -13.243 -5.432  -11.100 1.00 36.91  ? 119 GLU A C   1 
ATOM   897  O  O   . GLU A 1 119 ? -13.788 -4.543  -10.443 1.00 35.54  ? 119 GLU A O   1 
ATOM   898  C  CB  . GLU A 1 119 ? -14.605 -7.254  -12.067 1.00 51.29  ? 119 GLU A CB  1 
ATOM   899  C  CG  . GLU A 1 119 ? -15.008 -8.104  -13.273 1.00 64.75  ? 119 GLU A CG  1 
ATOM   900  C  CD  . GLU A 1 119 ? -15.153 -9.596  -12.926 1.00 72.06  ? 119 GLU A CD  1 
ATOM   901  O  OE1 . GLU A 1 119 ? -15.645 -9.920  -11.814 1.00 74.69  ? 119 GLU A OE1 1 
ATOM   902  O  OE2 . GLU A 1 119 ? -14.768 -10.444 -13.771 1.00 76.84  ? 119 GLU A OE2 1 
ATOM   903  N  N   . GLU A 1 120 ? -12.112 -6.017  -10.729 1.00 31.90  ? 120 GLU A N   1 
ATOM   904  C  CA  . GLU A 1 120 ? -11.426 -5.643  -9.508  1.00 30.52  ? 120 GLU A CA  1 
ATOM   905  C  C   . GLU A 1 120 ? -10.789 -4.257  -9.560  1.00 27.58  ? 120 GLU A C   1 
ATOM   906  O  O   . GLU A 1 120 ? -10.849 -3.508  -8.583  1.00 25.74  ? 120 GLU A O   1 
ATOM   907  C  CB  . GLU A 1 120 ? -10.386 -6.698  -9.173  1.00 33.94  ? 120 GLU A CB  1 
ATOM   908  C  CG  . GLU A 1 120 ? -10.947 -8.106  -9.169  1.00 41.64  ? 120 GLU A CG  1 
ATOM   909  C  CD  . GLU A 1 120 ? -9.882  -9.143  -8.896  1.00 46.84  ? 120 GLU A CD  1 
ATOM   910  O  OE1 . GLU A 1 120 ? -8.993  -9.342  -9.755  1.00 48.23  ? 120 GLU A OE1 1 
ATOM   911  O  OE2 . GLU A 1 120 ? -9.935  -9.756  -7.810  1.00 52.15  ? 120 GLU A OE2 1 
ATOM   912  N  N   . VAL A 1 121 ? -10.186 -3.910  -10.692 1.00 24.91  ? 121 VAL A N   1 
ATOM   913  C  CA  . VAL A 1 121 ? -9.558  -2.602  -10.829 1.00 25.25  ? 121 VAL A CA  1 
ATOM   914  C  C   . VAL A 1 121 ? -10.599 -1.502  -10.731 1.00 23.49  ? 121 VAL A C   1 
ATOM   915  O  O   . VAL A 1 121 ? -10.404 -0.523  -10.013 1.00 23.58  ? 121 VAL A O   1 
ATOM   916  C  CB  . VAL A 1 121 ? -8.779  -2.448  -12.176 1.00 26.01  ? 121 VAL A CB  1 
ATOM   917  C  CG1 . VAL A 1 121 ? -8.242  -1.044  -12.315 1.00 28.28  ? 121 VAL A CG1 1 
ATOM   918  C  CG2 . VAL A 1 121 ? -7.619  -3.411  -12.224 1.00 27.92  ? 121 VAL A CG2 1 
ATOM   919  N  N   . ASP A 1 122 ? -11.712 -1.671  -11.442 1.00 24.51  ? 122 ASP A N   1 
ATOM   920  C  CA  . ASP A 1 122 ? -12.772 -0.671  -11.448 1.00 22.37  ? 122 ASP A CA  1 
ATOM   921  C  C   . ASP A 1 122 ? -13.348 -0.493  -10.079 1.00 19.88  ? 122 ASP A C   1 
ATOM   922  O  O   . ASP A 1 122 ? -13.678 0.615   -9.702  1.00 20.86  ? 122 ASP A O   1 
ATOM   923  C  CB  . ASP A 1 122 ? -13.888 -1.052  -12.407 1.00 30.08  ? 122 ASP A CB  1 
ATOM   924  C  CG  . ASP A 1 122 ? -13.436 -1.083  -13.863 1.00 38.21  ? 122 ASP A CG  1 
ATOM   925  O  OD1 . ASP A 1 122 ? -12.534 -0.301  -14.265 1.00 40.67  ? 122 ASP A OD1 1 
ATOM   926  O  OD2 . ASP A 1 122 ? -14.007 -1.899  -14.620 1.00 43.28  ? 122 ASP A OD2 1 
ATOM   927  N  N   . GLU A 1 123 ? -13.480 -1.591  -9.338  1.00 20.87  ? 123 GLU A N   1 
ATOM   928  C  CA  . GLU A 1 123 ? -14.013 -1.557  -7.972  1.00 20.90  ? 123 GLU A CA  1 
ATOM   929  C  C   . GLU A 1 123 ? -13.105 -0.770  -7.033  1.00 19.62  ? 123 GLU A C   1 
ATOM   930  O  O   . GLU A 1 123 ? -13.576 -0.012  -6.180  1.00 19.55  ? 123 GLU A O   1 
ATOM   931  C  CB  . GLU A 1 123 ? -14.198 -2.979  -7.434  1.00 24.00  ? 123 GLU A CB  1 
ATOM   932  C  CG  . GLU A 1 123 ? -14.750 -3.043  -6.016  1.00 27.21  ? 123 GLU A CG  1 
ATOM   933  C  CD  . GLU A 1 123 ? -16.080 -2.318  -5.872  1.00 32.30  ? 123 GLU A CD  1 
ATOM   934  O  OE1 . GLU A 1 123 ? -16.841 -2.233  -6.864  1.00 36.70  ? 123 GLU A OE1 1 
ATOM   935  O  OE2 . GLU A 1 123 ? -16.373 -1.826  -4.764  1.00 33.11  ? 123 GLU A OE2 1 
ATOM   936  N  N   . MET A 1 124 ? -11.798 -0.981  -7.176  1.00 18.94  ? 124 MET A N   1 
ATOM   937  C  CA  . MET A 1 124 ? -10.810 -0.287  -6.367  1.00 15.35  ? 124 MET A CA  1 
ATOM   938  C  C   . MET A 1 124 ? -10.899 1.176   -6.685  1.00 13.81  ? 124 MET A C   1 
ATOM   939  O  O   . MET A 1 124 ? -10.842 2.008   -5.786  1.00 13.88  ? 124 MET A O   1 
ATOM   940  C  CB  . MET A 1 124 ? -9.412  -0.809  -6.668  1.00 17.74  ? 124 MET A CB  1 
ATOM   941  C  CG  . MET A 1 124 ? -9.169  -2.176  -6.095  1.00 18.60  ? 124 MET A CG  1 
ATOM   942  S  SD  . MET A 1 124 ? -7.625  -2.826  -6.660  1.00 25.56  ? 124 MET A SD  1 
ATOM   943  C  CE  . MET A 1 124 ? -6.530  -2.205  -5.441  1.00 19.46  ? 124 MET A CE  1 
ATOM   944  N  N   . ILE A 1 125 ? -11.077 1.483   -7.967  1.00 13.95  ? 125 ILE A N   1 
ATOM   945  C  CA  . ILE A 1 125 ? -11.211 2.869   -8.427  1.00 18.33  ? 125 ILE A CA  1 
ATOM   946  C  C   . ILE A 1 125 ? -12.517 3.473   -7.911  1.00 18.27  ? 125 ILE A C   1 
ATOM   947  O  O   . ILE A 1 125 ? -12.549 4.580   -7.369  1.00 18.41  ? 125 ILE A O   1 
ATOM   948  C  CB  . ILE A 1 125 ? -11.237 2.967   -9.985  1.00 17.65  ? 125 ILE A CB  1 
ATOM   949  C  CG1 . ILE A 1 125 ? -9.872  2.592   -10.580 1.00 20.62  ? 125 ILE A CG1 1 
ATOM   950  C  CG2 . ILE A 1 125 ? -11.645 4.379   -10.415 1.00 17.81  ? 125 ILE A CG2 1 
ATOM   951  C  CD1 . ILE A 1 125 ? -8.814  3.661   -10.425 1.00 17.87  ? 125 ILE A CD1 1 
ATOM   952  N  N   . ARG A 1 126 ? -13.594 2.725   -8.093  1.00 19.55  ? 126 ARG A N   1 
ATOM   953  C  CA  . ARG A 1 126 ? -14.915 3.154   -7.683  1.00 21.37  ? 126 ARG A CA  1 
ATOM   954  C  C   . ARG A 1 126 ? -14.959 3.511   -6.208  1.00 18.66  ? 126 ARG A C   1 
ATOM   955  O  O   . ARG A 1 126 ? -15.553 4.512   -5.836  1.00 20.58  ? 126 ARG A O   1 
ATOM   956  C  CB  . ARG A 1 126 ? -15.904 2.045   -7.988  1.00 26.81  ? 126 ARG A CB  1 
ATOM   957  C  CG  . ARG A 1 126 ? -17.357 2.427   -7.922  1.00 34.35  ? 126 ARG A CG  1 
ATOM   958  C  CD  . ARG A 1 126 ? -18.224 1.234   -8.370  1.00 41.63  ? 126 ARG A CD  1 
ATOM   959  N  NE  . ARG A 1 126 ? -18.049 0.886   -9.786  1.00 47.33  ? 126 ARG A NE  1 
ATOM   960  C  CZ  . ARG A 1 126 ? -17.704 -0.321  -10.237 1.00 49.83  ? 126 ARG A CZ  1 
ATOM   961  N  NH1 . ARG A 1 126 ? -17.485 -1.323  -9.388  1.00 50.33  ? 126 ARG A NH1 1 
ATOM   962  N  NH2 . ARG A 1 126 ? -17.590 -0.532  -11.547 1.00 50.53  ? 126 ARG A NH2 1 
ATOM   963  N  N   . GLU A 1 127 ? -14.320 2.713   -5.366  1.00 18.54  ? 127 GLU A N   1 
ATOM   964  C  CA  . GLU A 1 127 ? -14.315 2.989   -3.930  1.00 19.43  ? 127 GLU A CA  1 
ATOM   965  C  C   . GLU A 1 127 ? -13.517 4.212   -3.472  1.00 18.55  ? 127 GLU A C   1 
ATOM   966  O  O   . GLU A 1 127 ? -13.777 4.749   -2.397  1.00 20.02  ? 127 GLU A O   1 
ATOM   967  C  CB  . GLU A 1 127 ? -13.852 1.772   -3.172  1.00 19.21  ? 127 GLU A CB  1 
ATOM   968  C  CG  . GLU A 1 127 ? -14.839 0.665   -3.220  1.00 24.25  ? 127 GLU A CG  1 
ATOM   969  C  CD  . GLU A 1 127 ? -14.401 -0.492  -2.372  1.00 30.70  ? 127 GLU A CD  1 
ATOM   970  O  OE1 . GLU A 1 127 ? -13.733 -0.240  -1.343  1.00 33.17  ? 127 GLU A OE1 1 
ATOM   971  O  OE2 . GLU A 1 127 ? -14.709 -1.651  -2.727  1.00 32.58  ? 127 GLU A OE2 1 
ATOM   972  N  N   . ALA A 1 128 ? -12.530 4.628   -4.265  1.00 15.20  ? 128 ALA A N   1 
ATOM   973  C  CA  . ALA A 1 128 ? -11.720 5.794   -3.947  1.00 13.11  ? 128 ALA A CA  1 
ATOM   974  C  C   . ALA A 1 128 ? -12.247 7.047   -4.648  1.00 13.74  ? 128 ALA A C   1 
ATOM   975  O  O   . ALA A 1 128 ? -11.998 8.171   -4.218  1.00 15.50  ? 128 ALA A O   1 
ATOM   976  C  CB  . ALA A 1 128 ? -10.307 5.543   -4.373  1.00 14.28  ? 128 ALA A CB  1 
ATOM   977  N  N   . ASP A 1 129 ? -12.962 6.847   -5.745  1.00 13.63  ? 129 ASP A N   1 
ATOM   978  C  CA  . ASP A 1 129 ? -13.526 7.934   -6.542  1.00 13.94  ? 129 ASP A CA  1 
ATOM   979  C  C   . ASP A 1 129 ? -14.649 8.660   -5.798  1.00 16.96  ? 129 ASP A C   1 
ATOM   980  O  O   . ASP A 1 129 ? -15.630 8.050   -5.403  1.00 21.63  ? 129 ASP A O   1 
ATOM   981  C  CB  . ASP A 1 129 ? -14.057 7.327   -7.825  1.00 10.47  ? 129 ASP A CB  1 
ATOM   982  C  CG  . ASP A 1 129 ? -14.467 8.339   -8.830  1.00 8.10   ? 129 ASP A CG  1 
ATOM   983  O  OD1 . ASP A 1 129 ? -14.189 9.540   -8.699  1.00 8.60   ? 129 ASP A OD1 1 
ATOM   984  O  OD2 . ASP A 1 129 ? -15.074 7.903   -9.800  1.00 11.95  ? 129 ASP A OD2 1 
ATOM   985  N  N   . ILE A 1 130 ? -14.499 9.964   -5.604  1.00 17.44  ? 130 ILE A N   1 
ATOM   986  C  CA  . ILE A 1 130 ? -15.499 10.766  -4.909  1.00 15.45  ? 130 ILE A CA  1 
ATOM   987  C  C   . ILE A 1 130 ? -16.395 11.509  -5.876  1.00 16.11  ? 130 ILE A C   1 
ATOM   988  O  O   . ILE A 1 130 ? -17.607 11.393  -5.807  1.00 15.50  ? 130 ILE A O   1 
ATOM   989  C  CB  . ILE A 1 130 ? -14.847 11.770  -3.908  1.00 16.71  ? 130 ILE A CB  1 
ATOM   990  C  CG1 . ILE A 1 130 ? -14.221 11.002  -2.734  1.00 15.13  ? 130 ILE A CG1 1 
ATOM   991  C  CG2 . ILE A 1 130 ? -15.888 12.765  -3.389  1.00 15.67  ? 130 ILE A CG2 1 
ATOM   992  C  CD1 . ILE A 1 130 ? -13.271 11.799  -1.943  1.00 15.09  ? 130 ILE A CD1 1 
ATOM   993  N  N   . ASP A 1 131 ? -15.812 12.269  -6.791  1.00 14.36  ? 131 ASP A N   1 
ATOM   994  C  CA  . ASP A 1 131 ? -16.640 13.012  -7.728  1.00 13.09  ? 131 ASP A CA  1 
ATOM   995  C  C   . ASP A 1 131 ? -17.295 12.172  -8.823  1.00 10.79  ? 131 ASP A C   1 
ATOM   996  O  O   . ASP A 1 131 ? -18.136 12.666  -9.558  1.00 15.29  ? 131 ASP A O   1 
ATOM   997  C  CB  . ASP A 1 131 ? -15.896 14.231  -8.312  1.00 14.36  ? 131 ASP A CB  1 
ATOM   998  C  CG  . ASP A 1 131 ? -14.583 13.876  -9.001  1.00 14.65  ? 131 ASP A CG  1 
ATOM   999  O  OD1 . ASP A 1 131 ? -14.334 12.708  -9.363  1.00 17.14  ? 131 ASP A OD1 1 
ATOM   1000 O  OD2 . ASP A 1 131 ? -13.775 14.797  -9.184  1.00 20.58  ? 131 ASP A OD2 1 
ATOM   1001 N  N   . GLY A 1 132 ? -16.926 10.904  -8.935  1.00 9.57   ? 132 GLY A N   1 
ATOM   1002 C  CA  . GLY A 1 132 ? -17.530 10.067  -9.962  1.00 11.84  ? 132 GLY A CA  1 
ATOM   1003 C  C   . GLY A 1 132 ? -16.995 10.120  -11.403 1.00 14.28  ? 132 GLY A C   1 
ATOM   1004 O  O   . GLY A 1 132 ? -17.606 9.508   -12.289 1.00 12.71  ? 132 GLY A O   1 
ATOM   1005 N  N   . ASP A 1 133 ? -15.844 10.764  -11.649 1.00 14.06  ? 133 ASP A N   1 
ATOM   1006 C  CA  . ASP A 1 133 ? -15.290 10.837  -13.003 1.00 12.80  ? 133 ASP A CA  1 
ATOM   1007 C  C   . ASP A 1 133 ? -14.589 9.548   -13.456 1.00 14.03  ? 133 ASP A C   1 
ATOM   1008 O  O   . ASP A 1 133 ? -14.166 9.439   -14.607 1.00 16.52  ? 133 ASP A O   1 
ATOM   1009 C  CB  . ASP A 1 133 ? -14.398 12.083  -13.203 1.00 10.94  ? 133 ASP A CB  1 
ATOM   1010 C  CG  . ASP A 1 133 ? -13.121 12.044  -12.405 1.00 11.78  ? 133 ASP A CG  1 
ATOM   1011 O  OD1 . ASP A 1 133 ? -12.939 11.133  -11.576 1.00 14.58  ? 133 ASP A OD1 1 
ATOM   1012 O  OD2 . ASP A 1 133 ? -12.287 12.939  -12.602 1.00 14.35  ? 133 ASP A OD2 1 
ATOM   1013 N  N   . GLY A 1 134 ? -14.530 8.552   -12.572 1.00 12.34  ? 134 GLY A N   1 
ATOM   1014 C  CA  . GLY A 1 134 ? -13.913 7.286   -12.918 1.00 9.14   ? 134 GLY A CA  1 
ATOM   1015 C  C   . GLY A 1 134 ? -12.406 7.264   -12.745 1.00 10.74  ? 134 GLY A C   1 
ATOM   1016 O  O   . GLY A 1 134 ? -11.756 6.301   -13.146 1.00 12.48  ? 134 GLY A O   1 
ATOM   1017 N  N   . GLN A 1 135 ? -11.847 8.319   -12.157 1.00 10.08  ? 135 GLN A N   1 
ATOM   1018 C  CA  . GLN A 1 135 ? -10.411 8.405   -11.904 1.00 9.53   ? 135 GLN A CA  1 
ATOM   1019 C  C   . GLN A 1 135 ? -10.230 8.910   -10.480 1.00 11.82  ? 135 GLN A C   1 
ATOM   1020 O  O   . GLN A 1 135 ? -11.177 9.422   -9.864  1.00 13.36  ? 135 GLN A O   1 
ATOM   1021 C  CB  . GLN A 1 135 ? -9.724  9.380   -12.875 1.00 11.55  ? 135 GLN A CB  1 
ATOM   1022 C  CG  . GLN A 1 135 ? -10.020 9.131   -14.321 1.00 9.93   ? 135 GLN A CG  1 
ATOM   1023 C  CD  . GLN A 1 135 ? -9.073  9.873   -15.236 1.00 11.45  ? 135 GLN A CD  1 
ATOM   1024 O  OE1 . GLN A 1 135 ? -9.199  11.085  -15.466 1.00 14.30  ? 135 GLN A OE1 1 
ATOM   1025 N  NE2 . GLN A 1 135 ? -8.129  9.150   -15.767 1.00 13.15  ? 135 GLN A NE2 1 
ATOM   1026 N  N   . VAL A 1 136 ? -9.013  8.775   -9.955  1.00 14.65  ? 136 VAL A N   1 
ATOM   1027 C  CA  . VAL A 1 136 ? -8.721  9.222   -8.602  1.00 12.48  ? 136 VAL A CA  1 
ATOM   1028 C  C   . VAL A 1 136 ? -7.753  10.381  -8.673  1.00 13.92  ? 136 VAL A C   1 
ATOM   1029 O  O   . VAL A 1 136 ? -6.638  10.235  -9.154  1.00 14.79  ? 136 VAL A O   1 
ATOM   1030 C  CB  . VAL A 1 136 ? -8.096  8.089   -7.759  1.00 14.51  ? 136 VAL A CB  1 
ATOM   1031 C  CG1 . VAL A 1 136 ? -7.867  8.542   -6.324  1.00 10.91  ? 136 VAL A CG1 1 
ATOM   1032 C  CG2 . VAL A 1 136 ? -8.998  6.863   -7.785  1.00 15.07  ? 136 VAL A CG2 1 
ATOM   1033 N  N   . ASN A 1 137 ? -8.178  11.554  -8.243  1.00 13.93  ? 137 ASN A N   1 
ATOM   1034 C  CA  . ASN A 1 137 ? -7.269  12.674  -8.265  1.00 15.34  ? 137 ASN A CA  1 
ATOM   1035 C  C   . ASN A 1 137 ? -6.532  12.707  -6.922  1.00 16.67  ? 137 ASN A C   1 
ATOM   1036 O  O   . ASN A 1 137 ? -6.797  11.879  -6.029  1.00 15.16  ? 137 ASN A O   1 
ATOM   1037 C  CB  . ASN A 1 137 ? -8.005  13.979  -8.577  1.00 14.31  ? 137 ASN A CB  1 
ATOM   1038 C  CG  . ASN A 1 137 ? -8.930  14.420  -7.469  1.00 16.78  ? 137 ASN A CG  1 
ATOM   1039 O  OD1 . ASN A 1 137 ? -8.949  13.856  -6.370  1.00 18.69  ? 137 ASN A OD1 1 
ATOM   1040 N  ND2 . ASN A 1 137 ? -9.689  15.456  -7.745  1.00 17.23  ? 137 ASN A ND2 1 
ATOM   1041 N  N   . TYR A 1 138 ? -5.623  13.662  -6.764  1.00 17.25  ? 138 TYR A N   1 
ATOM   1042 C  CA  . TYR A 1 138 ? -4.835  13.741  -5.544  1.00 17.44  ? 138 TYR A CA  1 
ATOM   1043 C  C   . TYR A 1 138 ? -5.659  13.922  -4.286  1.00 17.51  ? 138 TYR A C   1 
ATOM   1044 O  O   . TYR A 1 138 ? -5.375  13.277  -3.284  1.00 17.43  ? 138 TYR A O   1 
ATOM   1045 C  CB  . TYR A 1 138 ? -3.726  14.814  -5.641  1.00 19.96  ? 138 TYR A CB  1 
ATOM   1046 C  CG  . TYR A 1 138 ? -2.763  14.811  -4.454  1.00 22.29  ? 138 TYR A CG  1 
ATOM   1047 C  CD1 . TYR A 1 138 ? -1.986  13.685  -4.158  1.00 22.37  ? 138 TYR A CD1 1 
ATOM   1048 C  CD2 . TYR A 1 138 ? -2.720  15.884  -3.568  1.00 24.82  ? 138 TYR A CD2 1 
ATOM   1049 C  CE1 . TYR A 1 138 ? -1.217  13.627  -3.016  1.00 24.47  ? 138 TYR A CE1 1 
ATOM   1050 C  CE2 . TYR A 1 138 ? -1.949  15.835  -2.422  1.00 26.99  ? 138 TYR A CE2 1 
ATOM   1051 C  CZ  . TYR A 1 138 ? -1.208  14.703  -2.148  1.00 27.17  ? 138 TYR A CZ  1 
ATOM   1052 O  OH  . TYR A 1 138 ? -0.499  14.641  -0.968  1.00 33.71  ? 138 TYR A OH  1 
ATOM   1053 N  N   . GLU A 1 139 ? -6.688  14.764  -4.341  1.00 18.23  ? 139 GLU A N   1 
ATOM   1054 C  CA  . GLU A 1 139 ? -7.526  15.007  -3.168  1.00 18.67  ? 139 GLU A CA  1 
ATOM   1055 C  C   . GLU A 1 139 ? -8.256  13.734  -2.763  1.00 17.74  ? 139 GLU A C   1 
ATOM   1056 O  O   . GLU A 1 139 ? -8.339  13.411  -1.585  1.00 20.33  ? 139 GLU A O   1 
ATOM   1057 C  CB  . GLU A 1 139 ? -8.507  16.149  -3.418  1.00 21.71  ? 139 GLU A CB  1 
ATOM   1058 C  CG  . GLU A 1 139 ? -7.862  17.408  -3.960  1.00 31.86  ? 139 GLU A CG  1 
ATOM   1059 C  CD  . GLU A 1 139 ? -7.701  17.386  -5.483  1.00 41.40  ? 139 GLU A CD  1 
ATOM   1060 O  OE1 . GLU A 1 139 ? -8.709  17.632  -6.188  1.00 49.91  ? 139 GLU A OE1 1 
ATOM   1061 O  OE2 . GLU A 1 139 ? -6.577  17.143  -5.984  1.00 42.20  ? 139 GLU A OE2 1 
ATOM   1062 N  N   . GLU A 1 140 ? -8.732  12.982  -3.744  1.00 15.80  ? 140 GLU A N   1 
ATOM   1063 C  CA  . GLU A 1 140 ? -9.413  11.731  -3.474  1.00 13.62  ? 140 GLU A CA  1 
ATOM   1064 C  C   . GLU A 1 140 ? -8.421  10.717  -2.929  1.00 17.82  ? 140 GLU A C   1 
ATOM   1065 O  O   . GLU A 1 140 ? -8.734  9.903   -2.060  1.00 17.18  ? 140 GLU A O   1 
ATOM   1066 C  CB  . GLU A 1 140 ? -10.047 11.226  -4.749  1.00 10.72  ? 140 GLU A CB  1 
ATOM   1067 C  CG  . GLU A 1 140 ? -11.109 12.181  -5.242  1.00 8.89   ? 140 GLU A CG  1 
ATOM   1068 C  CD  . GLU A 1 140 ? -11.721 11.764  -6.544  1.00 11.66  ? 140 GLU A CD  1 
ATOM   1069 O  OE1 . GLU A 1 140 ? -11.025 11.151  -7.362  1.00 12.83  ? 140 GLU A OE1 1 
ATOM   1070 O  OE2 . GLU A 1 140 ? -12.907 12.055  -6.767  1.00 15.00  ? 140 GLU A OE2 1 
ATOM   1071 N  N   . PHE A 1 141 ? -7.198  10.787  -3.422  1.00 17.51  ? 141 PHE A N   1 
ATOM   1072 C  CA  . PHE A 1 141 ? -6.169  9.872   -2.970  1.00 19.22  ? 141 PHE A CA  1 
ATOM   1073 C  C   . PHE A 1 141 ? -5.829  10.125  -1.483  1.00 19.68  ? 141 PHE A C   1 
ATOM   1074 O  O   . PHE A 1 141 ? -5.734  9.191   -0.674  1.00 17.06  ? 141 PHE A O   1 
ATOM   1075 C  CB  . PHE A 1 141 ? -4.938  10.053  -3.857  1.00 17.17  ? 141 PHE A CB  1 
ATOM   1076 C  CG  . PHE A 1 141 ? -3.853  9.095   -3.567  1.00 16.80  ? 141 PHE A CG  1 
ATOM   1077 C  CD1 . PHE A 1 141 ? -3.915  7.813   -4.049  1.00 16.30  ? 141 PHE A CD1 1 
ATOM   1078 C  CD2 . PHE A 1 141 ? -2.757  9.484   -2.821  1.00 18.11  ? 141 PHE A CD2 1 
ATOM   1079 C  CE1 . PHE A 1 141 ? -2.908  6.930   -3.796  1.00 18.30  ? 141 PHE A CE1 1 
ATOM   1080 C  CE2 . PHE A 1 141 ? -1.746  8.608   -2.564  1.00 19.02  ? 141 PHE A CE2 1 
ATOM   1081 C  CZ  . PHE A 1 141 ? -1.818  7.325   -3.054  1.00 18.71  ? 141 PHE A CZ  1 
ATOM   1082 N  N   . VAL A 1 142 ? -5.664  11.394  -1.131  1.00 20.40  ? 142 VAL A N   1 
ATOM   1083 C  CA  . VAL A 1 142 ? -5.341  11.777  0.234   1.00 21.45  ? 142 VAL A CA  1 
ATOM   1084 C  C   . VAL A 1 142 ? -6.390  11.207  1.192   1.00 26.33  ? 142 VAL A C   1 
ATOM   1085 O  O   . VAL A 1 142 ? -6.055  10.461  2.113   1.00 27.68  ? 142 VAL A O   1 
ATOM   1086 C  CB  . VAL A 1 142 ? -5.256  13.312  0.368   1.00 20.28  ? 142 VAL A CB  1 
ATOM   1087 C  CG1 . VAL A 1 142 ? -5.101  13.703  1.806   1.00 22.93  ? 142 VAL A CG1 1 
ATOM   1088 C  CG2 . VAL A 1 142 ? -4.070  13.844  -0.420  1.00 18.56  ? 142 VAL A CG2 1 
ATOM   1089 N  N   . GLN A 1 143 ? -7.662  11.474  0.915   1.00 27.68  ? 143 GLN A N   1 
ATOM   1090 C  CA  . GLN A 1 143 ? -8.751  10.981  1.763   1.00 30.73  ? 143 GLN A CA  1 
ATOM   1091 C  C   . GLN A 1 143 ? -8.796  9.464   1.918   1.00 31.35  ? 143 GLN A C   1 
ATOM   1092 O  O   . GLN A 1 143 ? -9.115  8.958   2.993   1.00 34.50  ? 143 GLN A O   1 
ATOM   1093 C  CB  . GLN A 1 143 ? -10.079 11.528  1.277   1.00 31.77  ? 143 GLN A CB  1 
ATOM   1094 C  CG  . GLN A 1 143 ? -10.119 13.035  1.383   1.00 38.85  ? 143 GLN A CG  1 
ATOM   1095 C  CD  . GLN A 1 143 ? -11.439 13.596  0.965   1.00 43.58  ? 143 GLN A CD  1 
ATOM   1096 O  OE1 . GLN A 1 143 ? -11.502 14.532  0.154   1.00 47.00  ? 143 GLN A OE1 1 
ATOM   1097 N  NE2 . GLN A 1 143 ? -12.517 13.036  1.512   1.00 44.46  ? 143 GLN A NE2 1 
ATOM   1098 N  N   . MET A 1 144 ? -8.474  8.736   0.855   1.00 29.75  ? 144 MET A N   1 
ATOM   1099 C  CA  . MET A 1 144 ? -8.425  7.285   0.927   1.00 30.81  ? 144 MET A CA  1 
ATOM   1100 C  C   . MET A 1 144 ? -7.374  6.908   1.979   1.00 33.56  ? 144 MET A C   1 
ATOM   1101 O  O   . MET A 1 144 ? -7.598  6.028   2.812   1.00 33.58  ? 144 MET A O   1 
ATOM   1102 C  CB  . MET A 1 144 ? -8.001  6.707   -0.418  1.00 28.40  ? 144 MET A CB  1 
ATOM   1103 C  CG  . MET A 1 144 ? -7.567  5.263   -0.336  1.00 33.61  ? 144 MET A CG  1 
ATOM   1104 S  SD  . MET A 1 144 ? -6.930  4.623   -1.881  1.00 37.96  ? 144 MET A SD  1 
ATOM   1105 C  CE  . MET A 1 144 ? -5.167  4.659   -1.566  1.00 38.12  ? 144 MET A CE  1 
ATOM   1106 N  N   . MET A 1 145 ? -6.243  7.613   1.946   1.00 35.90  ? 145 MET A N   1 
ATOM   1107 C  CA  . MET A 1 145 ? -5.114  7.370   2.846   1.00 38.21  ? 145 MET A CA  1 
ATOM   1108 C  C   . MET A 1 145 ? -5.327  7.814   4.278   1.00 40.78  ? 145 MET A C   1 
ATOM   1109 O  O   . MET A 1 145 ? -5.011  7.084   5.210   1.00 42.41  ? 145 MET A O   1 
ATOM   1110 C  CB  . MET A 1 145 ? -3.857  8.043   2.304   1.00 36.76  ? 145 MET A CB  1 
ATOM   1111 C  CG  . MET A 1 145 ? -3.434  7.531   0.954   1.00 38.09  ? 145 MET A CG  1 
ATOM   1112 S  SD  . MET A 1 145 ? -3.099  5.778   1.052   1.00 40.93  ? 145 MET A SD  1 
ATOM   1113 C  CE  . MET A 1 145 ? -1.353  5.765   0.712   1.00 42.56  ? 145 MET A CE  1 
ATOM   1114 N  N   . THR A 1 146 ? -5.861  9.010   4.461   1.00 43.66  ? 146 THR A N   1 
ATOM   1115 C  CA  . THR A 1 146 ? -6.075  9.519   5.794   1.00 46.18  ? 146 THR A CA  1 
ATOM   1116 C  C   . THR A 1 146 ? -7.367  9.040   6.458   1.00 51.53  ? 146 THR A C   1 
ATOM   1117 O  O   . THR A 1 146 ? -7.868  9.676   7.383   1.00 53.30  ? 146 THR A O   1 
ATOM   1118 C  CB  . THR A 1 146 ? -5.936  11.059  5.830   1.00 43.51  ? 146 THR A CB  1 
ATOM   1119 O  OG1 . THR A 1 146 ? -6.970  11.676  5.054   1.00 43.47  ? 146 THR A OG1 1 
ATOM   1120 C  CG2 . THR A 1 146 ? -4.586  11.466  5.262   1.00 41.23  ? 146 THR A CG2 1 
ATOM   1121 N  N   . ALA A 1 147 ? -7.899  7.915   5.986   1.00 57.15  ? 147 ALA A N   1 
ATOM   1122 C  CA  . ALA A 1 147 ? -9.105  7.312   6.555   1.00 65.19  ? 147 ALA A CA  1 
ATOM   1123 C  C   . ALA A 1 147 ? -10.274 8.269   6.768   1.00 72.00  ? 147 ALA A C   1 
ATOM   1124 O  O   . ALA A 1 147 ? -11.165 8.000   7.596   1.00 73.24  ? 147 ALA A O   1 
ATOM   1125 C  CB  . ALA A 1 147 ? -8.760  6.620   7.874   1.00 65.58  ? 147 ALA A CB  1 
ATOM   1126 N  N   . LYS A 1 148 ? -10.257 9.378   6.026   1.00 78.80  ? 148 LYS A N   1 
ATOM   1127 C  CA  . LYS A 1 148 ? -11.282 10.422  6.089   1.00 84.72  ? 148 LYS A CA  1 
ATOM   1128 C  C   . LYS A 1 148 ? -11.222 11.254  4.802   1.00 86.27  ? 148 LYS A C   1 
ATOM   1129 O  O   . LYS A 1 148 ? -12.128 11.088  3.955   1.00 88.07  ? 148 LYS A O   1 
ATOM   1130 C  CB  . LYS A 1 148 ? -11.068 11.346  7.310   1.00 87.65  ? 148 LYS A CB  1 
ATOM   1131 C  CG  . LYS A 1 148 ? -11.486 10.754  8.668   1.00 90.55  ? 148 LYS A CG  1 
ATOM   1132 C  CD  . LYS A 1 148 ? -11.193 11.720  9.824   1.00 92.94  ? 148 LYS A CD  1 
ATOM   1133 C  CE  . LYS A 1 148 ? -11.609 11.129  11.176  1.00 94.11  ? 148 LYS A CE  1 
ATOM   1134 N  NZ  . LYS A 1 148 ? -11.352 12.062  12.319  1.00 92.78  ? 148 LYS A NZ  1 
ATOM   1135 O  OXT . LYS A 1 148 ? -10.259 12.047  4.647   1.00 87.73  ? 148 LYS A OXT 1 
HETATM 1136 CA CA  . CA  B 2 .   ? 8.110   -14.176 3.939   1.00 20.10  ? 149 CA  A CA  1 
HETATM 1137 CA CA  . CA  C 2 .   ? 7.988   -9.592  14.858  1.00 24.98  ? 150 CA  A CA  1 
HETATM 1138 CA CA  . CA  D 2 .   ? -2.313  9.591   -14.729 1.00 12.68  ? 151 CA  A CA  1 
HETATM 1139 CA CA  . CA  E 2 .   ? -12.512 11.090  -9.210  1.00 14.03  ? 152 CA  A CA  1 
HETATM 1140 C  C1  . TFP F 3 .   ? -6.235  2.857   -4.985  0.88 20.05  ? 153 TFP A C1  1 
HETATM 1141 C  C2  . TFP F 3 .   ? -5.039  2.243   -4.751  0.88 17.33  ? 153 TFP A C2  1 
HETATM 1142 C  C3  . TFP F 3 .   ? -4.958  1.199   -3.882  0.88 18.19  ? 153 TFP A C3  1 
HETATM 1143 C  C4  . TFP F 3 .   ? -6.110  0.764   -3.226  0.88 17.49  ? 153 TFP A C4  1 
HETATM 1144 C  C5  . TFP F 3 .   ? -7.333  1.401   -3.471  0.88 18.05  ? 153 TFP A C5  1 
HETATM 1145 C  C6  . TFP F 3 .   ? -7.377  2.462   -4.368  0.88 18.08  ? 153 TFP A C6  1 
HETATM 1146 S  S   . TFP F 3 .   ? -5.999  -0.513  -2.139  0.88 21.23  ? 153 TFP A S   1 
HETATM 1147 C  C7  . TFP F 3 .   ? -7.609  -1.167  -2.177  0.88 18.98  ? 153 TFP A C7  1 
HETATM 1148 C  C8  . TFP F 3 .   ? -7.801  -2.513  -1.854  0.88 19.75  ? 153 TFP A C8  1 
HETATM 1149 C  C9  . TFP F 3 .   ? -9.075  -3.027  -1.841  0.88 16.42  ? 153 TFP A C9  1 
HETATM 1150 C  C10 . TFP F 3 .   ? -10.166 -2.240  -2.140  0.88 17.64  ? 153 TFP A C10 1 
HETATM 1151 C  C11 . TFP F 3 .   ? -10.013 -0.916  -2.464  0.88 19.01  ? 153 TFP A C11 1 
HETATM 1152 C  C12 . TFP F 3 .   ? -8.725  -0.359  -2.489  0.88 20.56  ? 153 TFP A C12 1 
HETATM 1153 N  N1  . TFP F 3 .   ? -8.501  0.986   -2.818  0.88 21.31  ? 153 TFP A N1  1 
HETATM 1154 C  C13 . TFP F 3 .   ? -9.648  1.861   -2.780  0.88 23.28  ? 153 TFP A C13 1 
HETATM 1155 C  C14 . TFP F 3 .   ? -9.809  2.099   -1.308  0.88 26.42  ? 153 TFP A C14 1 
HETATM 1156 C  C15 . TFP F 3 .   ? -10.799 3.191   -1.030  0.88 32.52  ? 153 TFP A C15 1 
HETATM 1157 N  N2  . TFP F 3 .   ? -10.928 3.420   0.403   0.88 36.85  ? 153 TFP A N2  1 
HETATM 1158 C  C16 . TFP F 3 .   ? -12.044 4.349   0.552   0.88 39.93  ? 153 TFP A C16 1 
HETATM 1159 C  C17 . TFP F 3 .   ? -12.638 4.306   1.949   0.88 43.77  ? 153 TFP A C17 1 
HETATM 1160 N  N3  . TFP F 3 .   ? -13.176 2.986   2.279   0.88 47.03  ? 153 TFP A N3  1 
HETATM 1161 C  C18 . TFP F 3 .   ? -12.723 1.981   1.318   0.88 45.21  ? 153 TFP A C18 1 
HETATM 1162 C  C19 . TFP F 3 .   ? -11.245 2.123   1.001   0.88 40.84  ? 153 TFP A C19 1 
HETATM 1163 C  C20 . TFP F 3 .   ? -12.611 2.611   3.576   0.88 50.19  ? 153 TFP A C20 1 
HETATM 1164 C  C21 . TFP F 3 .   ? -6.345  4.018   -5.958  0.88 23.84  ? 153 TFP A C21 1 
HETATM 1165 F  F1  . TFP F 3 .   ? -5.355  4.139   -6.726  0.88 26.52  ? 153 TFP A F1  1 
HETATM 1166 F  F2  . TFP F 3 .   ? -6.504  5.188   -5.505  0.88 25.60  ? 153 TFP A F2  1 
HETATM 1167 F  F3  . TFP F 3 .   ? -7.311  4.000   -6.778  0.88 23.07  ? 153 TFP A F3  1 
HETATM 1168 C  C1  . TFP G 3 .   ? -5.081  -5.430  -2.162  0.85 38.36  ? 154 TFP A C1  1 
HETATM 1169 C  C2  . TFP G 3 .   ? -5.519  -5.614  -0.897  0.85 32.96  ? 154 TFP A C2  1 
HETATM 1170 C  C3  . TFP G 3 .   ? -6.758  -6.145  -0.715  0.85 32.17  ? 154 TFP A C3  1 
HETATM 1171 C  C4  . TFP G 3 .   ? -7.543  -6.485  -1.822  0.85 32.01  ? 154 TFP A C4  1 
HETATM 1172 C  C5  . TFP G 3 .   ? -7.043  -6.275  -3.120  0.85 33.20  ? 154 TFP A C5  1 
HETATM 1173 C  C6  . TFP G 3 .   ? -5.778  -5.735  -3.283  0.85 35.08  ? 154 TFP A C6  1 
HETATM 1174 S  S   . TFP G 3 .   ? -9.124  -7.132  -1.624  0.85 33.80  ? 154 TFP A S   1 
HETATM 1175 C  C7  . TFP G 3 .   ? -9.923  -6.417  -3.037  0.85 36.45  ? 154 TFP A C7  1 
HETATM 1176 C  C8  . TFP G 3 .   ? -11.277 -6.045  -2.990  0.85 35.11  ? 154 TFP A C8  1 
HETATM 1177 C  C9  . TFP G 3 .   ? -11.882 -5.500  -4.116  0.85 35.65  ? 154 TFP A C9  1 
HETATM 1178 C  C10 . TFP G 3 .   ? -11.173 -5.319  -5.280  0.85 34.10  ? 154 TFP A C10 1 
HETATM 1179 C  C11 . TFP G 3 .   ? -9.831  -5.676  -5.357  0.85 35.42  ? 154 TFP A C11 1 
HETATM 1180 C  C12 . TFP G 3 .   ? -9.191  -6.227  -4.235  0.85 35.41  ? 154 TFP A C12 1 
HETATM 1181 N  N1  . TFP G 3 .   ? -7.822  -6.597  -4.213  0.85 34.97  ? 154 TFP A N1  1 
HETATM 1182 C  C13 . TFP G 3 .   ? -7.116  -6.919  -5.415  0.79 37.89  ? 154 TFP A C13 1 
HETATM 1183 C  C14 . TFP G 3 .   ? -7.632  -8.227  -5.960  0.79 40.90  ? 154 TFP A C14 1 
HETATM 1184 C  C15 . TFP G 3 .   ? -7.761  -9.276  -4.871  0.79 42.78  ? 154 TFP A C15 1 
HETATM 1185 N  N2  . TFP G 3 .   ? -7.494  -10.627 -5.345  0.79 43.82  ? 154 TFP A N2  1 
HETATM 1186 C  C16 . TFP G 3 .   ? -8.747  -11.335 -5.132  0.79 44.53  ? 154 TFP A C16 1 
HETATM 1187 C  C17 . TFP G 3 .   ? -8.621  -12.789 -5.542  0.79 47.87  ? 154 TFP A C17 1 
HETATM 1188 N  N3  . TFP G 3 .   ? -8.255  -12.938 -6.950  0.79 49.63  ? 154 TFP A N3  1 
HETATM 1189 C  C18 . TFP G 3 .   ? -7.058  -12.150 -7.236  0.79 49.10  ? 154 TFP A C18 1 
HETATM 1190 C  C19 . TFP G 3 .   ? -7.202  -10.717 -6.773  0.79 45.29  ? 154 TFP A C19 1 
HETATM 1191 C  C20 . TFP G 3 .   ? -7.850  -14.332 -7.116  0.79 50.67  ? 154 TFP A C20 1 
HETATM 1192 C  C21 . TFP G 3 .   ? -3.768  -4.863  -2.379  0.85 44.80  ? 154 TFP A C21 1 
HETATM 1193 F  F1  . TFP G 3 .   ? -3.591  -4.316  -3.535  0.85 45.77  ? 154 TFP A F1  1 
HETATM 1194 F  F2  . TFP G 3 .   ? -3.033  -5.893  -2.308  0.85 50.11  ? 154 TFP A F2  1 
HETATM 1195 F  F3  . TFP G 3 .   ? -3.325  -4.007  -1.520  0.85 49.92  ? 154 TFP A F3  1 
HETATM 1196 C  C1  . TFP H 3 .   ? -2.417  0.983   -0.735  0.68 37.29  ? 155 TFP A C1  1 
HETATM 1197 C  C2  . TFP H 3 .   ? -2.054  -0.340  -0.833  0.68 36.36  ? 155 TFP A C2  1 
HETATM 1198 C  C3  . TFP H 3 .   ? -2.658  -1.282  -0.036  0.68 35.25  ? 155 TFP A C3  1 
HETATM 1199 C  C4  . TFP H 3 .   ? -3.646  -0.882  0.874   0.68 34.44  ? 155 TFP A C4  1 
HETATM 1200 C  C5  . TFP H 3 .   ? -4.006  0.486   0.965   0.68 34.23  ? 155 TFP A C5  1 
HETATM 1201 C  C6  . TFP H 3 .   ? -3.373  1.421   0.142   0.68 33.12  ? 155 TFP A C6  1 
HETATM 1202 S  S   . TFP H 3 .   ? -4.403  -2.128  1.830   0.68 31.95  ? 155 TFP A S   1 
HETATM 1203 C  C7  . TFP H 3 .   ? -5.973  -1.379  1.803   0.68 31.09  ? 155 TFP A C7  1 
HETATM 1204 C  C8  . TFP H 3 .   ? -7.096  -2.206  1.752   0.68 31.68  ? 155 TFP A C8  1 
HETATM 1205 C  C9  . TFP H 3 .   ? -8.347  -1.638  1.712   0.68 33.22  ? 155 TFP A C9  1 
HETATM 1206 C  C10 . TFP H 3 .   ? -8.511  -0.271  1.722   0.68 33.07  ? 155 TFP A C10 1 
HETATM 1207 C  C11 . TFP H 3 .   ? -7.429  0.567   1.774   0.68 32.12  ? 155 TFP A C11 1 
HETATM 1208 C  C12 . TFP H 3 .   ? -6.141  0.023   1.815   0.68 33.23  ? 155 TFP A C12 1 
HETATM 1209 N  N1  . TFP H 3 .   ? -5.011  0.833   1.863   0.68 35.64  ? 155 TFP A N1  1 
HETATM 1210 C  C13 . TFP H 3 .   ? -5.137  2.158   2.433   0.76 41.44  ? 155 TFP A C13 1 
HETATM 1211 C  C14 . TFP H 3 .   ? -4.170  2.383   3.603   0.76 49.33  ? 155 TFP A C14 1 
HETATM 1212 C  C15 . TFP H 3 .   ? -4.728  1.896   4.950   0.76 53.45  ? 155 TFP A C15 1 
HETATM 1213 N  N2  . TFP H 3 .   ? -5.508  2.925   5.639   0.76 56.70  ? 155 TFP A N2  1 
HETATM 1214 C  C16 . TFP H 3 .   ? -6.911  2.675   5.300   0.76 57.93  ? 155 TFP A C16 1 
HETATM 1215 C  C17 . TFP H 3 .   ? -7.876  3.474   6.161   0.76 58.65  ? 155 TFP A C17 1 
HETATM 1216 N  N3  . TFP H 3 .   ? -7.729  3.164   7.584   0.76 60.54  ? 155 TFP A N3  1 
HETATM 1217 C  C18 . TFP H 3 .   ? -6.596  2.255   7.768   0.76 59.59  ? 155 TFP A C18 1 
HETATM 1218 C  C19 . TFP H 3 .   ? -5.322  2.745   7.078   0.76 57.23  ? 155 TFP A C19 1 
HETATM 1219 C  C20 . TFP H 3 .   ? -8.940  2.448   7.982   0.76 59.13  ? 155 TFP A C20 1 
HETATM 1220 C  C21 . TFP H 3 .   ? -1.752  1.983   -1.634  0.68 40.74  ? 155 TFP A C21 1 
HETATM 1221 F  F1  . TFP H 3 .   ? -0.768  1.536   -2.349  0.68 41.97  ? 155 TFP A F1  1 
HETATM 1222 F  F2  . TFP H 3 .   ? -1.292  3.011   -1.033  0.68 42.46  ? 155 TFP A F2  1 
HETATM 1223 F  F3  . TFP H 3 .   ? -2.558  2.553   -2.452  0.68 43.19  ? 155 TFP A F3  1 
HETATM 1224 C  C1  . TFP I 3 .   ? 6.085   -2.696  6.628   0.74 54.71  ? 156 TFP A C1  1 
HETATM 1225 C  C2  . TFP I 3 .   ? 5.510   -2.640  5.390   0.74 53.72  ? 156 TFP A C2  1 
HETATM 1226 C  C3  . TFP I 3 .   ? 5.234   -1.426  4.848   0.74 55.18  ? 156 TFP A C3  1 
HETATM 1227 C  C4  . TFP I 3 .   ? 5.540   -0.267  5.568   0.74 58.96  ? 156 TFP A C4  1 
HETATM 1228 C  C5  . TFP I 3 .   ? 6.125   -0.364  6.852   0.74 59.66  ? 156 TFP A C5  1 
HETATM 1229 C  C6  . TFP I 3 .   ? 6.402   -1.618  7.383   0.74 56.11  ? 156 TFP A C6  1 
HETATM 1230 S  S   . TFP I 3 .   ? 5.240   1.271   4.856   0.74 62.97  ? 156 TFP A S   1 
HETATM 1231 C  C7  . TFP I 3 .   ? 6.539   2.187   5.665   0.74 63.49  ? 156 TFP A C7  1 
HETATM 1232 C  C8  . TFP I 3 .   ? 7.117   3.274   4.998   0.74 65.02  ? 156 TFP A C8  1 
HETATM 1233 C  C9  . TFP I 3 .   ? 8.129   3.986   5.610   0.74 65.28  ? 156 TFP A C9  1 
HETATM 1234 C  C10 . TFP I 3 .   ? 8.577   3.644   6.865   0.74 65.27  ? 156 TFP A C10 1 
HETATM 1235 C  C11 . TFP I 3 .   ? 8.030   2.584   7.548   0.74 64.61  ? 156 TFP A C11 1 
HETATM 1236 C  C12 . TFP I 3 .   ? 7.002   1.839   6.957   0.74 64.03  ? 156 TFP A C12 1 
HETATM 1237 N  N1  . TFP I 3 .   ? 6.423   0.767   7.620   0.74 62.91  ? 156 TFP A N1  1 
HETATM 1238 C  C13 . TFP I 3 .   ? 5.665   1.070   8.800   0.74 65.13  ? 156 TFP A C13 1 
HETATM 1239 C  C14 . TFP I 3 .   ? 4.343   1.792   8.544   0.74 68.66  ? 156 TFP A C14 1 
HETATM 1240 C  C15 . TFP I 3 .   ? 4.227   3.124   9.295   0.74 72.69  ? 156 TFP A C15 1 
HETATM 1241 N  N2  . TFP I 3 .   ? 5.278   3.338   10.294  0.74 75.77  ? 156 TFP A N2  1 
HETATM 1242 C  C16 . TFP I 3 .   ? 5.425   4.784   10.440  0.74 77.74  ? 156 TFP A C16 1 
HETATM 1243 C  C17 . TFP I 3 .   ? 5.489   5.212   11.903  0.74 79.26  ? 156 TFP A C17 1 
HETATM 1244 N  N3  . TFP I 3 .   ? 4.221   4.995   12.600  0.74 79.19  ? 156 TFP A N3  1 
HETATM 1245 C  C18 . TFP I 3 .   ? 3.764   3.653   12.247  0.74 78.58  ? 156 TFP A C18 1 
HETATM 1246 C  C19 . TFP I 3 .   ? 4.862   2.817   11.597  0.74 77.01  ? 156 TFP A C19 1 
HETATM 1247 C  C20 . TFP I 3 .   ? 4.479   5.011   14.038  0.74 79.13  ? 156 TFP A C20 1 
HETATM 1248 C  C21 . TFP I 3 .   ? 6.419   -3.992  7.209   0.74 54.90  ? 156 TFP A C21 1 
HETATM 1249 F  F1  . TFP I 3 .   ? 7.136   -4.672  6.433   0.74 56.02  ? 156 TFP A F1  1 
HETATM 1250 F  F2  . TFP I 3 .   ? 5.383   -4.694  7.408   0.74 55.18  ? 156 TFP A F2  1 
HETATM 1251 F  F3  . TFP I 3 .   ? 7.116   -3.997  8.279   0.74 53.81  ? 156 TFP A F3  1 
HETATM 1252 O  O   . HOH J 4 .   ? -13.952 -13.903 9.532   1.00 38.62  ? 157 HOH A O   1 
HETATM 1253 O  O   . HOH J 4 .   ? -11.176 8.822   -1.746  0.72 11.60  ? 158 HOH A O   1 
HETATM 1254 O  O   . HOH J 4 .   ? 12.487  -13.314 2.634   1.00 26.01  ? 159 HOH A O   1 
HETATM 1255 O  O   . HOH J 4 .   ? 14.214  -9.184  8.387   0.78 16.72  ? 160 HOH A O   1 
HETATM 1256 O  O   . HOH J 4 .   ? -2.323  16.928  -8.094  1.00 31.98  ? 161 HOH A O   1 
HETATM 1257 O  O   . HOH J 4 .   ? 4.196   -8.808  18.105  1.00 27.02  ? 162 HOH A O   1 
HETATM 1258 O  O   . HOH J 4 .   ? 2.963   -11.116 16.893  1.00 30.59  ? 163 HOH A O   1 
HETATM 1259 O  O   . HOH J 4 .   ? -3.741  6.195   -18.258 1.00 28.51  ? 164 HOH A O   1 
HETATM 1260 O  O   . HOH J 4 .   ? -6.045  9.696   -17.268 1.00 21.93  ? 165 HOH A O   1 
HETATM 1261 O  O   . HOH J 4 .   ? -11.322 13.040  -10.028 0.78 11.62  ? 166 HOH A O   1 
HETATM 1262 O  O   . HOH J 4 .   ? -0.488  16.768  -12.603 0.87 16.54  ? 167 HOH A O   1 
HETATM 1263 O  O   . HOH J 4 .   ? -4.822  15.767  -8.960  1.00 18.45  ? 168 HOH A O   1 
HETATM 1264 O  O   . HOH J 4 .   ? 0.686   3.424   -13.108 0.87 34.35  ? 169 HOH A O   1 
HETATM 1265 O  O   . HOH J 4 .   ? -2.774  -6.552  -12.130 1.01 45.39  ? 170 HOH A O   1 
HETATM 1266 O  O   . HOH J 4 .   ? -16.122 5.448   -10.376 1.00 25.75  ? 171 HOH A O   1 
HETATM 1267 O  O   . HOH J 4 .   ? -9.803  5.110   -15.276 0.62 12.10  ? 172 HOH A O   1 
HETATM 1268 O  O   . HOH J 4 .   ? 10.278  -14.855 4.302   1.00 27.41  ? 173 HOH A O   1 
HETATM 1269 O  O   . HOH J 4 .   ? -12.006 -12.224 9.801   1.00 28.66  ? 174 HOH A O   1 
HETATM 1270 O  O   . HOH J 4 .   ? 7.596   8.736   -6.048  1.00 39.61  ? 175 HOH A O   1 
HETATM 1271 O  O   . HOH J 4 .   ? -0.128  -15.112 8.457   0.94 38.96  ? 176 HOH A O   1 
HETATM 1272 O  O   . HOH J 4 .   ? -8.808  18.225  -14.783 0.70 22.01  ? 177 HOH A O   1 
HETATM 1273 O  O   . HOH J 4 .   ? 15.168  -6.359  10.931  1.00 37.05  ? 178 HOH A O   1 
HETATM 1274 O  O   . HOH J 4 .   ? 1.269   13.322  -10.322 1.05 28.19  ? 179 HOH A O   1 
HETATM 1275 O  O   . HOH J 4 .   ? -0.204  15.759  -10.072 0.64 11.01  ? 180 HOH A O   1 
HETATM 1276 O  O   . HOH J 4 .   ? 7.077   -11.472 14.725  1.00 29.34  ? 181 HOH A O   1 
HETATM 1277 O  O   . HOH J 4 .   ? -0.949  -5.121  19.091  1.00 35.08  ? 182 HOH A O   1 
HETATM 1278 O  O   . HOH J 4 .   ? -11.014 16.593  -10.717 0.67 25.15  ? 183 HOH A O   1 
HETATM 1279 O  O   . HOH J 4 .   ? -13.145 17.288  -8.262  1.00 42.99  ? 184 HOH A O   1 
HETATM 1280 O  O   . HOH J 4 .   ? -6.780  17.581  -9.182  1.00 25.76  ? 185 HOH A O   1 
HETATM 1281 O  O   . HOH J 4 .   ? 6.922   -6.631  -5.725  0.67 15.60  ? 186 HOH A O   1 
HETATM 1282 O  O   . HOH J 4 .   ? -11.717 -0.091  -18.486 1.00 68.86  ? 187 HOH A O   1 
HETATM 1283 O  O   . HOH J 4 .   ? -11.369 16.797  -14.847 0.95 26.74  ? 188 HOH A O   1 
HETATM 1284 O  O   . HOH J 4 .   ? 1.538   -15.683 0.074   1.00 63.55  ? 189 HOH A O   1 
HETATM 1285 O  O   . HOH J 4 .   ? -7.564  3.402   -17.825 0.79 25.56  ? 190 HOH A O   1 
HETATM 1286 O  O   . HOH J 4 .   ? -13.411 -2.171  0.796   1.00 40.33  ? 191 HOH A O   1 
HETATM 1287 O  O   . HOH J 4 .   ? 1.691   -14.476 10.216  0.95 20.09  ? 192 HOH A O   1 
HETATM 1288 O  O   . HOH J 4 .   ? -1.298  -13.648 3.233   1.00 38.66  ? 193 HOH A O   1 
HETATM 1289 O  O   . HOH J 4 .   ? -10.405 6.623   3.981   0.99 58.32  ? 194 HOH A O   1 
HETATM 1290 O  O   . HOH J 4 .   ? 17.360  -1.604  -2.311  1.00 31.48  ? 195 HOH A O   1 
HETATM 1291 O  O   . HOH J 4 .   ? 3.006   -3.680  14.710  0.74 17.99  ? 196 HOH A O   1 
HETATM 1292 O  O   . HOH J 4 .   ? -3.391  -10.544 -14.944 1.00 66.32  ? 197 HOH A O   1 
HETATM 1293 O  O   . HOH J 4 .   ? 22.877  2.603   5.064   0.59 34.98  ? 198 HOH A O   1 
HETATM 1294 O  O   . HOH J 4 .   ? -19.729 7.719   -11.904 0.56 20.67  ? 199 HOH A O   1 
HETATM 1295 O  O   . HOH J 4 .   ? -17.083 -3.513  -11.012 0.94 51.17  ? 200 HOH A O   1 
HETATM 1296 O  O   . HOH J 4 .   ? -22.282 1.822   -8.309  0.83 41.68  ? 201 HOH A O   1 
HETATM 1297 O  O   . HOH J 4 .   ? -19.827 1.087   -5.241  1.00 59.21  ? 202 HOH A O   1 
HETATM 1298 O  O   . HOH J 4 .   ? 1.316   -1.826  19.794  1.00 47.56  ? 203 HOH A O   1 
HETATM 1299 O  O   . HOH J 4 .   ? 1.420   1.494   13.527  1.00 57.24  ? 204 HOH A O   1 
HETATM 1300 O  O   . HOH J 4 .   ? -3.391  9.015   -16.507 1.00 20.86  ? 205 HOH A O   1 
HETATM 1301 O  O   . HOH J 4 .   ? -17.233 5.711   -13.641 0.95 47.37  ? 206 HOH A O   1 
HETATM 1302 O  O   . HOH J 4 .   ? -11.540 -8.833  0.550   1.00 41.10  ? 207 HOH A O   1 
HETATM 1303 O  O   . HOH J 4 .   ? -10.659 -1.943  16.002  1.00 41.58  ? 208 HOH A O   1 
HETATM 1304 O  O   . HOH J 4 .   ? 10.885  -13.931 -0.276  0.92 36.43  ? 209 HOH A O   1 
HETATM 1305 O  O   . HOH J 4 .   ? -2.984  -15.154 1.122   1.00 46.90  ? 210 HOH A O   1 
HETATM 1306 O  O   . HOH J 4 .   ? -17.945 -7.500  6.892   1.00 82.34  ? 211 HOH A O   1 
HETATM 1307 O  O   . HOH J 4 .   ? 2.883   4.897   1.742   1.00 56.75  ? 212 HOH A O   1 
HETATM 1308 O  O   . HOH J 4 .   ? 12.068  -14.605 12.165  0.98 65.62  ? 213 HOH A O   1 
HETATM 1309 O  O   . HOH J 4 .   ? -8.862  0.148   -18.702 1.00 58.64  ? 214 HOH A O   1 
HETATM 1310 O  O   . HOH J 4 .   ? 2.464   3.153   -3.189  1.00 45.88  ? 215 HOH A O   1 
HETATM 1311 O  O   . HOH J 4 .   ? 2.712   1.305   0.322   1.00 51.66  ? 216 HOH A O   1 
HETATM 1312 O  O   . HOH J 4 .   ? 1.523   -1.658  -1.710  1.00 48.04  ? 217 HOH A O   1 
HETATM 1313 O  O   . HOH J 4 .   ? 1.066   -0.949  2.350   1.00 37.23  ? 218 HOH A O   1 
HETATM 1314 O  O   . HOH J 4 .   ? 0.149   2.066   4.364   1.00 48.41  ? 219 HOH A O   1 
HETATM 1315 O  O   . HOH J 4 .   ? -1.696  3.971   5.156   0.93 55.80  ? 220 HOH A O   1 
HETATM 1316 O  O   . HOH J 4 .   ? -11.309 12.901  -15.173 0.50 7.77   ? 221 HOH A O   1 
HETATM 1317 O  O   . HOH J 4 .   ? 0.967   3.507   -17.361 1.00 39.47  ? 222 HOH A O   1 
# 
